data_6I3S
# 
_entry.id   6I3S 
# 
_audit_conform.dict_name       mmcif_pdbx.dic 
_audit_conform.dict_version    5.392 
_audit_conform.dict_location   http://mmcif.pdb.org/dictionaries/ascii/mmcif_pdbx.dic 
# 
loop_
_database_2.database_id 
_database_2.database_code 
_database_2.pdbx_database_accession 
_database_2.pdbx_DOI 
PDB   6I3S         pdb_00006i3s 10.2210/pdb6i3s/pdb 
WWPDB D_1200012776 ?            ?                   
# 
loop_
_pdbx_audit_revision_history.ordinal 
_pdbx_audit_revision_history.data_content_type 
_pdbx_audit_revision_history.major_revision 
_pdbx_audit_revision_history.minor_revision 
_pdbx_audit_revision_history.revision_date 
1 'Structure model' 1 0 2018-12-19 
2 'Structure model' 1 1 2018-12-26 
3 'Structure model' 1 2 2019-01-16 
4 'Structure model' 1 3 2019-03-06 
5 'Structure model' 1 4 2024-05-15 
# 
_pdbx_audit_revision_details.ordinal             1 
_pdbx_audit_revision_details.revision_ordinal    1 
_pdbx_audit_revision_details.data_content_type   'Structure model' 
_pdbx_audit_revision_details.provider            repository 
_pdbx_audit_revision_details.type                'Initial release' 
_pdbx_audit_revision_details.description         ? 
_pdbx_audit_revision_details.details             ? 
# 
loop_
_pdbx_audit_revision_group.ordinal 
_pdbx_audit_revision_group.revision_ordinal 
_pdbx_audit_revision_group.data_content_type 
_pdbx_audit_revision_group.group 
1 2 'Structure model' 'Data collection'     
2 2 'Structure model' 'Database references' 
3 3 'Structure model' 'Data collection'     
4 3 'Structure model' 'Database references' 
5 4 'Structure model' 'Data collection'     
6 5 'Structure model' Advisory              
7 5 'Structure model' 'Data collection'     
8 5 'Structure model' 'Database references' 
# 
loop_
_pdbx_audit_revision_category.ordinal 
_pdbx_audit_revision_category.revision_ordinal 
_pdbx_audit_revision_category.data_content_type 
_pdbx_audit_revision_category.category 
1  2 'Structure model' citation                     
2  2 'Structure model' citation_author              
3  3 'Structure model' citation                     
4  3 'Structure model' citation_author              
5  3 'Structure model' pdbx_database_proc           
6  4 'Structure model' database_PDB_remark          
7  4 'Structure model' reflns                       
8  4 'Structure model' reflns_shell                 
9  5 'Structure model' chem_comp_atom               
10 5 'Structure model' chem_comp_bond               
11 5 'Structure model' database_2                   
12 5 'Structure model' pdbx_unobs_or_zero_occ_atoms 
# 
loop_
_pdbx_audit_revision_item.ordinal 
_pdbx_audit_revision_item.revision_ordinal 
_pdbx_audit_revision_item.data_content_type 
_pdbx_audit_revision_item.item 
1  2 'Structure model' '_citation.title'                     
2  2 'Structure model' '_citation_author.identifier_ORCID'   
3  2 'Structure model' '_citation_author.name'               
4  3 'Structure model' '_citation.journal_volume'            
5  3 'Structure model' '_citation.page_first'                
6  3 'Structure model' '_citation.page_last'                 
7  3 'Structure model' '_citation.year'                      
8  3 'Structure model' '_citation_author.identifier_ORCID'   
9  4 'Structure model' '_database_PDB_remark.text'           
10 4 'Structure model' '_reflns.pdbx_Rmerge_I_obs'           
11 4 'Structure model' '_reflns_shell.Rmerge_I_obs'          
12 5 'Structure model' '_database_2.pdbx_DOI'                
13 5 'Structure model' '_database_2.pdbx_database_accession' 
# 
_pdbx_database_status.status_code                     REL 
_pdbx_database_status.status_code_sf                  REL 
_pdbx_database_status.status_code_mr                  ? 
_pdbx_database_status.entry_id                        6I3S 
_pdbx_database_status.recvd_initial_deposition_date   2018-11-07 
_pdbx_database_status.SG_entry                        N 
_pdbx_database_status.deposit_site                    PDBE 
_pdbx_database_status.process_site                    PDBE 
_pdbx_database_status.status_code_cs                  ? 
_pdbx_database_status.methods_development_category    ? 
_pdbx_database_status.pdb_format_compatible           Y 
_pdbx_database_status.status_code_nmr_data            ? 
# 
loop_
_audit_author.name 
_audit_author.pdbx_ordinal 
_audit_author.identifier_ORCID 
'Bader, G.'   1 0000-0002-8410-3415 
'Kessler, D.' 2 0000-0001-6808-9011 
# 
_citation.abstract                  ? 
_citation.abstract_id_CAS           ? 
_citation.book_id_ISBN              ? 
_citation.book_publisher            ? 
_citation.book_publisher_city       ? 
_citation.book_title                ? 
_citation.coordinate_linkage        ? 
_citation.country                   DE 
_citation.database_id_Medline       ? 
_citation.details                   ? 
_citation.id                        primary 
_citation.journal_abbrev            ChemMedChem 
_citation.journal_id_ASTM           ? 
_citation.journal_id_CSD            ? 
_citation.journal_id_ISSN           1860-7187 
_citation.journal_full              ? 
_citation.journal_issue             ? 
_citation.journal_volume            14 
_citation.language                  ? 
_citation.page_first                88 
_citation.page_last                 93 
_citation.title                     
;Targeted Synthesis of Complex Spiro[3H-indole-3,2'-pyrrolidin]-2(1H)-ones by Intramolecular Cyclization of Azomethine Ylides: Highly Potent MDM2-p53 Inhibitors.
;
_citation.year                      2019 
_citation.database_id_CSD           ? 
_citation.pdbx_database_id_DOI      10.1002/cmdc.201800617 
_citation.pdbx_database_id_PubMed   30458062 
_citation.unpublished_flag          ? 
# 
loop_
_citation_author.citation_id 
_citation_author.name 
_citation_author.ordinal 
_citation_author.identifier_ORCID 
primary 'Gollner, A.'         1  ? 
primary 'Weinstabl, H.'       2  ? 
primary 'Fuchs, J.E.'         3  ? 
primary 'Rudolph, D.'         4  ? 
primary 'Garavel, G.'         5  ? 
primary 'Hofbauer, K.S.'      6  ? 
primary 'Karolyi-Oezguer, J.' 7  ? 
primary 'Gmaschitz, G.'       8  ? 
primary 'Hela, W.'            9  ? 
primary 'Kerres, N.'          10 ? 
primary 'Grondal, E.'         11 ? 
primary 'Werni, P.'           12 ? 
primary 'Ramharter, J.'       13 ? 
primary 'Broeker, J.'         14 ? 
primary 'McConnell, D.B.'     15 ? 
# 
loop_
_entity.id 
_entity.type 
_entity.src_method 
_entity.pdbx_description 
_entity.formula_weight 
_entity.pdbx_number_of_molecules 
_entity.pdbx_ec 
_entity.pdbx_mutation 
_entity.pdbx_fragment 
_entity.details 
1 polymer     man 'E3 ubiquitin-protein ligase Mdm2' 11011.923 1  2.3.2.27 ? ? ? 
2 non-polymer syn 
;(3~{S},3'~{R},3'~{a}~{S},6'~{a}~{R})-6-chloranyl-3'-(3-chloranyl-2-fluoranyl-phenyl)-1'-(cyclopropylmethyl)spiro[1~{H}-indole-3,2'-3~{a},6~{a}-dihydro-3~{H}-pyrrolo[3,4-b]pyrrole]-2,4'-dione
;
458.312   1  ?        ? ? ? 
3 non-polymer syn GLYCEROL 92.094    1  ?        ? ? ? 
4 non-polymer syn 'SULFATE ION' 96.063    2  ?        ? ? ? 
5 water       nat water 18.015    47 ?        ? ? ? 
# 
_entity_name_com.entity_id   1 
_entity_name_com.name        
'Double minute 2 protein,Hdm2,Oncoprotein Mdm2,RING-type E3 ubiquitin transferase Mdm2,p53-binding protein Mdm2' 
# 
_entity_poly.entity_id                      1 
_entity_poly.type                           'polypeptide(L)' 
_entity_poly.nstd_linkage                   no 
_entity_poly.nstd_monomer                   no 
_entity_poly.pdbx_seq_one_letter_code       
;QIPASEQETLVRPKPLLLKLLKSVGAQKDTYTMKEVLFYLGQYIMTKRLYDEKQQHIVYCSNDLLGDLFGVPSFSVKEHR
KIYTMIYRNLVVVN
;
_entity_poly.pdbx_seq_one_letter_code_can   
;QIPASEQETLVRPKPLLLKLLKSVGAQKDTYTMKEVLFYLGQYIMTKRLYDEKQQHIVYCSNDLLGDLFGVPSFSVKEHR
KIYTMIYRNLVVVN
;
_entity_poly.pdbx_strand_id                 A 
_entity_poly.pdbx_target_identifier         ? 
# 
loop_
_pdbx_entity_nonpoly.entity_id 
_pdbx_entity_nonpoly.name 
_pdbx_entity_nonpoly.comp_id 
2 
;(3~{S},3'~{R},3'~{a}~{S},6'~{a}~{R})-6-chloranyl-3'-(3-chloranyl-2-fluoranyl-phenyl)-1'-(cyclopropylmethyl)spiro[1~{H}-indole-3,2'-3~{a},6~{a}-dihydro-3~{H}-pyrrolo[3,4-b]pyrrole]-2,4'-dione
;
H28 
3 GLYCEROL GOL 
4 'SULFATE ION' SO4 
5 water HOH 
# 
loop_
_entity_poly_seq.entity_id 
_entity_poly_seq.num 
_entity_poly_seq.mon_id 
_entity_poly_seq.hetero 
1 1  GLN n 
1 2  ILE n 
1 3  PRO n 
1 4  ALA n 
1 5  SER n 
1 6  GLU n 
1 7  GLN n 
1 8  GLU n 
1 9  THR n 
1 10 LEU n 
1 11 VAL n 
1 12 ARG n 
1 13 PRO n 
1 14 LYS n 
1 15 PRO n 
1 16 LEU n 
1 17 LEU n 
1 18 LEU n 
1 19 LYS n 
1 20 LEU n 
1 21 LEU n 
1 22 LYS n 
1 23 SER n 
1 24 VAL n 
1 25 GLY n 
1 26 ALA n 
1 27 GLN n 
1 28 LYS n 
1 29 ASP n 
1 30 THR n 
1 31 TYR n 
1 32 THR n 
1 33 MET n 
1 34 LYS n 
1 35 GLU n 
1 36 VAL n 
1 37 LEU n 
1 38 PHE n 
1 39 TYR n 
1 40 LEU n 
1 41 GLY n 
1 42 GLN n 
1 43 TYR n 
1 44 ILE n 
1 45 MET n 
1 46 THR n 
1 47 LYS n 
1 48 ARG n 
1 49 LEU n 
1 50 TYR n 
1 51 ASP n 
1 52 GLU n 
1 53 LYS n 
1 54 GLN n 
1 55 GLN n 
1 56 HIS n 
1 57 ILE n 
1 58 VAL n 
1 59 TYR n 
1 60 CYS n 
1 61 SER n 
1 62 ASN n 
1 63 ASP n 
1 64 LEU n 
1 65 LEU n 
1 66 GLY n 
1 67 ASP n 
1 68 LEU n 
1 69 PHE n 
1 70 GLY n 
1 71 VAL n 
1 72 PRO n 
1 73 SER n 
1 74 PHE n 
1 75 SER n 
1 76 VAL n 
1 77 LYS n 
1 78 GLU n 
1 79 HIS n 
1 80 ARG n 
1 81 LYS n 
1 82 ILE n 
1 83 TYR n 
1 84 THR n 
1 85 MET n 
1 86 ILE n 
1 87 TYR n 
1 88 ARG n 
1 89 ASN n 
1 90 LEU n 
1 91 VAL n 
1 92 VAL n 
1 93 VAL n 
1 94 ASN n 
# 
_entity_src_gen.entity_id                          1 
_entity_src_gen.pdbx_src_id                        1 
_entity_src_gen.pdbx_alt_source_flag               sample 
_entity_src_gen.pdbx_seq_type                      'Biological sequence' 
_entity_src_gen.pdbx_beg_seq_num                   1 
_entity_src_gen.pdbx_end_seq_num                   94 
_entity_src_gen.gene_src_common_name               Human 
_entity_src_gen.gene_src_genus                     ? 
_entity_src_gen.pdbx_gene_src_gene                 MDM2 
_entity_src_gen.gene_src_species                   ? 
_entity_src_gen.gene_src_strain                    ? 
_entity_src_gen.gene_src_tissue                    ? 
_entity_src_gen.gene_src_tissue_fraction           ? 
_entity_src_gen.gene_src_details                   ? 
_entity_src_gen.pdbx_gene_src_fragment             ? 
_entity_src_gen.pdbx_gene_src_scientific_name      'Homo sapiens' 
_entity_src_gen.pdbx_gene_src_ncbi_taxonomy_id     9606 
_entity_src_gen.pdbx_gene_src_variant              ? 
_entity_src_gen.pdbx_gene_src_cell_line            ? 
_entity_src_gen.pdbx_gene_src_atcc                 ? 
_entity_src_gen.pdbx_gene_src_organ                ? 
_entity_src_gen.pdbx_gene_src_organelle            ? 
_entity_src_gen.pdbx_gene_src_cell                 ? 
_entity_src_gen.pdbx_gene_src_cellular_location    ? 
_entity_src_gen.host_org_common_name               ? 
_entity_src_gen.pdbx_host_org_scientific_name      'Escherichia coli' 
_entity_src_gen.pdbx_host_org_ncbi_taxonomy_id     562 
_entity_src_gen.host_org_genus                     ? 
_entity_src_gen.pdbx_host_org_gene                 ? 
_entity_src_gen.pdbx_host_org_organ                ? 
_entity_src_gen.host_org_species                   ? 
_entity_src_gen.pdbx_host_org_tissue               ? 
_entity_src_gen.pdbx_host_org_tissue_fraction      ? 
_entity_src_gen.pdbx_host_org_strain               ? 
_entity_src_gen.pdbx_host_org_variant              ? 
_entity_src_gen.pdbx_host_org_cell_line            ? 
_entity_src_gen.pdbx_host_org_atcc                 ? 
_entity_src_gen.pdbx_host_org_culture_collection   ? 
_entity_src_gen.pdbx_host_org_cell                 ? 
_entity_src_gen.pdbx_host_org_organelle            ? 
_entity_src_gen.pdbx_host_org_cellular_location    ? 
_entity_src_gen.pdbx_host_org_vector_type          ? 
_entity_src_gen.pdbx_host_org_vector               ? 
_entity_src_gen.host_org_details                   ? 
_entity_src_gen.expression_system_id               ? 
_entity_src_gen.plasmid_name                       ? 
_entity_src_gen.plasmid_details                    ? 
_entity_src_gen.pdbx_description                   ? 
# 
loop_
_chem_comp.id 
_chem_comp.type 
_chem_comp.mon_nstd_flag 
_chem_comp.name 
_chem_comp.pdbx_synonyms 
_chem_comp.formula 
_chem_comp.formula_weight 
ALA 'L-peptide linking' y ALANINE ?                               'C3 H7 N O2'          89.093  
ARG 'L-peptide linking' y ARGININE ?                               'C6 H15 N4 O2 1'      175.209 
ASN 'L-peptide linking' y ASPARAGINE ?                               'C4 H8 N2 O3'         132.118 
ASP 'L-peptide linking' y 'ASPARTIC ACID' ?                               'C4 H7 N O4'          133.103 
CYS 'L-peptide linking' y CYSTEINE ?                               'C3 H7 N O2 S'        121.158 
GLN 'L-peptide linking' y GLUTAMINE ?                               'C5 H10 N2 O3'        146.144 
GLU 'L-peptide linking' y 'GLUTAMIC ACID' ?                               'C5 H9 N O4'          147.129 
GLY 'peptide linking'   y GLYCINE ?                               'C2 H5 N O2'          75.067  
GOL non-polymer         . GLYCEROL 'GLYCERIN; PROPANE-1,2,3-TRIOL' 'C3 H8 O3'            92.094  
H28 non-polymer         . 
;(3~{S},3'~{R},3'~{a}~{S},6'~{a}~{R})-6-chloranyl-3'-(3-chloranyl-2-fluoranyl-phenyl)-1'-(cyclopropylmethyl)spiro[1~{H}-indole-3,2'-3~{a},6~{a}-dihydro-3~{H}-pyrrolo[3,4-b]pyrrole]-2,4'-dione
;
?                               'C23 H18 Cl2 F N3 O2' 458.312 
HIS 'L-peptide linking' y HISTIDINE ?                               'C6 H10 N3 O2 1'      156.162 
HOH non-polymer         . WATER ?                               'H2 O'                18.015  
ILE 'L-peptide linking' y ISOLEUCINE ?                               'C6 H13 N O2'         131.173 
LEU 'L-peptide linking' y LEUCINE ?                               'C6 H13 N O2'         131.173 
LYS 'L-peptide linking' y LYSINE ?                               'C6 H15 N2 O2 1'      147.195 
MET 'L-peptide linking' y METHIONINE ?                               'C5 H11 N O2 S'       149.211 
PHE 'L-peptide linking' y PHENYLALANINE ?                               'C9 H11 N O2'         165.189 
PRO 'L-peptide linking' y PROLINE ?                               'C5 H9 N O2'          115.130 
SER 'L-peptide linking' y SERINE ?                               'C3 H7 N O3'          105.093 
SO4 non-polymer         . 'SULFATE ION' ?                               'O4 S -2'             96.063  
THR 'L-peptide linking' y THREONINE ?                               'C4 H9 N O3'          119.119 
TYR 'L-peptide linking' y TYROSINE ?                               'C9 H11 N O3'         181.189 
VAL 'L-peptide linking' y VALINE ?                               'C5 H11 N O2'         117.146 
# 
loop_
_pdbx_poly_seq_scheme.asym_id 
_pdbx_poly_seq_scheme.entity_id 
_pdbx_poly_seq_scheme.seq_id 
_pdbx_poly_seq_scheme.mon_id 
_pdbx_poly_seq_scheme.ndb_seq_num 
_pdbx_poly_seq_scheme.pdb_seq_num 
_pdbx_poly_seq_scheme.auth_seq_num 
_pdbx_poly_seq_scheme.pdb_mon_id 
_pdbx_poly_seq_scheme.auth_mon_id 
_pdbx_poly_seq_scheme.pdb_strand_id 
_pdbx_poly_seq_scheme.pdb_ins_code 
_pdbx_poly_seq_scheme.hetero 
A 1 1  GLN 1  18  18  GLN GLN A . n 
A 1 2  ILE 2  19  19  ILE ILE A . n 
A 1 3  PRO 3  20  20  PRO PRO A . n 
A 1 4  ALA 4  21  21  ALA ALA A . n 
A 1 5  SER 5  22  22  SER SER A . n 
A 1 6  GLU 6  23  23  GLU GLU A . n 
A 1 7  GLN 7  24  24  GLN GLN A . n 
A 1 8  GLU 8  25  25  GLU GLU A . n 
A 1 9  THR 9  26  26  THR THR A . n 
A 1 10 LEU 10 27  27  LEU LEU A . n 
A 1 11 VAL 11 28  28  VAL VAL A . n 
A 1 12 ARG 12 29  29  ARG ARG A . n 
A 1 13 PRO 13 30  30  PRO PRO A . n 
A 1 14 LYS 14 31  31  LYS LYS A . n 
A 1 15 PRO 15 32  32  PRO PRO A . n 
A 1 16 LEU 16 33  33  LEU LEU A . n 
A 1 17 LEU 17 34  34  LEU LEU A . n 
A 1 18 LEU 18 35  35  LEU LEU A . n 
A 1 19 LYS 19 36  36  LYS LYS A . n 
A 1 20 LEU 20 37  37  LEU LEU A . n 
A 1 21 LEU 21 38  38  LEU LEU A . n 
A 1 22 LYS 22 39  39  LYS LYS A . n 
A 1 23 SER 23 40  40  SER SER A . n 
A 1 24 VAL 24 41  41  VAL VAL A . n 
A 1 25 GLY 25 42  42  GLY GLY A . n 
A 1 26 ALA 26 43  43  ALA ALA A . n 
A 1 27 GLN 27 44  44  GLN GLN A . n 
A 1 28 LYS 28 45  45  LYS LYS A . n 
A 1 29 ASP 29 46  46  ASP ASP A . n 
A 1 30 THR 30 47  47  THR THR A . n 
A 1 31 TYR 31 48  48  TYR TYR A . n 
A 1 32 THR 32 49  49  THR THR A . n 
A 1 33 MET 33 50  50  MET MET A . n 
A 1 34 LYS 34 51  51  LYS LYS A . n 
A 1 35 GLU 35 52  52  GLU GLU A . n 
A 1 36 VAL 36 53  53  VAL VAL A . n 
A 1 37 LEU 37 54  54  LEU LEU A . n 
A 1 38 PHE 38 55  55  PHE PHE A . n 
A 1 39 TYR 39 56  56  TYR TYR A . n 
A 1 40 LEU 40 57  57  LEU LEU A . n 
A 1 41 GLY 41 58  58  GLY GLY A . n 
A 1 42 GLN 42 59  59  GLN GLN A . n 
A 1 43 TYR 43 60  60  TYR TYR A . n 
A 1 44 ILE 44 61  61  ILE ILE A . n 
A 1 45 MET 45 62  62  MET MET A . n 
A 1 46 THR 46 63  63  THR THR A . n 
A 1 47 LYS 47 64  64  LYS LYS A . n 
A 1 48 ARG 48 65  65  ARG ARG A . n 
A 1 49 LEU 49 66  66  LEU LEU A . n 
A 1 50 TYR 50 67  67  TYR TYR A . n 
A 1 51 ASP 51 68  68  ASP ASP A . n 
A 1 52 GLU 52 69  69  GLU GLU A . n 
A 1 53 LYS 53 70  70  LYS LYS A . n 
A 1 54 GLN 54 71  71  GLN GLN A . n 
A 1 55 GLN 55 72  72  GLN GLN A . n 
A 1 56 HIS 56 73  73  HIS HIS A . n 
A 1 57 ILE 57 74  74  ILE ILE A . n 
A 1 58 VAL 58 75  75  VAL VAL A . n 
A 1 59 TYR 59 76  76  TYR TYR A . n 
A 1 60 CYS 60 77  77  CYS CYS A . n 
A 1 61 SER 61 78  78  SER SER A . n 
A 1 62 ASN 62 79  79  ASN ASN A . n 
A 1 63 ASP 63 80  80  ASP ASP A . n 
A 1 64 LEU 64 81  81  LEU LEU A . n 
A 1 65 LEU 65 82  82  LEU LEU A . n 
A 1 66 GLY 66 83  83  GLY GLY A . n 
A 1 67 ASP 67 84  84  ASP ASP A . n 
A 1 68 LEU 68 85  85  LEU LEU A . n 
A 1 69 PHE 69 86  86  PHE PHE A . n 
A 1 70 GLY 70 87  87  GLY GLY A . n 
A 1 71 VAL 71 88  88  VAL VAL A . n 
A 1 72 PRO 72 89  89  PRO PRO A . n 
A 1 73 SER 73 90  90  SER SER A . n 
A 1 74 PHE 74 91  91  PHE PHE A . n 
A 1 75 SER 75 92  92  SER SER A . n 
A 1 76 VAL 76 93  93  VAL VAL A . n 
A 1 77 LYS 77 94  94  LYS LYS A . n 
A 1 78 GLU 78 95  95  GLU GLU A . n 
A 1 79 HIS 79 96  96  HIS HIS A . n 
A 1 80 ARG 80 97  97  ARG ARG A . n 
A 1 81 LYS 81 98  98  LYS LYS A . n 
A 1 82 ILE 82 99  99  ILE ILE A . n 
A 1 83 TYR 83 100 100 TYR TYR A . n 
A 1 84 THR 84 101 101 THR THR A . n 
A 1 85 MET 85 102 102 MET MET A . n 
A 1 86 ILE 86 103 103 ILE ILE A . n 
A 1 87 TYR 87 104 104 TYR TYR A . n 
A 1 88 ARG 88 105 105 ARG ARG A . n 
A 1 89 ASN 89 106 106 ASN ASN A . n 
A 1 90 LEU 90 107 107 LEU LEU A . n 
A 1 91 VAL 91 108 108 VAL VAL A . n 
A 1 92 VAL 92 109 109 VAL VAL A . n 
A 1 93 VAL 93 110 110 VAL VAL A . n 
A 1 94 ASN 94 111 111 ASN ASN A . n 
# 
loop_
_pdbx_nonpoly_scheme.asym_id 
_pdbx_nonpoly_scheme.entity_id 
_pdbx_nonpoly_scheme.mon_id 
_pdbx_nonpoly_scheme.ndb_seq_num 
_pdbx_nonpoly_scheme.pdb_seq_num 
_pdbx_nonpoly_scheme.auth_seq_num 
_pdbx_nonpoly_scheme.pdb_mon_id 
_pdbx_nonpoly_scheme.auth_mon_id 
_pdbx_nonpoly_scheme.pdb_strand_id 
_pdbx_nonpoly_scheme.pdb_ins_code 
B 2 H28 1  201 1  H28 LIG A . 
C 3 GOL 1  202 1  GOL GOL A . 
D 4 SO4 1  203 2  SO4 SO4 A . 
E 4 SO4 1  204 3  SO4 SO4 A . 
F 5 HOH 1  301 36 HOH HOH A . 
F 5 HOH 2  302 22 HOH HOH A . 
F 5 HOH 3  303 7  HOH HOH A . 
F 5 HOH 4  304 23 HOH HOH A . 
F 5 HOH 5  305 14 HOH HOH A . 
F 5 HOH 6  306 39 HOH HOH A . 
F 5 HOH 7  307 19 HOH HOH A . 
F 5 HOH 8  308 6  HOH HOH A . 
F 5 HOH 9  309 32 HOH HOH A . 
F 5 HOH 10 310 30 HOH HOH A . 
F 5 HOH 11 311 51 HOH HOH A . 
F 5 HOH 12 312 34 HOH HOH A . 
F 5 HOH 13 313 16 HOH HOH A . 
F 5 HOH 14 314 3  HOH HOH A . 
F 5 HOH 15 315 2  HOH HOH A . 
F 5 HOH 16 316 20 HOH HOH A . 
F 5 HOH 17 317 44 HOH HOH A . 
F 5 HOH 18 318 50 HOH HOH A . 
F 5 HOH 19 319 41 HOH HOH A . 
F 5 HOH 20 320 27 HOH HOH A . 
F 5 HOH 21 321 9  HOH HOH A . 
F 5 HOH 22 322 53 HOH HOH A . 
F 5 HOH 23 323 47 HOH HOH A . 
F 5 HOH 24 324 35 HOH HOH A . 
F 5 HOH 25 325 26 HOH HOH A . 
F 5 HOH 26 326 15 HOH HOH A . 
F 5 HOH 27 327 28 HOH HOH A . 
F 5 HOH 28 328 24 HOH HOH A . 
F 5 HOH 29 329 45 HOH HOH A . 
F 5 HOH 30 330 8  HOH HOH A . 
F 5 HOH 31 331 5  HOH HOH A . 
F 5 HOH 32 332 43 HOH HOH A . 
F 5 HOH 33 333 46 HOH HOH A . 
F 5 HOH 34 334 13 HOH HOH A . 
F 5 HOH 35 335 38 HOH HOH A . 
F 5 HOH 36 336 17 HOH HOH A . 
F 5 HOH 37 337 11 HOH HOH A . 
F 5 HOH 38 338 10 HOH HOH A . 
F 5 HOH 39 339 52 HOH HOH A . 
F 5 HOH 40 340 12 HOH HOH A . 
F 5 HOH 41 341 40 HOH HOH A . 
F 5 HOH 42 342 42 HOH HOH A . 
F 5 HOH 43 343 48 HOH HOH A . 
F 5 HOH 44 344 25 HOH HOH A . 
F 5 HOH 45 345 49 HOH HOH A . 
F 5 HOH 46 346 33 HOH HOH A . 
F 5 HOH 47 347 37 HOH HOH A . 
# 
loop_
_pdbx_unobs_or_zero_occ_atoms.id 
_pdbx_unobs_or_zero_occ_atoms.PDB_model_num 
_pdbx_unobs_or_zero_occ_atoms.polymer_flag 
_pdbx_unobs_or_zero_occ_atoms.occupancy_flag 
_pdbx_unobs_or_zero_occ_atoms.auth_asym_id 
_pdbx_unobs_or_zero_occ_atoms.auth_comp_id 
_pdbx_unobs_or_zero_occ_atoms.auth_seq_id 
_pdbx_unobs_or_zero_occ_atoms.PDB_ins_code 
_pdbx_unobs_or_zero_occ_atoms.auth_atom_id 
_pdbx_unobs_or_zero_occ_atoms.label_alt_id 
_pdbx_unobs_or_zero_occ_atoms.label_asym_id 
_pdbx_unobs_or_zero_occ_atoms.label_comp_id 
_pdbx_unobs_or_zero_occ_atoms.label_seq_id 
_pdbx_unobs_or_zero_occ_atoms.label_atom_id 
1  1 Y 0 A GLU 69 ? CG  ? A GLU 52 CG  
2  1 Y 0 A GLU 69 ? CD  ? A GLU 52 CD  
3  1 Y 0 A GLU 69 ? OE1 ? A GLU 52 OE1 
4  1 Y 0 A GLU 69 ? OE2 ? A GLU 52 OE2 
5  1 Y 0 A LYS 70 ? CD  ? A LYS 53 CD  
6  1 Y 0 A LYS 70 ? CE  ? A LYS 53 CE  
7  1 Y 0 A LYS 70 ? NZ  ? A LYS 53 NZ  
8  1 Y 0 A GLN 71 ? CG  ? A GLN 54 CG  
9  1 Y 0 A GLN 71 ? CD  ? A GLN 54 CD  
10 1 Y 0 A GLN 71 ? OE1 ? A GLN 54 OE1 
11 1 Y 0 A GLN 71 ? NE2 ? A GLN 54 NE2 
12 1 Y 0 A LYS 94 ? CE  ? A LYS 77 CE  
13 1 Y 0 A LYS 94 ? NZ  ? A LYS 77 NZ  
14 1 Y 0 A LYS 98 ? CE  ? A LYS 81 CE  
15 1 Y 0 A LYS 98 ? NZ  ? A LYS 81 NZ  
# 
loop_
_software.citation_id 
_software.classification 
_software.compiler_name 
_software.compiler_version 
_software.contact_author 
_software.contact_author_email 
_software.date 
_software.description 
_software.dependencies 
_software.hardware 
_software.language 
_software.location 
_software.mods 
_software.name 
_software.os 
_software.os_version 
_software.type 
_software.version 
_software.pdbx_ordinal 
? refinement        ? ? ? ? ? ? ? ? ? ? ? REFMAC      ? ? ? 5.6.0117 1 
? 'data extraction' ? ? ? ? ? ? ? ? ? ? ? PDB_EXTRACT ? ? ? 3.24     2 
? 'data reduction'  ? ? ? ? ? ? ? ? ? ? ? XDS         ? ? ? .        3 
? 'data scaling'    ? ? ? ? ? ? ? ? ? ? ? XSCALE      ? ? ? .        4 
? phasing           ? ? ? ? ? ? ? ? ? ? ? PHASER      ? ? ? .        5 
# 
_cell.angle_alpha                  90.000 
_cell.angle_alpha_esd              ? 
_cell.angle_beta                   90.000 
_cell.angle_beta_esd               ? 
_cell.angle_gamma                  120.000 
_cell.angle_gamma_esd              ? 
_cell.entry_id                     6I3S 
_cell.details                      ? 
_cell.formula_units_Z              ? 
_cell.length_a                     56.064 
_cell.length_a_esd                 ? 
_cell.length_b                     56.064 
_cell.length_b_esd                 ? 
_cell.length_c                     105.119 
_cell.length_c_esd                 ? 
_cell.volume                       ? 
_cell.volume_esd                   ? 
_cell.Z_PDB                        12 
_cell.reciprocal_angle_alpha       ? 
_cell.reciprocal_angle_beta        ? 
_cell.reciprocal_angle_gamma       ? 
_cell.reciprocal_angle_alpha_esd   ? 
_cell.reciprocal_angle_beta_esd    ? 
_cell.reciprocal_angle_gamma_esd   ? 
_cell.reciprocal_length_a          ? 
_cell.reciprocal_length_b          ? 
_cell.reciprocal_length_c          ? 
_cell.reciprocal_length_a_esd      ? 
_cell.reciprocal_length_b_esd      ? 
_cell.reciprocal_length_c_esd      ? 
_cell.pdbx_unique_axis             ? 
# 
_symmetry.entry_id                         6I3S 
_symmetry.cell_setting                     ? 
_symmetry.Int_Tables_number                178 
_symmetry.space_group_name_Hall            ? 
_symmetry.space_group_name_H-M             'P 61 2 2' 
_symmetry.pdbx_full_space_group_name_H-M   ? 
# 
_exptl.absorpt_coefficient_mu     ? 
_exptl.absorpt_correction_T_max   ? 
_exptl.absorpt_correction_T_min   ? 
_exptl.absorpt_correction_type    ? 
_exptl.absorpt_process_details    ? 
_exptl.entry_id                   6I3S 
_exptl.crystals_number            1 
_exptl.details                    ? 
_exptl.method                     'X-RAY DIFFRACTION' 
_exptl.method_details             ? 
# 
_exptl_crystal.colour                      ? 
_exptl_crystal.density_diffrn              ? 
_exptl_crystal.density_Matthews            2.250 
_exptl_crystal.density_method              ? 
_exptl_crystal.density_percent_sol         45.480 
_exptl_crystal.description                 ? 
_exptl_crystal.F_000                       ? 
_exptl_crystal.id                          1 
_exptl_crystal.preparation                 ? 
_exptl_crystal.size_max                    ? 
_exptl_crystal.size_mid                    ? 
_exptl_crystal.size_min                    ? 
_exptl_crystal.size_rad                    ? 
_exptl_crystal.colour_lustre               ? 
_exptl_crystal.colour_modifier             ? 
_exptl_crystal.colour_primary              ? 
_exptl_crystal.density_meas                ? 
_exptl_crystal.density_meas_esd            ? 
_exptl_crystal.density_meas_gt             ? 
_exptl_crystal.density_meas_lt             ? 
_exptl_crystal.density_meas_temp           ? 
_exptl_crystal.density_meas_temp_esd       ? 
_exptl_crystal.density_meas_temp_gt        ? 
_exptl_crystal.density_meas_temp_lt        ? 
_exptl_crystal.pdbx_crystal_image_url      ? 
_exptl_crystal.pdbx_crystal_image_format   ? 
_exptl_crystal.pdbx_mosaicity              ? 
_exptl_crystal.pdbx_mosaicity_esd          ? 
# 
_exptl_crystal_grow.apparatus       ? 
_exptl_crystal_grow.atmosphere      ? 
_exptl_crystal_grow.crystal_id      1 
_exptl_crystal_grow.details         ? 
_exptl_crystal_grow.method          'VAPOR DIFFUSION, HANGING DROP' 
_exptl_crystal_grow.method_ref      ? 
_exptl_crystal_grow.pH              4.5 
_exptl_crystal_grow.pressure        ? 
_exptl_crystal_grow.pressure_esd    ? 
_exptl_crystal_grow.seeding         ? 
_exptl_crystal_grow.seeding_ref     ? 
_exptl_crystal_grow.temp            293 
_exptl_crystal_grow.temp_details    ? 
_exptl_crystal_grow.temp_esd        ? 
_exptl_crystal_grow.time            ? 
_exptl_crystal_grow.pdbx_details    '2.10 M (NH4)2SO4, 0.10 M Na acetate' 
_exptl_crystal_grow.pdbx_pH_range   ? 
# 
_diffrn.ambient_environment              ? 
_diffrn.ambient_temp                     100.000 
_diffrn.ambient_temp_details             ? 
_diffrn.ambient_temp_esd                 ? 
_diffrn.crystal_id                       1 
_diffrn.crystal_support                  ? 
_diffrn.crystal_treatment                ? 
_diffrn.details                          ? 
_diffrn.id                               1 
_diffrn.ambient_pressure                 ? 
_diffrn.ambient_pressure_esd             ? 
_diffrn.ambient_pressure_gt              ? 
_diffrn.ambient_pressure_lt              ? 
_diffrn.ambient_temp_gt                  ? 
_diffrn.ambient_temp_lt                  ? 
_diffrn.pdbx_serial_crystal_experiment   N 
# 
_diffrn_detector.details                      ? 
_diffrn_detector.detector                     PIXEL 
_diffrn_detector.diffrn_id                    1 
_diffrn_detector.type                         'DECTRIS PILATUS3 6M' 
_diffrn_detector.area_resol_mean              ? 
_diffrn_detector.dtime                        ? 
_diffrn_detector.pdbx_frames_total            ? 
_diffrn_detector.pdbx_collection_time_total   ? 
_diffrn_detector.pdbx_collection_date         2013-12-05 
_diffrn_detector.pdbx_frequency               ? 
# 
_diffrn_radiation.collimation                      ? 
_diffrn_radiation.diffrn_id                        1 
_diffrn_radiation.filter_edge                      ? 
_diffrn_radiation.inhomogeneity                    ? 
_diffrn_radiation.monochromator                    ? 
_diffrn_radiation.polarisn_norm                    ? 
_diffrn_radiation.polarisn_ratio                   ? 
_diffrn_radiation.probe                            ? 
_diffrn_radiation.type                             ? 
_diffrn_radiation.xray_symbol                      ? 
_diffrn_radiation.wavelength_id                    1 
_diffrn_radiation.pdbx_monochromatic_or_laue_m_l   M 
_diffrn_radiation.pdbx_wavelength_list             ? 
_diffrn_radiation.pdbx_wavelength                  ? 
_diffrn_radiation.pdbx_diffrn_protocol             'SINGLE WAVELENGTH' 
_diffrn_radiation.pdbx_analyzer                    ? 
_diffrn_radiation.pdbx_scattering_type             x-ray 
# 
_diffrn_radiation_wavelength.id           1 
_diffrn_radiation_wavelength.wavelength   1.00000 
_diffrn_radiation_wavelength.wt           1.0 
# 
_diffrn_source.current                     ? 
_diffrn_source.details                     ? 
_diffrn_source.diffrn_id                   1 
_diffrn_source.power                       ? 
_diffrn_source.size                        ? 
_diffrn_source.source                      SYNCHROTRON 
_diffrn_source.target                      ? 
_diffrn_source.type                        'SLS BEAMLINE X06SA' 
_diffrn_source.voltage                     ? 
_diffrn_source.take-off_angle              ? 
_diffrn_source.pdbx_wavelength_list        1.00000 
_diffrn_source.pdbx_wavelength             ? 
_diffrn_source.pdbx_synchrotron_beamline   X06SA 
_diffrn_source.pdbx_synchrotron_site       SLS 
# 
_reflns.B_iso_Wilson_estimate            ? 
_reflns.entry_id                         6I3S 
_reflns.data_reduction_details           ? 
_reflns.data_reduction_method            ? 
_reflns.d_resolution_high                1.770 
_reflns.d_resolution_low                 48.550 
_reflns.details                          ? 
_reflns.limit_h_max                      ? 
_reflns.limit_h_min                      ? 
_reflns.limit_k_max                      ? 
_reflns.limit_k_min                      ? 
_reflns.limit_l_max                      ? 
_reflns.limit_l_min                      ? 
_reflns.number_all                       ? 
_reflns.number_obs                       9499 
_reflns.observed_criterion               ? 
_reflns.observed_criterion_F_max         ? 
_reflns.observed_criterion_F_min         ? 
_reflns.observed_criterion_I_max         ? 
_reflns.observed_criterion_I_min         ? 
_reflns.observed_criterion_sigma_F       ? 
_reflns.observed_criterion_sigma_I       ? 
_reflns.percent_possible_obs             98.600 
_reflns.R_free_details                   ? 
_reflns.Rmerge_F_all                     ? 
_reflns.Rmerge_F_obs                     ? 
_reflns.Friedel_coverage                 ? 
_reflns.number_gt                        ? 
_reflns.threshold_expression             ? 
_reflns.pdbx_redundancy                  23.100 
_reflns.pdbx_Rmerge_I_obs                0.096 
_reflns.pdbx_Rmerge_I_all                ? 
_reflns.pdbx_Rsym_value                  ? 
_reflns.pdbx_netI_over_av_sigmaI         ? 
_reflns.pdbx_netI_over_sigmaI            23.92 
_reflns.pdbx_res_netI_over_av_sigmaI_2   ? 
_reflns.pdbx_res_netI_over_sigmaI_2      ? 
_reflns.pdbx_chi_squared                 ? 
_reflns.pdbx_scaling_rejects             ? 
_reflns.pdbx_d_res_high_opt              ? 
_reflns.pdbx_d_res_low_opt               ? 
_reflns.pdbx_d_res_opt_method            ? 
_reflns.phase_calculation_details        ? 
_reflns.pdbx_Rrim_I_all                  ? 
_reflns.pdbx_Rpim_I_all                  ? 
_reflns.pdbx_d_opt                       ? 
_reflns.pdbx_number_measured_all         ? 
_reflns.pdbx_diffrn_id                   1 
_reflns.pdbx_ordinal                     1 
_reflns.pdbx_CC_half                     ? 
_reflns.pdbx_R_split                     ? 
# 
_reflns_shell.d_res_high                  1.800 
_reflns_shell.d_res_low                   2.050 
_reflns_shell.meanI_over_sigI_all         ? 
_reflns_shell.meanI_over_sigI_obs         ? 
_reflns_shell.number_measured_all         ? 
_reflns_shell.number_measured_obs         ? 
_reflns_shell.number_possible             ? 
_reflns_shell.number_unique_all           ? 
_reflns_shell.number_unique_obs           ? 
_reflns_shell.percent_possible_all        97.600 
_reflns_shell.percent_possible_obs        ? 
_reflns_shell.Rmerge_F_all                ? 
_reflns_shell.Rmerge_F_obs                ? 
_reflns_shell.Rmerge_I_all                ? 
_reflns_shell.Rmerge_I_obs                0.44 
_reflns_shell.meanI_over_sigI_gt          ? 
_reflns_shell.meanI_over_uI_all           ? 
_reflns_shell.meanI_over_uI_gt            ? 
_reflns_shell.number_measured_gt          ? 
_reflns_shell.number_unique_gt            ? 
_reflns_shell.percent_possible_gt         ? 
_reflns_shell.Rmerge_F_gt                 ? 
_reflns_shell.Rmerge_I_gt                 ? 
_reflns_shell.pdbx_redundancy             23.700 
_reflns_shell.pdbx_Rsym_value             ? 
_reflns_shell.pdbx_chi_squared            ? 
_reflns_shell.pdbx_netI_over_sigmaI_all   ? 
_reflns_shell.pdbx_netI_over_sigmaI_obs   ? 
_reflns_shell.pdbx_Rrim_I_all             ? 
_reflns_shell.pdbx_Rpim_I_all             ? 
_reflns_shell.pdbx_rejects                ? 
_reflns_shell.pdbx_ordinal                1 
_reflns_shell.pdbx_diffrn_id              1 
_reflns_shell.pdbx_CC_half                ? 
_reflns_shell.pdbx_R_split                ? 
# 
_refine.aniso_B[1][1]                            0.0300 
_refine.aniso_B[1][2]                            0.0200 
_refine.aniso_B[1][3]                            0.0000 
_refine.aniso_B[2][2]                            0.0300 
_refine.aniso_B[2][3]                            0.0000 
_refine.aniso_B[3][3]                            -0.0500 
_refine.B_iso_max                                73.820 
_refine.B_iso_mean                               18.2080 
_refine.B_iso_min                                9.500 
_refine.correlation_coeff_Fo_to_Fc               0.9590 
_refine.correlation_coeff_Fo_to_Fc_free          0.9280 
_refine.details                                  'HYDROGENS HAVE BEEN ADDED IN THE RIDING POSITIONS' 
_refine.diff_density_max                         ? 
_refine.diff_density_max_esd                     ? 
_refine.diff_density_min                         ? 
_refine.diff_density_min_esd                     ? 
_refine.diff_density_rms                         ? 
_refine.diff_density_rms_esd                     ? 
_refine.entry_id                                 6I3S 
_refine.pdbx_refine_id                           'X-RAY DIFFRACTION' 
_refine.ls_abs_structure_details                 ? 
_refine.ls_abs_structure_Flack                   ? 
_refine.ls_abs_structure_Flack_esd               ? 
_refine.ls_abs_structure_Rogers                  ? 
_refine.ls_abs_structure_Rogers_esd              ? 
_refine.ls_d_res_high                            1.7700 
_refine.ls_d_res_low                             48.5500 
_refine.ls_extinction_coef                       ? 
_refine.ls_extinction_coef_esd                   ? 
_refine.ls_extinction_expression                 ? 
_refine.ls_extinction_method                     ? 
_refine.ls_goodness_of_fit_all                   ? 
_refine.ls_goodness_of_fit_all_esd               ? 
_refine.ls_goodness_of_fit_obs                   ? 
_refine.ls_goodness_of_fit_obs_esd               ? 
_refine.ls_hydrogen_treatment                    ? 
_refine.ls_matrix_type                           ? 
_refine.ls_number_constraints                    ? 
_refine.ls_number_parameters                     ? 
_refine.ls_number_reflns_all                     ? 
_refine.ls_number_reflns_obs                     8824 
_refine.ls_number_reflns_R_free                  982 
_refine.ls_number_reflns_R_work                  ? 
_refine.ls_number_restraints                     ? 
_refine.ls_percent_reflns_obs                    96.9600 
_refine.ls_percent_reflns_R_free                 10.0000 
_refine.ls_R_factor_all                          ? 
_refine.ls_R_factor_obs                          0.1933 
_refine.ls_R_factor_R_free                       0.2392 
_refine.ls_R_factor_R_free_error                 ? 
_refine.ls_R_factor_R_free_error_details         ? 
_refine.ls_R_factor_R_work                       0.1884 
_refine.ls_R_Fsqd_factor_obs                     ? 
_refine.ls_R_I_factor_obs                        ? 
_refine.ls_redundancy_reflns_all                 ? 
_refine.ls_redundancy_reflns_obs                 ? 
_refine.ls_restrained_S_all                      ? 
_refine.ls_restrained_S_obs                      ? 
_refine.ls_shift_over_esd_max                    ? 
_refine.ls_shift_over_esd_mean                   ? 
_refine.ls_structure_factor_coef                 ? 
_refine.ls_weighting_details                     ? 
_refine.ls_weighting_scheme                      ? 
_refine.ls_wR_factor_all                         ? 
_refine.ls_wR_factor_obs                         ? 
_refine.ls_wR_factor_R_free                      ? 
_refine.ls_wR_factor_R_work                      ? 
_refine.occupancy_max                            ? 
_refine.occupancy_min                            ? 
_refine.solvent_model_details                    ? 
_refine.solvent_model_param_bsol                 ? 
_refine.solvent_model_param_ksol                 ? 
_refine.ls_R_factor_gt                           ? 
_refine.ls_goodness_of_fit_gt                    ? 
_refine.ls_goodness_of_fit_ref                   ? 
_refine.ls_shift_over_su_max                     ? 
_refine.ls_shift_over_su_max_lt                  ? 
_refine.ls_shift_over_su_mean                    ? 
_refine.ls_shift_over_su_mean_lt                 ? 
_refine.pdbx_ls_sigma_I                          ? 
_refine.pdbx_ls_sigma_F                          0.000 
_refine.pdbx_ls_sigma_Fsqd                       ? 
_refine.pdbx_data_cutoff_high_absF               ? 
_refine.pdbx_data_cutoff_high_rms_absF           ? 
_refine.pdbx_data_cutoff_low_absF                ? 
_refine.pdbx_isotropic_thermal_model             ? 
_refine.pdbx_ls_cross_valid_method               THROUGHOUT 
_refine.pdbx_method_to_determine_struct          'MOLECULAR REPLACEMENT' 
_refine.pdbx_starting_model                      ? 
_refine.pdbx_stereochemistry_target_values       ? 
_refine.pdbx_R_Free_selection_details            RANDOM 
_refine.pdbx_stereochem_target_val_spec_case     ? 
_refine.pdbx_overall_ESU_R                       0.1410 
_refine.pdbx_overall_ESU_R_Free                  0.1400 
_refine.pdbx_solvent_vdw_probe_radii             1.2000 
_refine.pdbx_solvent_ion_probe_radii             0.8000 
_refine.pdbx_solvent_shrinkage_radii             0.8000 
_refine.pdbx_real_space_R                        ? 
_refine.pdbx_density_correlation                 ? 
_refine.pdbx_pd_number_of_powder_patterns        ? 
_refine.pdbx_pd_number_of_points                 ? 
_refine.pdbx_pd_meas_number_of_points            ? 
_refine.pdbx_pd_proc_ls_prof_R_factor            ? 
_refine.pdbx_pd_proc_ls_prof_wR_factor           ? 
_refine.pdbx_pd_Marquardt_correlation_coeff      ? 
_refine.pdbx_pd_Fsqrd_R_factor                   ? 
_refine.pdbx_pd_ls_matrix_band_width             ? 
_refine.pdbx_overall_phase_error                 ? 
_refine.pdbx_overall_SU_R_free_Cruickshank_DPI   ? 
_refine.pdbx_overall_SU_R_free_Blow_DPI          ? 
_refine.pdbx_overall_SU_R_Blow_DPI               ? 
_refine.pdbx_TLS_residual_ADP_flag               ? 
_refine.pdbx_diffrn_id                           1 
_refine.overall_SU_B                             6.0720 
_refine.overall_SU_ML                            0.0900 
_refine.overall_SU_R_Cruickshank_DPI             ? 
_refine.overall_SU_R_free                        ? 
_refine.overall_FOM_free_R_set                   ? 
_refine.overall_FOM_work_R_set                   ? 
_refine.pdbx_average_fsc_overall                 ? 
_refine.pdbx_average_fsc_work                    ? 
_refine.pdbx_average_fsc_free                    ? 
# 
_refine_hist.cycle_id                         final 
_refine_hist.pdbx_refine_id                   'X-RAY DIFFRACTION' 
_refine_hist.d_res_high                       1.7700 
_refine_hist.d_res_low                        48.5500 
_refine_hist.pdbx_number_atoms_ligand         52 
_refine_hist.number_atoms_solvent             47 
_refine_hist.number_atoms_total               873 
_refine_hist.pdbx_number_residues_total       94 
_refine_hist.pdbx_B_iso_mean_ligand           25.90 
_refine_hist.pdbx_B_iso_mean_solvent          40.34 
_refine_hist.pdbx_number_atoms_protein        774 
_refine_hist.pdbx_number_atoms_nucleic_acid   0 
# 
loop_
_refine_ls_restr.pdbx_refine_id 
_refine_ls_restr.criterion 
_refine_ls_restr.dev_ideal 
_refine_ls_restr.dev_ideal_target 
_refine_ls_restr.number 
_refine_ls_restr.rejects 
_refine_ls_restr.type 
_refine_ls_restr.weight 
_refine_ls_restr.pdbx_restraint_function 
'X-RAY DIFFRACTION' ? 0.011  0.020  846  ? r_bond_refined_d       ? ? 
'X-RAY DIFFRACTION' ? 0.009  0.020  574  ? r_bond_other_d         ? ? 
'X-RAY DIFFRACTION' ? 1.517  2.062  1156 ? r_angle_refined_deg    ? ? 
'X-RAY DIFFRACTION' ? 1.144  3.000  1399 ? r_angle_other_deg      ? ? 
'X-RAY DIFFRACTION' ? 6.549  5.000  97   ? r_dihedral_angle_1_deg ? ? 
'X-RAY DIFFRACTION' ? 43.011 23.939 33   ? r_dihedral_angle_2_deg ? ? 
'X-RAY DIFFRACTION' ? 12.732 15.000 148  ? r_dihedral_angle_3_deg ? ? 
'X-RAY DIFFRACTION' ? 25.184 15.000 4    ? r_dihedral_angle_4_deg ? ? 
'X-RAY DIFFRACTION' ? 0.089  0.200  133  ? r_chiral_restr         ? ? 
'X-RAY DIFFRACTION' ? 0.006  0.021  892  ? r_gen_planes_refined   ? ? 
'X-RAY DIFFRACTION' ? 0.001  0.020  164  ? r_gen_planes_other     ? ? 
# 
_refine_ls_shell.pdbx_refine_id                   'X-RAY DIFFRACTION' 
_refine_ls_shell.d_res_high                       1.7700 
_refine_ls_shell.d_res_low                        1.8160 
_refine_ls_shell.number_reflns_all                595 
_refine_ls_shell.number_reflns_obs                ? 
_refine_ls_shell.number_reflns_R_free             70 
_refine_ls_shell.number_reflns_R_work             525 
_refine_ls_shell.percent_reflns_obs               95.2000 
_refine_ls_shell.percent_reflns_R_free            ? 
_refine_ls_shell.R_factor_all                     ? 
_refine_ls_shell.R_factor_obs                     ? 
_refine_ls_shell.R_factor_R_free                  0.3480 
_refine_ls_shell.R_factor_R_free_error            0.0000 
_refine_ls_shell.R_factor_R_work                  0.2950 
_refine_ls_shell.redundancy_reflns_all            ? 
_refine_ls_shell.redundancy_reflns_obs            ? 
_refine_ls_shell.wR_factor_all                    ? 
_refine_ls_shell.wR_factor_obs                    ? 
_refine_ls_shell.wR_factor_R_free                 ? 
_refine_ls_shell.wR_factor_R_work                 ? 
_refine_ls_shell.pdbx_total_number_of_bins_used   20 
_refine_ls_shell.pdbx_phase_error                 ? 
_refine_ls_shell.pdbx_fsc_work                    ? 
_refine_ls_shell.pdbx_fsc_free                    ? 
# 
_struct.entry_id                     6I3S 
_struct.title                        'Crystal structure of MDM2 in complex with compound 13.' 
_struct.pdbx_model_details           ? 
_struct.pdbx_formula_weight          ? 
_struct.pdbx_formula_weight_method   ? 
_struct.pdbx_model_type_details      ? 
_struct.pdbx_CASP_flag               N 
# 
_struct_keywords.entry_id        6I3S 
_struct_keywords.text            'Inhibitor, LIGASE' 
_struct_keywords.pdbx_keywords   LIGASE 
# 
loop_
_struct_asym.id 
_struct_asym.pdbx_blank_PDB_chainid_flag 
_struct_asym.pdbx_modified 
_struct_asym.entity_id 
_struct_asym.details 
A N N 1 ? 
B N N 2 ? 
C N N 3 ? 
D N N 4 ? 
E N N 4 ? 
F N N 5 ? 
# 
_struct_ref.id                         1 
_struct_ref.db_name                    UNP 
_struct_ref.db_code                    MDM2_HUMAN 
_struct_ref.pdbx_db_accession          Q00987 
_struct_ref.pdbx_db_isoform            ? 
_struct_ref.entity_id                  1 
_struct_ref.pdbx_seq_one_letter_code   
;QIPASEQETLVRPKPLLLKLLKSVGAQKDTYTMKEVLFYLGQYIMTKRLYDEKQQHIVYCSNDLLGDLFGVPSFSVKEHR
KIYTMIYRNLVVVN
;
_struct_ref.pdbx_align_begin           18 
# 
_struct_ref_seq.align_id                      1 
_struct_ref_seq.ref_id                        1 
_struct_ref_seq.pdbx_PDB_id_code              6I3S 
_struct_ref_seq.pdbx_strand_id                A 
_struct_ref_seq.seq_align_beg                 1 
_struct_ref_seq.pdbx_seq_align_beg_ins_code   ? 
_struct_ref_seq.seq_align_end                 94 
_struct_ref_seq.pdbx_seq_align_end_ins_code   ? 
_struct_ref_seq.pdbx_db_accession             Q00987 
_struct_ref_seq.db_align_beg                  18 
_struct_ref_seq.pdbx_db_align_beg_ins_code    ? 
_struct_ref_seq.db_align_end                  111 
_struct_ref_seq.pdbx_db_align_end_ins_code    ? 
_struct_ref_seq.pdbx_auth_seq_align_beg       18 
_struct_ref_seq.pdbx_auth_seq_align_end       111 
# 
_pdbx_struct_assembly.id                   1 
_pdbx_struct_assembly.details              author_and_software_defined_assembly 
_pdbx_struct_assembly.method_details       PISA 
_pdbx_struct_assembly.oligomeric_details   monomeric 
_pdbx_struct_assembly.oligomeric_count     1 
# 
loop_
_pdbx_struct_assembly_prop.biol_id 
_pdbx_struct_assembly_prop.type 
_pdbx_struct_assembly_prop.value 
_pdbx_struct_assembly_prop.details 
1 'ABSA (A^2)' 480  ? 
1 MORE         -18  ? 
1 'SSA (A^2)'  6080 ? 
# 
_pdbx_struct_assembly_gen.assembly_id       1 
_pdbx_struct_assembly_gen.oper_expression   1 
_pdbx_struct_assembly_gen.asym_id_list      A,B,C,D,E,F 
# 
_pdbx_struct_assembly_auth_evidence.id                     1 
_pdbx_struct_assembly_auth_evidence.assembly_id            1 
_pdbx_struct_assembly_auth_evidence.experimental_support   'gel filtration' 
_pdbx_struct_assembly_auth_evidence.details                ? 
# 
_pdbx_struct_oper_list.id                   1 
_pdbx_struct_oper_list.type                 'identity operation' 
_pdbx_struct_oper_list.name                 1_555 
_pdbx_struct_oper_list.symmetry_operation   x,y,z 
_pdbx_struct_oper_list.matrix[1][1]         1.0000000000 
_pdbx_struct_oper_list.matrix[1][2]         0.0000000000 
_pdbx_struct_oper_list.matrix[1][3]         0.0000000000 
_pdbx_struct_oper_list.vector[1]            0.0000000000 
_pdbx_struct_oper_list.matrix[2][1]         0.0000000000 
_pdbx_struct_oper_list.matrix[2][2]         1.0000000000 
_pdbx_struct_oper_list.matrix[2][3]         0.0000000000 
_pdbx_struct_oper_list.vector[2]            0.0000000000 
_pdbx_struct_oper_list.matrix[3][1]         0.0000000000 
_pdbx_struct_oper_list.matrix[3][2]         0.0000000000 
_pdbx_struct_oper_list.matrix[3][3]         1.0000000000 
_pdbx_struct_oper_list.vector[3]            0.0000000000 
# 
loop_
_struct_conf.conf_type_id 
_struct_conf.id 
_struct_conf.pdbx_PDB_helix_id 
_struct_conf.beg_label_comp_id 
_struct_conf.beg_label_asym_id 
_struct_conf.beg_label_seq_id 
_struct_conf.pdbx_beg_PDB_ins_code 
_struct_conf.end_label_comp_id 
_struct_conf.end_label_asym_id 
_struct_conf.end_label_seq_id 
_struct_conf.pdbx_end_PDB_ins_code 
_struct_conf.beg_auth_comp_id 
_struct_conf.beg_auth_asym_id 
_struct_conf.beg_auth_seq_id 
_struct_conf.end_auth_comp_id 
_struct_conf.end_auth_asym_id 
_struct_conf.end_auth_seq_id 
_struct_conf.pdbx_PDB_helix_class 
_struct_conf.details 
_struct_conf.pdbx_PDB_helix_length 
HELX_P HELX_P1 AA1 PRO A 3  ? GLU A 8  ? PRO A 20 GLU A 25  5 ? 6  
HELX_P HELX_P2 AA2 LYS A 14 ? SER A 23 ? LYS A 31 SER A 40  1 ? 10 
HELX_P HELX_P3 AA3 MET A 33 ? LYS A 47 ? MET A 50 LYS A 64  1 ? 15 
HELX_P HELX_P4 AA4 ASP A 63 ? GLY A 70 ? ASP A 80 GLY A 87  1 ? 8  
HELX_P HELX_P5 AA5 GLU A 78 ? ARG A 88 ? GLU A 95 ARG A 105 1 ? 11 
# 
_struct_conf_type.id          HELX_P 
_struct_conf_type.criteria    ? 
_struct_conf_type.reference   ? 
# 
loop_
_struct_sheet.id 
_struct_sheet.type 
_struct_sheet.number_strands 
_struct_sheet.details 
AA1 ? 3 ? 
AA2 ? 3 ? 
# 
loop_
_struct_sheet_order.sheet_id 
_struct_sheet_order.range_id_1 
_struct_sheet_order.range_id_2 
_struct_sheet_order.offset 
_struct_sheet_order.sense 
AA1 1 2 ? anti-parallel 
AA1 2 3 ? anti-parallel 
AA2 1 2 ? anti-parallel 
AA2 2 3 ? anti-parallel 
# 
loop_
_struct_sheet_range.sheet_id 
_struct_sheet_range.id 
_struct_sheet_range.beg_label_comp_id 
_struct_sheet_range.beg_label_asym_id 
_struct_sheet_range.beg_label_seq_id 
_struct_sheet_range.pdbx_beg_PDB_ins_code 
_struct_sheet_range.end_label_comp_id 
_struct_sheet_range.end_label_asym_id 
_struct_sheet_range.end_label_seq_id 
_struct_sheet_range.pdbx_end_PDB_ins_code 
_struct_sheet_range.beg_auth_comp_id 
_struct_sheet_range.beg_auth_asym_id 
_struct_sheet_range.beg_auth_seq_id 
_struct_sheet_range.end_auth_comp_id 
_struct_sheet_range.end_auth_asym_id 
_struct_sheet_range.end_auth_seq_id 
AA1 1 TYR A 31 ? THR A 32 ? TYR A 48  THR A 49  
AA1 2 LEU A 10 ? PRO A 13 ? LEU A 27  PRO A 30  
AA1 3 LEU A 90 ? VAL A 93 ? LEU A 107 VAL A 110 
AA2 1 TYR A 50 ? ASP A 51 ? TYR A 67  ASP A 68  
AA2 2 ILE A 57 ? TYR A 59 ? ILE A 74  TYR A 76  
AA2 3 SER A 73 ? SER A 75 ? SER A 90  SER A 92  
# 
loop_
_pdbx_struct_sheet_hbond.sheet_id 
_pdbx_struct_sheet_hbond.range_id_1 
_pdbx_struct_sheet_hbond.range_id_2 
_pdbx_struct_sheet_hbond.range_1_label_atom_id 
_pdbx_struct_sheet_hbond.range_1_label_comp_id 
_pdbx_struct_sheet_hbond.range_1_label_asym_id 
_pdbx_struct_sheet_hbond.range_1_label_seq_id 
_pdbx_struct_sheet_hbond.range_1_PDB_ins_code 
_pdbx_struct_sheet_hbond.range_1_auth_atom_id 
_pdbx_struct_sheet_hbond.range_1_auth_comp_id 
_pdbx_struct_sheet_hbond.range_1_auth_asym_id 
_pdbx_struct_sheet_hbond.range_1_auth_seq_id 
_pdbx_struct_sheet_hbond.range_2_label_atom_id 
_pdbx_struct_sheet_hbond.range_2_label_comp_id 
_pdbx_struct_sheet_hbond.range_2_label_asym_id 
_pdbx_struct_sheet_hbond.range_2_label_seq_id 
_pdbx_struct_sheet_hbond.range_2_PDB_ins_code 
_pdbx_struct_sheet_hbond.range_2_auth_atom_id 
_pdbx_struct_sheet_hbond.range_2_auth_comp_id 
_pdbx_struct_sheet_hbond.range_2_auth_asym_id 
_pdbx_struct_sheet_hbond.range_2_auth_seq_id 
AA1 1 2 O TYR A 31 ? O TYR A 48 N VAL A 11 ? N VAL A 28  
AA1 2 3 N LEU A 10 ? N LEU A 27 O VAL A 93 ? O VAL A 110 
AA2 1 2 N ASP A 51 ? N ASP A 68 O ILE A 57 ? O ILE A 74  
AA2 2 3 N VAL A 58 ? N VAL A 75 O PHE A 74 ? O PHE A 91  
# 
loop_
_struct_site.id 
_struct_site.pdbx_evidence_code 
_struct_site.pdbx_auth_asym_id 
_struct_site.pdbx_auth_comp_id 
_struct_site.pdbx_auth_seq_id 
_struct_site.pdbx_auth_ins_code 
_struct_site.pdbx_num_residues 
_struct_site.details 
AC1 Software A H28 201 ? 11 'binding site for residue H28 A 201' 
AC2 Software A GOL 202 ? 4  'binding site for residue GOL A 202' 
AC3 Software A SO4 203 ? 7  'binding site for residue SO4 A 203' 
AC4 Software A SO4 204 ? 8  'binding site for residue SO4 A 204' 
# 
loop_
_struct_site_gen.id 
_struct_site_gen.site_id 
_struct_site_gen.pdbx_num_res 
_struct_site_gen.label_comp_id 
_struct_site_gen.label_asym_id 
_struct_site_gen.label_seq_id 
_struct_site_gen.pdbx_auth_ins_code 
_struct_site_gen.auth_comp_id 
_struct_site_gen.auth_asym_id 
_struct_site_gen.auth_seq_id 
_struct_site_gen.label_atom_id 
_struct_site_gen.label_alt_id 
_struct_site_gen.symmetry 
_struct_site_gen.details 
1  AC1 11 LEU A 37 ? LEU A 54  . ? 1_555  ? 
2  AC1 11 GLY A 41 ? GLY A 58  . ? 1_555  ? 
3  AC1 11 ILE A 44 ? ILE A 61  . ? 1_555  ? 
4  AC1 11 MET A 45 ? MET A 62  . ? 1_555  ? 
5  AC1 11 PHE A 69 ? PHE A 86  . ? 1_555  ? 
6  AC1 11 VAL A 76 ? VAL A 93  . ? 1_555  ? 
7  AC1 11 HIS A 79 ? HIS A 96  . ? 1_555  ? 
8  AC1 11 ILE A 82 ? ILE A 99  . ? 1_555  ? 
9  AC1 11 TYR A 83 ? TYR A 100 . ? 1_555  ? 
10 AC1 11 HOH F .  ? HOH A 315 . ? 1_555  ? 
11 AC1 11 HOH F .  ? HOH A 320 . ? 1_555  ? 
12 AC2 4  ILE A 2  ? ILE A 19  . ? 1_555  ? 
13 AC2 4  HIS A 79 ? HIS A 96  . ? 1_555  ? 
14 AC2 4  TYR A 83 ? TYR A 100 . ? 1_555  ? 
15 AC2 4  HOH F .  ? HOH A 311 . ? 1_555  ? 
16 AC3 7  GLN A 1  ? GLN A 18  . ? 1_555  ? 
17 AC3 7  LYS A 77 ? LYS A 94  . ? 1_555  ? 
18 AC3 7  GLU A 78 ? GLU A 95  . ? 1_555  ? 
19 AC3 7  HIS A 79 ? HIS A 96  . ? 1_555  ? 
20 AC3 7  ARG A 80 ? ARG A 97  . ? 1_555  ? 
21 AC3 7  LYS A 81 ? LYS A 98  . ? 1_555  ? 
22 AC3 7  HOH F .  ? HOH A 317 . ? 1_555  ? 
23 AC4 8  ILE A 2  ? ILE A 19  . ? 6_555  ? 
24 AC4 8  PRO A 3  ? PRO A 20  . ? 6_555  ? 
25 AC4 8  ALA A 4  ? ALA A 21  . ? 6_555  ? 
26 AC4 8  LYS A 34 ? LYS A 51  . ? 12_555 ? 
27 AC4 8  LYS A 34 ? LYS A 51  . ? 1_555  ? 
28 AC4 8  HOH F .  ? HOH A 313 . ? 1_555  ? 
29 AC4 8  HOH F .  ? HOH A 330 . ? 6_555  ? 
30 AC4 8  HOH F .  ? HOH A 336 . ? 1_555  ? 
# 
loop_
_pdbx_validate_rmsd_bond.id 
_pdbx_validate_rmsd_bond.PDB_model_num 
_pdbx_validate_rmsd_bond.auth_atom_id_1 
_pdbx_validate_rmsd_bond.auth_asym_id_1 
_pdbx_validate_rmsd_bond.auth_comp_id_1 
_pdbx_validate_rmsd_bond.auth_seq_id_1 
_pdbx_validate_rmsd_bond.PDB_ins_code_1 
_pdbx_validate_rmsd_bond.label_alt_id_1 
_pdbx_validate_rmsd_bond.auth_atom_id_2 
_pdbx_validate_rmsd_bond.auth_asym_id_2 
_pdbx_validate_rmsd_bond.auth_comp_id_2 
_pdbx_validate_rmsd_bond.auth_seq_id_2 
_pdbx_validate_rmsd_bond.PDB_ins_code_2 
_pdbx_validate_rmsd_bond.label_alt_id_2 
_pdbx_validate_rmsd_bond.bond_value 
_pdbx_validate_rmsd_bond.bond_target_value 
_pdbx_validate_rmsd_bond.bond_deviation 
_pdbx_validate_rmsd_bond.bond_standard_deviation 
_pdbx_validate_rmsd_bond.linker_flag 
1 1 CG A LYS 70 ? ? CD A LYS 70 ? ? 1.748 1.520 0.228 0.034 N 
2 1 CB A GLN 71 ? ? CG A GLN 71 ? ? 1.699 1.521 0.178 0.027 N 
# 
_pdbx_validate_torsion.id              1 
_pdbx_validate_torsion.PDB_model_num   1 
_pdbx_validate_torsion.auth_comp_id    GLN 
_pdbx_validate_torsion.auth_asym_id    A 
_pdbx_validate_torsion.auth_seq_id     71 
_pdbx_validate_torsion.PDB_ins_code    ? 
_pdbx_validate_torsion.label_alt_id    ? 
_pdbx_validate_torsion.phi             84.13 
_pdbx_validate_torsion.psi             68.36 
# 
loop_
_chem_comp_atom.comp_id 
_chem_comp_atom.atom_id 
_chem_comp_atom.type_symbol 
_chem_comp_atom.pdbx_aromatic_flag 
_chem_comp_atom.pdbx_stereo_config 
_chem_comp_atom.pdbx_ordinal 
ALA N    N  N N 1   
ALA CA   C  N S 2   
ALA C    C  N N 3   
ALA O    O  N N 4   
ALA CB   C  N N 5   
ALA OXT  O  N N 6   
ALA H    H  N N 7   
ALA H2   H  N N 8   
ALA HA   H  N N 9   
ALA HB1  H  N N 10  
ALA HB2  H  N N 11  
ALA HB3  H  N N 12  
ALA HXT  H  N N 13  
ARG N    N  N N 14  
ARG CA   C  N S 15  
ARG C    C  N N 16  
ARG O    O  N N 17  
ARG CB   C  N N 18  
ARG CG   C  N N 19  
ARG CD   C  N N 20  
ARG NE   N  N N 21  
ARG CZ   C  N N 22  
ARG NH1  N  N N 23  
ARG NH2  N  N N 24  
ARG OXT  O  N N 25  
ARG H    H  N N 26  
ARG H2   H  N N 27  
ARG HA   H  N N 28  
ARG HB2  H  N N 29  
ARG HB3  H  N N 30  
ARG HG2  H  N N 31  
ARG HG3  H  N N 32  
ARG HD2  H  N N 33  
ARG HD3  H  N N 34  
ARG HE   H  N N 35  
ARG HH11 H  N N 36  
ARG HH12 H  N N 37  
ARG HH21 H  N N 38  
ARG HH22 H  N N 39  
ARG HXT  H  N N 40  
ASN N    N  N N 41  
ASN CA   C  N S 42  
ASN C    C  N N 43  
ASN O    O  N N 44  
ASN CB   C  N N 45  
ASN CG   C  N N 46  
ASN OD1  O  N N 47  
ASN ND2  N  N N 48  
ASN OXT  O  N N 49  
ASN H    H  N N 50  
ASN H2   H  N N 51  
ASN HA   H  N N 52  
ASN HB2  H  N N 53  
ASN HB3  H  N N 54  
ASN HD21 H  N N 55  
ASN HD22 H  N N 56  
ASN HXT  H  N N 57  
ASP N    N  N N 58  
ASP CA   C  N S 59  
ASP C    C  N N 60  
ASP O    O  N N 61  
ASP CB   C  N N 62  
ASP CG   C  N N 63  
ASP OD1  O  N N 64  
ASP OD2  O  N N 65  
ASP OXT  O  N N 66  
ASP H    H  N N 67  
ASP H2   H  N N 68  
ASP HA   H  N N 69  
ASP HB2  H  N N 70  
ASP HB3  H  N N 71  
ASP HD2  H  N N 72  
ASP HXT  H  N N 73  
CYS N    N  N N 74  
CYS CA   C  N R 75  
CYS C    C  N N 76  
CYS O    O  N N 77  
CYS CB   C  N N 78  
CYS SG   S  N N 79  
CYS OXT  O  N N 80  
CYS H    H  N N 81  
CYS H2   H  N N 82  
CYS HA   H  N N 83  
CYS HB2  H  N N 84  
CYS HB3  H  N N 85  
CYS HG   H  N N 86  
CYS HXT  H  N N 87  
GLN N    N  N N 88  
GLN CA   C  N S 89  
GLN C    C  N N 90  
GLN O    O  N N 91  
GLN CB   C  N N 92  
GLN CG   C  N N 93  
GLN CD   C  N N 94  
GLN OE1  O  N N 95  
GLN NE2  N  N N 96  
GLN OXT  O  N N 97  
GLN H    H  N N 98  
GLN H2   H  N N 99  
GLN HA   H  N N 100 
GLN HB2  H  N N 101 
GLN HB3  H  N N 102 
GLN HG2  H  N N 103 
GLN HG3  H  N N 104 
GLN HE21 H  N N 105 
GLN HE22 H  N N 106 
GLN HXT  H  N N 107 
GLU N    N  N N 108 
GLU CA   C  N S 109 
GLU C    C  N N 110 
GLU O    O  N N 111 
GLU CB   C  N N 112 
GLU CG   C  N N 113 
GLU CD   C  N N 114 
GLU OE1  O  N N 115 
GLU OE2  O  N N 116 
GLU OXT  O  N N 117 
GLU H    H  N N 118 
GLU H2   H  N N 119 
GLU HA   H  N N 120 
GLU HB2  H  N N 121 
GLU HB3  H  N N 122 
GLU HG2  H  N N 123 
GLU HG3  H  N N 124 
GLU HE2  H  N N 125 
GLU HXT  H  N N 126 
GLY N    N  N N 127 
GLY CA   C  N N 128 
GLY C    C  N N 129 
GLY O    O  N N 130 
GLY OXT  O  N N 131 
GLY H    H  N N 132 
GLY H2   H  N N 133 
GLY HA2  H  N N 134 
GLY HA3  H  N N 135 
GLY HXT  H  N N 136 
GOL C1   C  N N 137 
GOL O1   O  N N 138 
GOL C2   C  N N 139 
GOL O2   O  N N 140 
GOL C3   C  N N 141 
GOL O3   O  N N 142 
GOL H11  H  N N 143 
GOL H12  H  N N 144 
GOL HO1  H  N N 145 
GOL H2   H  N N 146 
GOL HO2  H  N N 147 
GOL H31  H  N N 148 
GOL H32  H  N N 149 
GOL HO3  H  N N 150 
H28 C4   C  Y N 151 
H28 C5   C  Y N 152 
H28 C6   C  Y N 153 
H28 C7   C  N R 154 
H28 C15  C  N R 155 
H28 C20  C  N N 156 
H28 C21  C  N N 157 
H28 C22  C  N S 158 
H28 C26  C  Y N 159 
H28 C28  C  Y N 160 
H28 CL1  CL N N 161 
H28 C2   C  Y N 162 
H28 C3   C  Y N 163 
H28 C9   C  N S 164 
H28 C11  C  N N 165 
H28 O12  O  N N 166 
H28 N13  N  N N 167 
H28 C14  C  N N 168 
H28 N17  N  N N 169 
H28 C18  C  N N 170 
H28 C19  C  N N 171 
H28 C23  C  N N 172 
H28 O24  O  N N 173 
H28 N25  N  N N 174 
H28 C27  C  Y N 175 
H28 CL9  CL N N 176 
H28 C30  C  Y N 177 
H28 C31  C  Y N 178 
H28 C32  C  Y N 179 
H28 C33  C  Y N 180 
H28 F34  F  N N 181 
H28 H1   H  N N 182 
H28 H2   H  N N 183 
H28 H3   H  N N 184 
H28 H4   H  N N 185 
H28 H5   H  N N 186 
H28 H6   H  N N 187 
H28 H7   H  N N 188 
H28 H8   H  N N 189 
H28 H9   H  N N 190 
H28 H10  H  N N 191 
H28 H11  H  N N 192 
H28 H13  H  N N 193 
H28 H14  H  N N 194 
H28 H15  H  N N 195 
H28 H16  H  N N 196 
H28 H17  H  N N 197 
H28 H18  H  N N 198 
H28 H19  H  N N 199 
HIS N    N  N N 200 
HIS CA   C  N S 201 
HIS C    C  N N 202 
HIS O    O  N N 203 
HIS CB   C  N N 204 
HIS CG   C  Y N 205 
HIS ND1  N  Y N 206 
HIS CD2  C  Y N 207 
HIS CE1  C  Y N 208 
HIS NE2  N  Y N 209 
HIS OXT  O  N N 210 
HIS H    H  N N 211 
HIS H2   H  N N 212 
HIS HA   H  N N 213 
HIS HB2  H  N N 214 
HIS HB3  H  N N 215 
HIS HD1  H  N N 216 
HIS HD2  H  N N 217 
HIS HE1  H  N N 218 
HIS HE2  H  N N 219 
HIS HXT  H  N N 220 
HOH O    O  N N 221 
HOH H1   H  N N 222 
HOH H2   H  N N 223 
ILE N    N  N N 224 
ILE CA   C  N S 225 
ILE C    C  N N 226 
ILE O    O  N N 227 
ILE CB   C  N S 228 
ILE CG1  C  N N 229 
ILE CG2  C  N N 230 
ILE CD1  C  N N 231 
ILE OXT  O  N N 232 
ILE H    H  N N 233 
ILE H2   H  N N 234 
ILE HA   H  N N 235 
ILE HB   H  N N 236 
ILE HG12 H  N N 237 
ILE HG13 H  N N 238 
ILE HG21 H  N N 239 
ILE HG22 H  N N 240 
ILE HG23 H  N N 241 
ILE HD11 H  N N 242 
ILE HD12 H  N N 243 
ILE HD13 H  N N 244 
ILE HXT  H  N N 245 
LEU N    N  N N 246 
LEU CA   C  N S 247 
LEU C    C  N N 248 
LEU O    O  N N 249 
LEU CB   C  N N 250 
LEU CG   C  N N 251 
LEU CD1  C  N N 252 
LEU CD2  C  N N 253 
LEU OXT  O  N N 254 
LEU H    H  N N 255 
LEU H2   H  N N 256 
LEU HA   H  N N 257 
LEU HB2  H  N N 258 
LEU HB3  H  N N 259 
LEU HG   H  N N 260 
LEU HD11 H  N N 261 
LEU HD12 H  N N 262 
LEU HD13 H  N N 263 
LEU HD21 H  N N 264 
LEU HD22 H  N N 265 
LEU HD23 H  N N 266 
LEU HXT  H  N N 267 
LYS N    N  N N 268 
LYS CA   C  N S 269 
LYS C    C  N N 270 
LYS O    O  N N 271 
LYS CB   C  N N 272 
LYS CG   C  N N 273 
LYS CD   C  N N 274 
LYS CE   C  N N 275 
LYS NZ   N  N N 276 
LYS OXT  O  N N 277 
LYS H    H  N N 278 
LYS H2   H  N N 279 
LYS HA   H  N N 280 
LYS HB2  H  N N 281 
LYS HB3  H  N N 282 
LYS HG2  H  N N 283 
LYS HG3  H  N N 284 
LYS HD2  H  N N 285 
LYS HD3  H  N N 286 
LYS HE2  H  N N 287 
LYS HE3  H  N N 288 
LYS HZ1  H  N N 289 
LYS HZ2  H  N N 290 
LYS HZ3  H  N N 291 
LYS HXT  H  N N 292 
MET N    N  N N 293 
MET CA   C  N S 294 
MET C    C  N N 295 
MET O    O  N N 296 
MET CB   C  N N 297 
MET CG   C  N N 298 
MET SD   S  N N 299 
MET CE   C  N N 300 
MET OXT  O  N N 301 
MET H    H  N N 302 
MET H2   H  N N 303 
MET HA   H  N N 304 
MET HB2  H  N N 305 
MET HB3  H  N N 306 
MET HG2  H  N N 307 
MET HG3  H  N N 308 
MET HE1  H  N N 309 
MET HE2  H  N N 310 
MET HE3  H  N N 311 
MET HXT  H  N N 312 
PHE N    N  N N 313 
PHE CA   C  N S 314 
PHE C    C  N N 315 
PHE O    O  N N 316 
PHE CB   C  N N 317 
PHE CG   C  Y N 318 
PHE CD1  C  Y N 319 
PHE CD2  C  Y N 320 
PHE CE1  C  Y N 321 
PHE CE2  C  Y N 322 
PHE CZ   C  Y N 323 
PHE OXT  O  N N 324 
PHE H    H  N N 325 
PHE H2   H  N N 326 
PHE HA   H  N N 327 
PHE HB2  H  N N 328 
PHE HB3  H  N N 329 
PHE HD1  H  N N 330 
PHE HD2  H  N N 331 
PHE HE1  H  N N 332 
PHE HE2  H  N N 333 
PHE HZ   H  N N 334 
PHE HXT  H  N N 335 
PRO N    N  N N 336 
PRO CA   C  N S 337 
PRO C    C  N N 338 
PRO O    O  N N 339 
PRO CB   C  N N 340 
PRO CG   C  N N 341 
PRO CD   C  N N 342 
PRO OXT  O  N N 343 
PRO H    H  N N 344 
PRO HA   H  N N 345 
PRO HB2  H  N N 346 
PRO HB3  H  N N 347 
PRO HG2  H  N N 348 
PRO HG3  H  N N 349 
PRO HD2  H  N N 350 
PRO HD3  H  N N 351 
PRO HXT  H  N N 352 
SER N    N  N N 353 
SER CA   C  N S 354 
SER C    C  N N 355 
SER O    O  N N 356 
SER CB   C  N N 357 
SER OG   O  N N 358 
SER OXT  O  N N 359 
SER H    H  N N 360 
SER H2   H  N N 361 
SER HA   H  N N 362 
SER HB2  H  N N 363 
SER HB3  H  N N 364 
SER HG   H  N N 365 
SER HXT  H  N N 366 
SO4 S    S  N N 367 
SO4 O1   O  N N 368 
SO4 O2   O  N N 369 
SO4 O3   O  N N 370 
SO4 O4   O  N N 371 
THR N    N  N N 372 
THR CA   C  N S 373 
THR C    C  N N 374 
THR O    O  N N 375 
THR CB   C  N R 376 
THR OG1  O  N N 377 
THR CG2  C  N N 378 
THR OXT  O  N N 379 
THR H    H  N N 380 
THR H2   H  N N 381 
THR HA   H  N N 382 
THR HB   H  N N 383 
THR HG1  H  N N 384 
THR HG21 H  N N 385 
THR HG22 H  N N 386 
THR HG23 H  N N 387 
THR HXT  H  N N 388 
TYR N    N  N N 389 
TYR CA   C  N S 390 
TYR C    C  N N 391 
TYR O    O  N N 392 
TYR CB   C  N N 393 
TYR CG   C  Y N 394 
TYR CD1  C  Y N 395 
TYR CD2  C  Y N 396 
TYR CE1  C  Y N 397 
TYR CE2  C  Y N 398 
TYR CZ   C  Y N 399 
TYR OH   O  N N 400 
TYR OXT  O  N N 401 
TYR H    H  N N 402 
TYR H2   H  N N 403 
TYR HA   H  N N 404 
TYR HB2  H  N N 405 
TYR HB3  H  N N 406 
TYR HD1  H  N N 407 
TYR HD2  H  N N 408 
TYR HE1  H  N N 409 
TYR HE2  H  N N 410 
TYR HH   H  N N 411 
TYR HXT  H  N N 412 
VAL N    N  N N 413 
VAL CA   C  N S 414 
VAL C    C  N N 415 
VAL O    O  N N 416 
VAL CB   C  N N 417 
VAL CG1  C  N N 418 
VAL CG2  C  N N 419 
VAL OXT  O  N N 420 
VAL H    H  N N 421 
VAL H2   H  N N 422 
VAL HA   H  N N 423 
VAL HB   H  N N 424 
VAL HG11 H  N N 425 
VAL HG12 H  N N 426 
VAL HG13 H  N N 427 
VAL HG21 H  N N 428 
VAL HG22 H  N N 429 
VAL HG23 H  N N 430 
VAL HXT  H  N N 431 
# 
loop_
_chem_comp_bond.comp_id 
_chem_comp_bond.atom_id_1 
_chem_comp_bond.atom_id_2 
_chem_comp_bond.value_order 
_chem_comp_bond.pdbx_aromatic_flag 
_chem_comp_bond.pdbx_stereo_config 
_chem_comp_bond.pdbx_ordinal 
ALA N   CA   sing N N 1   
ALA N   H    sing N N 2   
ALA N   H2   sing N N 3   
ALA CA  C    sing N N 4   
ALA CA  CB   sing N N 5   
ALA CA  HA   sing N N 6   
ALA C   O    doub N N 7   
ALA C   OXT  sing N N 8   
ALA CB  HB1  sing N N 9   
ALA CB  HB2  sing N N 10  
ALA CB  HB3  sing N N 11  
ALA OXT HXT  sing N N 12  
ARG N   CA   sing N N 13  
ARG N   H    sing N N 14  
ARG N   H2   sing N N 15  
ARG CA  C    sing N N 16  
ARG CA  CB   sing N N 17  
ARG CA  HA   sing N N 18  
ARG C   O    doub N N 19  
ARG C   OXT  sing N N 20  
ARG CB  CG   sing N N 21  
ARG CB  HB2  sing N N 22  
ARG CB  HB3  sing N N 23  
ARG CG  CD   sing N N 24  
ARG CG  HG2  sing N N 25  
ARG CG  HG3  sing N N 26  
ARG CD  NE   sing N N 27  
ARG CD  HD2  sing N N 28  
ARG CD  HD3  sing N N 29  
ARG NE  CZ   sing N N 30  
ARG NE  HE   sing N N 31  
ARG CZ  NH1  sing N N 32  
ARG CZ  NH2  doub N N 33  
ARG NH1 HH11 sing N N 34  
ARG NH1 HH12 sing N N 35  
ARG NH2 HH21 sing N N 36  
ARG NH2 HH22 sing N N 37  
ARG OXT HXT  sing N N 38  
ASN N   CA   sing N N 39  
ASN N   H    sing N N 40  
ASN N   H2   sing N N 41  
ASN CA  C    sing N N 42  
ASN CA  CB   sing N N 43  
ASN CA  HA   sing N N 44  
ASN C   O    doub N N 45  
ASN C   OXT  sing N N 46  
ASN CB  CG   sing N N 47  
ASN CB  HB2  sing N N 48  
ASN CB  HB3  sing N N 49  
ASN CG  OD1  doub N N 50  
ASN CG  ND2  sing N N 51  
ASN ND2 HD21 sing N N 52  
ASN ND2 HD22 sing N N 53  
ASN OXT HXT  sing N N 54  
ASP N   CA   sing N N 55  
ASP N   H    sing N N 56  
ASP N   H2   sing N N 57  
ASP CA  C    sing N N 58  
ASP CA  CB   sing N N 59  
ASP CA  HA   sing N N 60  
ASP C   O    doub N N 61  
ASP C   OXT  sing N N 62  
ASP CB  CG   sing N N 63  
ASP CB  HB2  sing N N 64  
ASP CB  HB3  sing N N 65  
ASP CG  OD1  doub N N 66  
ASP CG  OD2  sing N N 67  
ASP OD2 HD2  sing N N 68  
ASP OXT HXT  sing N N 69  
CYS N   CA   sing N N 70  
CYS N   H    sing N N 71  
CYS N   H2   sing N N 72  
CYS CA  C    sing N N 73  
CYS CA  CB   sing N N 74  
CYS CA  HA   sing N N 75  
CYS C   O    doub N N 76  
CYS C   OXT  sing N N 77  
CYS CB  SG   sing N N 78  
CYS CB  HB2  sing N N 79  
CYS CB  HB3  sing N N 80  
CYS SG  HG   sing N N 81  
CYS OXT HXT  sing N N 82  
GLN N   CA   sing N N 83  
GLN N   H    sing N N 84  
GLN N   H2   sing N N 85  
GLN CA  C    sing N N 86  
GLN CA  CB   sing N N 87  
GLN CA  HA   sing N N 88  
GLN C   O    doub N N 89  
GLN C   OXT  sing N N 90  
GLN CB  CG   sing N N 91  
GLN CB  HB2  sing N N 92  
GLN CB  HB3  sing N N 93  
GLN CG  CD   sing N N 94  
GLN CG  HG2  sing N N 95  
GLN CG  HG3  sing N N 96  
GLN CD  OE1  doub N N 97  
GLN CD  NE2  sing N N 98  
GLN NE2 HE21 sing N N 99  
GLN NE2 HE22 sing N N 100 
GLN OXT HXT  sing N N 101 
GLU N   CA   sing N N 102 
GLU N   H    sing N N 103 
GLU N   H2   sing N N 104 
GLU CA  C    sing N N 105 
GLU CA  CB   sing N N 106 
GLU CA  HA   sing N N 107 
GLU C   O    doub N N 108 
GLU C   OXT  sing N N 109 
GLU CB  CG   sing N N 110 
GLU CB  HB2  sing N N 111 
GLU CB  HB3  sing N N 112 
GLU CG  CD   sing N N 113 
GLU CG  HG2  sing N N 114 
GLU CG  HG3  sing N N 115 
GLU CD  OE1  doub N N 116 
GLU CD  OE2  sing N N 117 
GLU OE2 HE2  sing N N 118 
GLU OXT HXT  sing N N 119 
GLY N   CA   sing N N 120 
GLY N   H    sing N N 121 
GLY N   H2   sing N N 122 
GLY CA  C    sing N N 123 
GLY CA  HA2  sing N N 124 
GLY CA  HA3  sing N N 125 
GLY C   O    doub N N 126 
GLY C   OXT  sing N N 127 
GLY OXT HXT  sing N N 128 
GOL C1  O1   sing N N 129 
GOL C1  C2   sing N N 130 
GOL C1  H11  sing N N 131 
GOL C1  H12  sing N N 132 
GOL O1  HO1  sing N N 133 
GOL C2  O2   sing N N 134 
GOL C2  C3   sing N N 135 
GOL C2  H2   sing N N 136 
GOL O2  HO2  sing N N 137 
GOL C3  O3   sing N N 138 
GOL C3  H31  sing N N 139 
GOL C3  H32  sing N N 140 
GOL O3  HO3  sing N N 141 
H28 O12 C11  doub N N 142 
H28 CL1 C2   sing N N 143 
H28 F34 C33  sing N N 144 
H28 C11 N13  sing N N 145 
H28 C11 C9   sing N N 146 
H28 C2  C33  doub Y N 147 
H28 C2  C3   sing Y N 148 
H28 N13 C14  doub N N 149 
H28 C33 C6   sing Y N 150 
H28 C3  C4   doub Y N 151 
H28 C6  C7   sing N N 152 
H28 C6  C5   doub Y N 153 
H28 C4  C5   sing Y N 154 
H28 C7  C9   sing N N 155 
H28 C7  C22  sing N N 156 
H28 C9  C15  sing N N 157 
H28 C14 C15  sing N N 158 
H28 C31 C30  doub Y N 159 
H28 C31 C32  sing Y N 160 
H28 C30 C28  sing Y N 161 
H28 C15 N17  sing N N 162 
H28 C22 C32  sing N N 163 
H28 C22 N17  sing N N 164 
H28 C22 C23  sing N N 165 
H28 C32 C26  doub Y N 166 
H28 N17 C18  sing N N 167 
H28 C28 CL9  sing N N 168 
H28 C28 C27  doub Y N 169 
H28 C21 C19  sing N N 170 
H28 C21 C20  sing N N 171 
H28 C26 C27  sing Y N 172 
H28 C26 N25  sing N N 173 
H28 C23 O24  doub N N 174 
H28 C23 N25  sing N N 175 
H28 C19 C18  sing N N 176 
H28 C19 C20  sing N N 177 
H28 C4  H1   sing N N 178 
H28 C5  H2   sing N N 179 
H28 C7  H3   sing N N 180 
H28 C15 H4   sing N N 181 
H28 C20 H5   sing N N 182 
H28 C20 H6   sing N N 183 
H28 C21 H7   sing N N 184 
H28 C21 H8   sing N N 185 
H28 C3  H9   sing N N 186 
H28 C9  H10  sing N N 187 
H28 C14 H11  sing N N 188 
H28 C18 H13  sing N N 189 
H28 C18 H14  sing N N 190 
H28 C19 H15  sing N N 191 
H28 N25 H16  sing N N 192 
H28 C27 H17  sing N N 193 
H28 C30 H18  sing N N 194 
H28 C31 H19  sing N N 195 
HIS N   CA   sing N N 196 
HIS N   H    sing N N 197 
HIS N   H2   sing N N 198 
HIS CA  C    sing N N 199 
HIS CA  CB   sing N N 200 
HIS CA  HA   sing N N 201 
HIS C   O    doub N N 202 
HIS C   OXT  sing N N 203 
HIS CB  CG   sing N N 204 
HIS CB  HB2  sing N N 205 
HIS CB  HB3  sing N N 206 
HIS CG  ND1  sing Y N 207 
HIS CG  CD2  doub Y N 208 
HIS ND1 CE1  doub Y N 209 
HIS ND1 HD1  sing N N 210 
HIS CD2 NE2  sing Y N 211 
HIS CD2 HD2  sing N N 212 
HIS CE1 NE2  sing Y N 213 
HIS CE1 HE1  sing N N 214 
HIS NE2 HE2  sing N N 215 
HIS OXT HXT  sing N N 216 
HOH O   H1   sing N N 217 
HOH O   H2   sing N N 218 
ILE N   CA   sing N N 219 
ILE N   H    sing N N 220 
ILE N   H2   sing N N 221 
ILE CA  C    sing N N 222 
ILE CA  CB   sing N N 223 
ILE CA  HA   sing N N 224 
ILE C   O    doub N N 225 
ILE C   OXT  sing N N 226 
ILE CB  CG1  sing N N 227 
ILE CB  CG2  sing N N 228 
ILE CB  HB   sing N N 229 
ILE CG1 CD1  sing N N 230 
ILE CG1 HG12 sing N N 231 
ILE CG1 HG13 sing N N 232 
ILE CG2 HG21 sing N N 233 
ILE CG2 HG22 sing N N 234 
ILE CG2 HG23 sing N N 235 
ILE CD1 HD11 sing N N 236 
ILE CD1 HD12 sing N N 237 
ILE CD1 HD13 sing N N 238 
ILE OXT HXT  sing N N 239 
LEU N   CA   sing N N 240 
LEU N   H    sing N N 241 
LEU N   H2   sing N N 242 
LEU CA  C    sing N N 243 
LEU CA  CB   sing N N 244 
LEU CA  HA   sing N N 245 
LEU C   O    doub N N 246 
LEU C   OXT  sing N N 247 
LEU CB  CG   sing N N 248 
LEU CB  HB2  sing N N 249 
LEU CB  HB3  sing N N 250 
LEU CG  CD1  sing N N 251 
LEU CG  CD2  sing N N 252 
LEU CG  HG   sing N N 253 
LEU CD1 HD11 sing N N 254 
LEU CD1 HD12 sing N N 255 
LEU CD1 HD13 sing N N 256 
LEU CD2 HD21 sing N N 257 
LEU CD2 HD22 sing N N 258 
LEU CD2 HD23 sing N N 259 
LEU OXT HXT  sing N N 260 
LYS N   CA   sing N N 261 
LYS N   H    sing N N 262 
LYS N   H2   sing N N 263 
LYS CA  C    sing N N 264 
LYS CA  CB   sing N N 265 
LYS CA  HA   sing N N 266 
LYS C   O    doub N N 267 
LYS C   OXT  sing N N 268 
LYS CB  CG   sing N N 269 
LYS CB  HB2  sing N N 270 
LYS CB  HB3  sing N N 271 
LYS CG  CD   sing N N 272 
LYS CG  HG2  sing N N 273 
LYS CG  HG3  sing N N 274 
LYS CD  CE   sing N N 275 
LYS CD  HD2  sing N N 276 
LYS CD  HD3  sing N N 277 
LYS CE  NZ   sing N N 278 
LYS CE  HE2  sing N N 279 
LYS CE  HE3  sing N N 280 
LYS NZ  HZ1  sing N N 281 
LYS NZ  HZ2  sing N N 282 
LYS NZ  HZ3  sing N N 283 
LYS OXT HXT  sing N N 284 
MET N   CA   sing N N 285 
MET N   H    sing N N 286 
MET N   H2   sing N N 287 
MET CA  C    sing N N 288 
MET CA  CB   sing N N 289 
MET CA  HA   sing N N 290 
MET C   O    doub N N 291 
MET C   OXT  sing N N 292 
MET CB  CG   sing N N 293 
MET CB  HB2  sing N N 294 
MET CB  HB3  sing N N 295 
MET CG  SD   sing N N 296 
MET CG  HG2  sing N N 297 
MET CG  HG3  sing N N 298 
MET SD  CE   sing N N 299 
MET CE  HE1  sing N N 300 
MET CE  HE2  sing N N 301 
MET CE  HE3  sing N N 302 
MET OXT HXT  sing N N 303 
PHE N   CA   sing N N 304 
PHE N   H    sing N N 305 
PHE N   H2   sing N N 306 
PHE CA  C    sing N N 307 
PHE CA  CB   sing N N 308 
PHE CA  HA   sing N N 309 
PHE C   O    doub N N 310 
PHE C   OXT  sing N N 311 
PHE CB  CG   sing N N 312 
PHE CB  HB2  sing N N 313 
PHE CB  HB3  sing N N 314 
PHE CG  CD1  doub Y N 315 
PHE CG  CD2  sing Y N 316 
PHE CD1 CE1  sing Y N 317 
PHE CD1 HD1  sing N N 318 
PHE CD2 CE2  doub Y N 319 
PHE CD2 HD2  sing N N 320 
PHE CE1 CZ   doub Y N 321 
PHE CE1 HE1  sing N N 322 
PHE CE2 CZ   sing Y N 323 
PHE CE2 HE2  sing N N 324 
PHE CZ  HZ   sing N N 325 
PHE OXT HXT  sing N N 326 
PRO N   CA   sing N N 327 
PRO N   CD   sing N N 328 
PRO N   H    sing N N 329 
PRO CA  C    sing N N 330 
PRO CA  CB   sing N N 331 
PRO CA  HA   sing N N 332 
PRO C   O    doub N N 333 
PRO C   OXT  sing N N 334 
PRO CB  CG   sing N N 335 
PRO CB  HB2  sing N N 336 
PRO CB  HB3  sing N N 337 
PRO CG  CD   sing N N 338 
PRO CG  HG2  sing N N 339 
PRO CG  HG3  sing N N 340 
PRO CD  HD2  sing N N 341 
PRO CD  HD3  sing N N 342 
PRO OXT HXT  sing N N 343 
SER N   CA   sing N N 344 
SER N   H    sing N N 345 
SER N   H2   sing N N 346 
SER CA  C    sing N N 347 
SER CA  CB   sing N N 348 
SER CA  HA   sing N N 349 
SER C   O    doub N N 350 
SER C   OXT  sing N N 351 
SER CB  OG   sing N N 352 
SER CB  HB2  sing N N 353 
SER CB  HB3  sing N N 354 
SER OG  HG   sing N N 355 
SER OXT HXT  sing N N 356 
SO4 S   O1   doub N N 357 
SO4 S   O2   doub N N 358 
SO4 S   O3   sing N N 359 
SO4 S   O4   sing N N 360 
THR N   CA   sing N N 361 
THR N   H    sing N N 362 
THR N   H2   sing N N 363 
THR CA  C    sing N N 364 
THR CA  CB   sing N N 365 
THR CA  HA   sing N N 366 
THR C   O    doub N N 367 
THR C   OXT  sing N N 368 
THR CB  OG1  sing N N 369 
THR CB  CG2  sing N N 370 
THR CB  HB   sing N N 371 
THR OG1 HG1  sing N N 372 
THR CG2 HG21 sing N N 373 
THR CG2 HG22 sing N N 374 
THR CG2 HG23 sing N N 375 
THR OXT HXT  sing N N 376 
TYR N   CA   sing N N 377 
TYR N   H    sing N N 378 
TYR N   H2   sing N N 379 
TYR CA  C    sing N N 380 
TYR CA  CB   sing N N 381 
TYR CA  HA   sing N N 382 
TYR C   O    doub N N 383 
TYR C   OXT  sing N N 384 
TYR CB  CG   sing N N 385 
TYR CB  HB2  sing N N 386 
TYR CB  HB3  sing N N 387 
TYR CG  CD1  doub Y N 388 
TYR CG  CD2  sing Y N 389 
TYR CD1 CE1  sing Y N 390 
TYR CD1 HD1  sing N N 391 
TYR CD2 CE2  doub Y N 392 
TYR CD2 HD2  sing N N 393 
TYR CE1 CZ   doub Y N 394 
TYR CE1 HE1  sing N N 395 
TYR CE2 CZ   sing Y N 396 
TYR CE2 HE2  sing N N 397 
TYR CZ  OH   sing N N 398 
TYR OH  HH   sing N N 399 
TYR OXT HXT  sing N N 400 
VAL N   CA   sing N N 401 
VAL N   H    sing N N 402 
VAL N   H2   sing N N 403 
VAL CA  C    sing N N 404 
VAL CA  CB   sing N N 405 
VAL CA  HA   sing N N 406 
VAL C   O    doub N N 407 
VAL C   OXT  sing N N 408 
VAL CB  CG1  sing N N 409 
VAL CB  CG2  sing N N 410 
VAL CB  HB   sing N N 411 
VAL CG1 HG11 sing N N 412 
VAL CG1 HG12 sing N N 413 
VAL CG1 HG13 sing N N 414 
VAL CG2 HG21 sing N N 415 
VAL CG2 HG22 sing N N 416 
VAL CG2 HG23 sing N N 417 
VAL OXT HXT  sing N N 418 
# 
_atom_sites.entry_id                    6I3S 
_atom_sites.fract_transf_matrix[1][1]   0.00338165 
_atom_sites.fract_transf_matrix[1][2]   -0.01801741 
_atom_sites.fract_transf_matrix[1][3]   0.00938855 
_atom_sites.fract_transf_matrix[2][1]   0.00014272 
_atom_sites.fract_transf_matrix[2][2]   -0.01744749 
_atom_sites.fract_transf_matrix[2][3]   -0.01094350 
_atom_sites.fract_transf_matrix[3][1]   0.00934751 
_atom_sites.fract_transf_matrix[3][2]   0.00099299 
_atom_sites.fract_transf_matrix[3][3]   -0.00146124 
_atom_sites.fract_transf_vector[1]      0.139377 
_atom_sites.fract_transf_vector[2]      0.349169 
_atom_sites.fract_transf_vector[3]      0.022955 
# 
loop_
_atom_type.symbol 
C  
CL 
F  
N  
O  
S  
# 
loop_
_atom_site.group_PDB 
_atom_site.id 
_atom_site.type_symbol 
_atom_site.label_atom_id 
_atom_site.label_alt_id 
_atom_site.label_comp_id 
_atom_site.label_asym_id 
_atom_site.label_entity_id 
_atom_site.label_seq_id 
_atom_site.pdbx_PDB_ins_code 
_atom_site.Cartn_x 
_atom_site.Cartn_y 
_atom_site.Cartn_z 
_atom_site.occupancy 
_atom_site.B_iso_or_equiv 
_atom_site.pdbx_formal_charge 
_atom_site.auth_seq_id 
_atom_site.auth_comp_id 
_atom_site.auth_asym_id 
_atom_site.auth_atom_id 
_atom_site.pdbx_PDB_model_num 
ATOM   1   N  N   . GLN A 1 1  ? -13.688 8.675   10.448  1.00 39.06 ? 18  GLN A N   1 
ATOM   2   C  CA  . GLN A 1 1  ? -13.801 7.257   9.987   1.00 43.02 ? 18  GLN A CA  1 
ATOM   3   C  C   . GLN A 1 1  ? -12.552 6.453   10.409  1.00 44.34 ? 18  GLN A C   1 
ATOM   4   O  O   . GLN A 1 1  ? -12.640 5.517   11.217  1.00 49.93 ? 18  GLN A O   1 
ATOM   5   C  CB  . GLN A 1 1  ? -14.007 7.240   8.463   1.00 53.58 ? 18  GLN A CB  1 
ATOM   6   C  CG  . GLN A 1 1  ? -14.356 5.891   7.842   1.00 61.53 ? 18  GLN A CG  1 
ATOM   7   C  CD  . GLN A 1 1  ? -15.780 5.447   8.135   1.00 56.89 ? 18  GLN A CD  1 
ATOM   8   O  OE1 . GLN A 1 1  ? -16.107 5.058   9.257   1.00 57.83 ? 18  GLN A OE1 1 
ATOM   9   N  NE2 . GLN A 1 1  ? -16.633 5.492   7.118   1.00 58.54 ? 18  GLN A NE2 1 
ATOM   10  N  N   . ILE A 1 2  ? -11.402 6.850   9.863   1.00 32.86 ? 19  ILE A N   1 
ATOM   11  C  CA  . ILE A 1 2  ? -10.099 6.274   10.177  1.00 31.86 ? 19  ILE A CA  1 
ATOM   12  C  C   . ILE A 1 2  ? -9.402  7.223   11.168  1.00 29.61 ? 19  ILE A C   1 
ATOM   13  O  O   . ILE A 1 2  ? -9.237  8.419   10.877  1.00 28.81 ? 19  ILE A O   1 
ATOM   14  C  CB  . ILE A 1 2  ? -9.211  6.152   8.926   1.00 29.77 ? 19  ILE A CB  1 
ATOM   15  C  CG1 . ILE A 1 2  ? -9.959  5.454   7.760   1.00 35.82 ? 19  ILE A CG1 1 
ATOM   16  C  CG2 . ILE A 1 2  ? -7.893  5.479   9.287   1.00 25.12 ? 19  ILE A CG2 1 
ATOM   17  C  CD1 . ILE A 1 2  ? -9.511  4.055   7.403   1.00 22.03 ? 19  ILE A CD1 1 
ATOM   18  N  N   . PRO A 1 3  ? -9.006  6.712   12.347  1.00 18.95 ? 20  PRO A N   1 
ATOM   19  C  CA  . PRO A 1 3  ? -8.275  7.569   13.280  1.00 13.87 ? 20  PRO A CA  1 
ATOM   20  C  C   . PRO A 1 3  ? -6.853  7.919   12.788  1.00 12.23 ? 20  PRO A C   1 
ATOM   21  O  O   . PRO A 1 3  ? -6.159  7.103   12.157  1.00 12.45 ? 20  PRO A O   1 
ATOM   22  C  CB  . PRO A 1 3  ? -8.264  6.749   14.563  1.00 12.95 ? 20  PRO A CB  1 
ATOM   23  C  CG  . PRO A 1 3  ? -8.312  5.334   14.092  1.00 17.09 ? 20  PRO A CG  1 
ATOM   24  C  CD  . PRO A 1 3  ? -9.239  5.368   12.918  1.00 18.19 ? 20  PRO A CD  1 
ATOM   25  N  N   . ALA A 1 4  ? -6.449  9.151   13.099  1.00 14.24 ? 21  ALA A N   1 
ATOM   26  C  CA  . ALA A 1 4  ? -5.100  9.643   12.828  1.00 17.40 ? 21  ALA A CA  1 
ATOM   27  C  C   . ALA A 1 4  ? -4.030  8.742   13.424  1.00 15.08 ? 21  ALA A C   1 
ATOM   28  O  O   . ALA A 1 4  ? -2.984  8.563   12.811  1.00 21.76 ? 21  ALA A O   1 
ATOM   29  C  CB  . ALA A 1 4  ? -4.919  11.047  13.371  1.00 16.39 ? 21  ALA A CB  1 
ATOM   30  N  N   . SER A 1 5  ? -4.300  8.161   14.598  1.00 13.44 ? 22  SER A N   1 
ATOM   31  C  CA  . SER A 1 5  ? -3.328  7.271   15.256  1.00 13.57 ? 22  SER A CA  1 
ATOM   32  C  C   . SER A 1 5  ? -2.902  6.064   14.399  1.00 12.00 ? 22  SER A C   1 
ATOM   33  O  O   . SER A 1 5  ? -1.810  5.492   14.602  1.00 11.55 ? 22  SER A O   1 
ATOM   34  C  CB  . SER A 1 5  ? -3.871  6.789   16.600  1.00 14.16 ? 22  SER A CB  1 
ATOM   35  O  OG  . SER A 1 5  ? -5.025  5.942   16.428  1.00 11.42 ? 22  SER A OG  1 
ATOM   36  N  N   . GLU A 1 6  ? -3.731  5.668   13.418  1.00 12.68 ? 23  GLU A N   1 
ATOM   37  C  CA  . GLU A 1 6  ? -3.422  4.503   12.581  1.00 15.31 ? 23  GLU A CA  1 
ATOM   38  C  C   . GLU A 1 6  ? -2.063  4.637   11.905  1.00 13.80 ? 23  GLU A C   1 
ATOM   39  O  O   . GLU A 1 6  ? -1.315  3.663   11.763  1.00 15.67 ? 23  GLU A O   1 
ATOM   40  C  CB  . GLU A 1 6  ? -4.539  4.262   11.537  1.00 13.35 ? 23  GLU A CB  1 
ATOM   41  C  CG  . GLU A 1 6  ? -4.201  3.244   10.439  1.00 18.88 ? 23  GLU A CG  1 
ATOM   42  C  CD  . GLU A 1 6  ? -3.811  1.847   10.923  1.00 19.63 ? 23  GLU A CD  1 
ATOM   43  O  OE1 . GLU A 1 6  ? -3.809  1.585   12.102  1.00 25.54 ? 23  GLU A OE1 1 
ATOM   44  O  OE2 . GLU A 1 6  ? -3.426  0.995   10.078  1.00 29.02 ? 23  GLU A OE2 1 
ATOM   45  N  N   . GLN A 1 7  ? -1.744  5.848   11.466  1.00 15.66 ? 24  GLN A N   1 
ATOM   46  C  CA  . GLN A 1 7  ? -0.488  6.092   10.768  1.00 16.15 ? 24  GLN A CA  1 
ATOM   47  C  C   . GLN A 1 7  ? 0.797   5.925   11.634  1.00 13.53 ? 24  GLN A C   1 
ATOM   48  O  O   . GLN A 1 7  ? 1.900   5.765   11.071  1.00 13.04 ? 24  GLN A O   1 
ATOM   49  C  CB  . GLN A 1 7  ? -0.558  7.468   10.114  1.00 21.05 ? 24  GLN A CB  1 
ATOM   50  C  CG  . GLN A 1 7  ? -1.540  7.469   8.940   1.00 31.70 ? 24  GLN A CG  1 
ATOM   51  C  CD  . GLN A 1 7  ? -1.133  8.383   7.798   1.00 39.69 ? 24  GLN A CD  1 
ATOM   52  O  OE1 . GLN A 1 7  ? -0.257  9.239   7.948   1.00 47.72 ? 24  GLN A OE1 1 
ATOM   53  N  NE2 . GLN A 1 7  ? -1.789  8.223   6.658   1.00 40.49 ? 24  GLN A NE2 1 
ATOM   54  N  N   . GLU A 1 8  ? 0.657   5.969   12.960  1.00 10.95 ? 25  GLU A N   1 
ATOM   55  C  CA  . GLU A 1 8  ? 1.770   5.723   13.912  1.00 14.52 ? 25  GLU A CA  1 
ATOM   56  C  C   . GLU A 1 8  ? 2.094   4.239   14.105  1.00 11.27 ? 25  GLU A C   1 
ATOM   57  O  O   . GLU A 1 8  ? 3.100   3.926   14.716  1.00 13.06 ? 25  GLU A O   1 
ATOM   58  C  CB  . GLU A 1 8  ? 1.465   6.292   15.292  1.00 17.42 ? 25  GLU A CB  1 
ATOM   59  C  CG  . GLU A 1 8  ? 1.806   7.731   15.494  1.00 25.40 ? 25  GLU A CG  1 
ATOM   60  C  CD  . GLU A 1 8  ? 1.045   8.240   16.667  1.00 30.13 ? 25  GLU A CD  1 
ATOM   61  O  OE1 . GLU A 1 8  ? 1.565   8.240   17.807  1.00 23.82 ? 25  GLU A OE1 1 
ATOM   62  O  OE2 . GLU A 1 8  ? -0.130  8.520   16.423  1.00 30.48 ? 25  GLU A OE2 1 
ATOM   63  N  N   . THR A 1 9  ? 1.239   3.335   13.614  1.00 14.55 ? 26  THR A N   1 
ATOM   64  C  CA  . THR A 1 9  ? 1.394   1.901   13.821  1.00 14.39 ? 26  THR A CA  1 
ATOM   65  C  C   . THR A 1 9  ? 2.712   1.432   13.229  1.00 11.95 ? 26  THR A C   1 
ATOM   66  O  O   . THR A 1 9  ? 3.057   1.843   12.109  1.00 12.69 ? 26  THR A O   1 
ATOM   67  C  CB  . THR A 1 9  ? 0.235   1.110   13.158  1.00 14.08 ? 26  THR A CB  1 
ATOM   68  O  OG1 . THR A 1 9  ? -0.993  1.524   13.745  1.00 13.83 ? 26  THR A OG1 1 
ATOM   69  C  CG2 . THR A 1 9  ? 0.396   -0.400  13.369  1.00 12.51 ? 26  THR A CG2 1 
ATOM   70  N  N   . LEU A 1 10 ? 3.459   0.650   14.007  1.00 12.71 ? 27  LEU A N   1 
ATOM   71  C  CA  . LEU A 1 10 ? 4.761   0.153   13.541  1.00 14.01 ? 27  LEU A CA  1 
ATOM   72  C  C   . LEU A 1 10 ? 4.569   -1.239  12.947  1.00 11.45 ? 27  LEU A C   1 
ATOM   73  O  O   . LEU A 1 10 ? 3.894   -2.071  13.560  1.00 11.58 ? 27  LEU A O   1 
ATOM   74  C  CB  . LEU A 1 10 ? 5.779   0.119   14.696  1.00 14.43 ? 27  LEU A CB  1 
ATOM   75  C  CG  . LEU A 1 10 ? 6.193   1.475   15.286  1.00 23.25 ? 27  LEU A CG  1 
ATOM   76  C  CD1 . LEU A 1 10 ? 7.018   1.339   16.565  1.00 20.13 ? 27  LEU A CD1 1 
ATOM   77  C  CD2 . LEU A 1 10 ? 6.970   2.271   14.247  1.00 21.20 ? 27  LEU A CD2 1 
ATOM   78  N  N   . VAL A 1 11 ? 5.193   -1.498  11.799  1.00 10.45 ? 28  VAL A N   1 
ATOM   79  C  CA  . VAL A 1 11 ? 4.965   -2.723  11.024  1.00 14.71 ? 28  VAL A CA  1 
ATOM   80  C  C   . VAL A 1 11 ? 6.264   -3.306  10.467  1.00 16.08 ? 28  VAL A C   1 
ATOM   81  O  O   . VAL A 1 11 ? 7.242   -2.570  10.215  1.00 15.06 ? 28  VAL A O   1 
ATOM   82  C  CB  . VAL A 1 11 ? 3.956   -2.495  9.859   1.00 13.59 ? 28  VAL A CB  1 
ATOM   83  C  CG1 . VAL A 1 11 ? 2.634   -2.003  10.422  1.00 14.75 ? 28  VAL A CG1 1 
ATOM   84  C  CG2 . VAL A 1 11 ? 4.489   -1.486  8.811   1.00 15.54 ? 28  VAL A CG2 1 
ATOM   85  N  N   . ARG A 1 12 ? 6.258   -4.626  10.318  1.00 14.94 ? 29  ARG A N   1 
ATOM   86  C  CA  . ARG A 1 12 ? 7.325   -5.365  9.643   1.00 17.77 ? 29  ARG A CA  1 
ATOM   87  C  C   . ARG A 1 12 ? 6.719   -6.013  8.413   1.00 17.83 ? 29  ARG A C   1 
ATOM   88  O  O   . ARG A 1 12 ? 5.939   -6.967  8.528   1.00 13.69 ? 29  ARG A O   1 
ATOM   89  C  CB  . ARG A 1 12 ? 7.969   -6.394  10.550  1.00 18.29 ? 29  ARG A CB  1 
ATOM   90  C  CG  . ARG A 1 12 ? 8.677   -5.752  11.723  1.00 27.18 ? 29  ARG A CG  1 
ATOM   91  C  CD  . ARG A 1 12 ? 9.806   -6.588  12.303  1.00 27.19 ? 29  ARG A CD  1 
ATOM   92  N  NE  . ARG A 1 12 ? 10.311  -5.952  13.528  1.00 36.14 ? 29  ARG A NE  1 
ATOM   93  C  CZ  . ARG A 1 12 ? 11.527  -6.102  14.054  1.00 52.58 ? 29  ARG A CZ  1 
ATOM   94  N  NH1 . ARG A 1 12 ? 12.452  -6.882  13.482  1.00 73.82 ? 29  ARG A NH1 1 
ATOM   95  N  NH2 . ARG A 1 12 ? 11.831  -5.448  15.177  1.00 48.56 ? 29  ARG A NH2 1 
ATOM   96  N  N   . PRO A 1 13 ? 7.067   -5.491  7.236   1.00 14.99 ? 30  PRO A N   1 
ATOM   97  C  CA  . PRO A 1 13 ? 6.476   -6.033  6.011   1.00 15.96 ? 30  PRO A CA  1 
ATOM   98  C  C   . PRO A 1 13 ? 6.912   -7.481  5.763   1.00 14.03 ? 30  PRO A C   1 
ATOM   99  O  O   . PRO A 1 13 ? 8.048   -7.869  6.044   1.00 16.77 ? 30  PRO A O   1 
ATOM   100 C  CB  . PRO A 1 13 ? 6.988   -5.087  4.922   1.00 22.35 ? 30  PRO A CB  1 
ATOM   101 C  CG  . PRO A 1 13 ? 8.244   -4.506  5.478   1.00 29.80 ? 30  PRO A CG  1 
ATOM   102 C  CD  . PRO A 1 13 ? 8.055   -4.428  6.959   1.00 18.99 ? 30  PRO A CD  1 
ATOM   103 N  N   . LYS A 1 14 ? 5.973   -8.276  5.250   1.00 18.16 ? 31  LYS A N   1 
ATOM   104 C  CA  . LYS A 1 14 ? 6.253   -9.601  4.735   1.00 18.14 ? 31  LYS A CA  1 
ATOM   105 C  C   . LYS A 1 14 ? 7.082   -9.453  3.454   1.00 14.66 ? 31  LYS A C   1 
ATOM   106 O  O   . LYS A 1 14 ? 7.206   -8.343  2.937   1.00 17.33 ? 31  LYS A O   1 
ATOM   107 C  CB  . LYS A 1 14 ? 4.941   -10.344 4.475   1.00 16.16 ? 31  LYS A CB  1 
ATOM   108 C  CG  . LYS A 1 14 ? 4.167   -10.641 5.752   1.00 16.03 ? 31  LYS A CG  1 
ATOM   109 C  CD  . LYS A 1 14 ? 2.904   -11.411 5.441   1.00 16.18 ? 31  LYS A CD  1 
ATOM   110 C  CE  . LYS A 1 14 ? 2.102   -11.620 6.712   1.00 17.40 ? 31  LYS A CE  1 
ATOM   111 N  NZ  . LYS A 1 14 ? 0.821   -12.326 6.447   1.00 19.30 ? 31  LYS A NZ  1 
ATOM   112 N  N   . PRO A 1 15 ? 7.679   -10.550 2.966   1.00 15.51 ? 32  PRO A N   1 
ATOM   113 C  CA  . PRO A 1 15 ? 8.639   -10.459 1.860   1.00 15.25 ? 32  PRO A CA  1 
ATOM   114 C  C   . PRO A 1 15 ? 8.173   -9.759  0.582   1.00 16.42 ? 32  PRO A C   1 
ATOM   115 O  O   . PRO A 1 15 ? 8.952   -8.996  0.006   1.00 17.69 ? 32  PRO A O   1 
ATOM   116 C  CB  . PRO A 1 15 ? 8.963   -11.937 1.576   1.00 15.03 ? 32  PRO A CB  1 
ATOM   117 C  CG  . PRO A 1 15 ? 8.879   -12.544 2.915   1.00 15.88 ? 32  PRO A CG  1 
ATOM   118 C  CD  . PRO A 1 15 ? 7.669   -11.918 3.520   1.00 15.38 ? 32  PRO A CD  1 
ATOM   119 N  N   . LEU A 1 16 ? 6.953   -10.015 0.121   1.00 16.17 ? 33  LEU A N   1 
ATOM   120 C  CA  . LEU A 1 16 ? 6.510   -9.413  -1.141  1.00 16.75 ? 33  LEU A CA  1 
ATOM   121 C  C   . LEU A 1 16 ? 6.260   -7.902  -0.974  1.00 15.51 ? 33  LEU A C   1 
ATOM   122 O  O   . LEU A 1 16 ? 6.612   -7.114  -1.845  1.00 15.78 ? 33  LEU A O   1 
ATOM   123 C  CB  . LEU A 1 16 ? 5.277   -10.122 -1.724  1.00 19.63 ? 33  LEU A CB  1 
ATOM   124 C  CG  . LEU A 1 16 ? 4.758   -9.601  -3.076  1.00 25.70 ? 33  LEU A CG  1 
ATOM   125 C  CD1 . LEU A 1 16 ? 5.918   -9.403  -4.041  1.00 27.45 ? 33  LEU A CD1 1 
ATOM   126 C  CD2 . LEU A 1 16 ? 3.693   -10.532 -3.669  1.00 26.86 ? 33  LEU A CD2 1 
ATOM   127 N  N   . LEU A 1 17 ? 5.681   -7.493  0.158   1.00 15.26 ? 34  LEU A N   1 
ATOM   128 C  CA  . LEU A 1 17 ? 5.529   -6.059  0.462   1.00 14.32 ? 34  LEU A CA  1 
ATOM   129 C  C   . LEU A 1 17 ? 6.893   -5.409  0.583   1.00 13.72 ? 34  LEU A C   1 
ATOM   130 O  O   . LEU A 1 17 ? 7.096   -4.309  0.071   1.00 15.26 ? 34  LEU A O   1 
ATOM   131 C  CB  . LEU A 1 17 ? 4.732   -5.809  1.762   1.00 15.21 ? 34  LEU A CB  1 
ATOM   132 C  CG  . LEU A 1 17 ? 4.590   -4.331  2.209   1.00 20.32 ? 34  LEU A CG  1 
ATOM   133 C  CD1 . LEU A 1 17 ? 4.044   -3.396  1.129   1.00 19.87 ? 34  LEU A CD1 1 
ATOM   134 C  CD2 . LEU A 1 17 ? 3.697   -4.229  3.435   1.00 15.56 ? 34  LEU A CD2 1 
ATOM   135 N  N   . LEU A 1 18 ? 7.821   -6.076  1.250   1.00 13.40 ? 35  LEU A N   1 
ATOM   136 C  CA  . LEU A 1 18 ? 9.164   -5.508  1.401   1.00 16.29 ? 35  LEU A CA  1 
ATOM   137 C  C   . LEU A 1 18 ? 9.821   -5.284  0.033   1.00 16.37 ? 35  LEU A C   1 
ATOM   138 O  O   . LEU A 1 18 ? 10.484  -4.270  -0.173  1.00 13.83 ? 35  LEU A O   1 
ATOM   139 C  CB  . LEU A 1 18 ? 10.032  -6.384  2.264   1.00 14.01 ? 35  LEU A CB  1 
ATOM   140 C  CG  . LEU A 1 18 ? 11.441  -5.872  2.569   1.00 20.21 ? 35  LEU A CG  1 
ATOM   141 C  CD1 . LEU A 1 18 ? 11.386  -4.538  3.308   1.00 21.58 ? 35  LEU A CD1 1 
ATOM   142 C  CD2 . LEU A 1 18 ? 12.219  -6.934  3.341   1.00 19.72 ? 35  LEU A CD2 1 
ATOM   143 N  N   . LYS A 1 19 ? 9.630   -6.245  -0.873  1.00 14.00 ? 36  LYS A N   1 
ATOM   144 C  CA  . LYS A 1 19 ? 10.149  -6.179  -2.245  1.00 16.52 ? 36  LYS A CA  1 
ATOM   145 C  C   . LYS A 1 19 ? 9.620   -4.936  -2.973  1.00 14.69 ? 36  LYS A C   1 
ATOM   146 O  O   . LYS A 1 19 ? 10.406  -4.204  -3.626  1.00 15.38 ? 36  LYS A O   1 
ATOM   147 C  CB  . LYS A 1 19 ? 9.804   -7.486  -2.990  1.00 20.86 ? 36  LYS A CB  1 
ATOM   148 C  CG  . LYS A 1 19 ? 10.177  -7.549  -4.452  1.00 21.60 ? 36  LYS A CG  1 
ATOM   149 C  CD  . LYS A 1 19 ? 9.680   -8.866  -5.048  1.00 27.44 ? 36  LYS A CD  1 
ATOM   150 C  CE  . LYS A 1 19 ? 10.099  -9.050  -6.491  1.00 30.26 ? 36  LYS A CE  1 
ATOM   151 N  NZ  . LYS A 1 19 ? 11.531  -8.733  -6.708  1.00 31.91 ? 36  LYS A NZ  1 
ATOM   152 N  N   . LEU A 1 20 ? 8.318   -4.686  -2.851  1.00 15.29 ? 37  LEU A N   1 
ATOM   153 C  CA  . LEU A 1 20 ? 7.692   -3.449  -3.409  1.00 17.30 ? 37  LEU A CA  1 
ATOM   154 C  C   . LEU A 1 20 ? 8.254   -2.168  -2.763  1.00 15.43 ? 37  LEU A C   1 
ATOM   155 O  O   . LEU A 1 20 ? 8.645   -1.240  -3.471  1.00 16.13 ? 37  LEU A O   1 
ATOM   156 C  CB  . LEU A 1 20 ? 6.149   -3.492  -3.316  1.00 19.21 ? 37  LEU A CB  1 
ATOM   157 C  CG  . LEU A 1 20 ? 5.294   -4.287  -4.308  1.00 30.62 ? 37  LEU A CG  1 
ATOM   158 C  CD1 . LEU A 1 20 ? 3.947   -3.589  -4.490  1.00 32.85 ? 37  LEU A CD1 1 
ATOM   159 C  CD2 . LEU A 1 20 ? 5.954   -4.416  -5.666  1.00 32.45 ? 37  LEU A CD2 1 
ATOM   160 N  N   . LEU A 1 21 ? 8.328   -2.149  -1.435  1.00 17.11 ? 38  LEU A N   1 
ATOM   161 C  CA  . LEU A 1 21 ? 8.857   -1.003  -0.694  1.00 16.54 ? 38  LEU A CA  1 
ATOM   162 C  C   . LEU A 1 21 ? 10.285  -0.681  -1.100  1.00 15.66 ? 38  LEU A C   1 
ATOM   163 O  O   . LEU A 1 21 ? 10.645  0.490   -1.295  1.00 16.41 ? 38  LEU A O   1 
ATOM   164 C  CB  . LEU A 1 21 ? 8.751   -1.249  0.817   1.00 15.42 ? 38  LEU A CB  1 
ATOM   165 C  CG  . LEU A 1 21 ? 7.328   -1.274  1.392   1.00 14.13 ? 38  LEU A CG  1 
ATOM   166 C  CD1 . LEU A 1 21 ? 7.294   -1.631  2.865   1.00 15.63 ? 38  LEU A CD1 1 
ATOM   167 C  CD2 . LEU A 1 21 ? 6.618   0.038   1.124   1.00 17.27 ? 38  LEU A CD2 1 
ATOM   168 N  N   . LYS A 1 22 ? 11.105  -1.717  -1.275  1.00 14.89 ? 39  LYS A N   1 
ATOM   169 C  CA  . LYS A 1 22 ? 12.480  -1.520  -1.687  1.00 17.18 ? 39  LYS A CA  1 
ATOM   170 C  C   . LYS A 1 22 ? 12.675  -0.883  -3.059  1.00 15.93 ? 39  LYS A C   1 
ATOM   171 O  O   . LYS A 1 22 ? 13.720  -0.310  -3.288  1.00 14.80 ? 39  LYS A O   1 
ATOM   172 C  CB  . LYS A 1 22 ? 13.269  -2.835  -1.618  1.00 24.91 ? 39  LYS A CB  1 
ATOM   173 C  CG  . LYS A 1 22 ? 13.663  -3.237  -0.213  1.00 33.01 ? 39  LYS A CG  1 
ATOM   174 C  CD  . LYS A 1 22 ? 14.175  -4.673  -0.184  1.00 33.91 ? 39  LYS A CD  1 
ATOM   175 C  CE  . LYS A 1 22 ? 15.465  -4.862  -0.969  1.00 37.91 ? 39  LYS A CE  1 
ATOM   176 N  NZ  . LYS A 1 22 ? 15.964  -6.258  -0.872  1.00 35.57 ? 39  LYS A NZ  1 
ATOM   177 N  N   . SER A 1 23 ? 11.685  -0.956  -3.968  1.00 14.04 ? 40  SER A N   1 
ATOM   178 C  CA  . SER A 1 23 ? 11.756  -0.230  -5.261  1.00 16.00 ? 40  SER A CA  1 
ATOM   179 C  C   . SER A 1 23 ? 11.493  1.288   -5.180  1.00 19.65 ? 40  SER A C   1 
ATOM   180 O  O   . SER A 1 23 ? 11.684  1.998   -6.180  1.00 16.06 ? 40  SER A O   1 
ATOM   181 C  CB  . SER A 1 23 ? 10.747  -0.832  -6.245  1.00 19.52 ? 40  SER A CB  1 
ATOM   182 O  OG  . SER A 1 23 ? 9.433   -0.520  -5.859  1.00 16.92 ? 40  SER A OG  1 
ATOM   183 N  N   . VAL A 1 24 ? 11.033  1.773   -4.026  1.00 15.15 ? 41  VAL A N   1 
ATOM   184 C  CA  . VAL A 1 24 ? 10.732  3.233   -3.832  1.00 20.02 ? 41  VAL A CA  1 
ATOM   185 C  C   . VAL A 1 24 ? 11.362  3.902   -2.623  1.00 19.38 ? 41  VAL A C   1 
ATOM   186 O  O   . VAL A 1 24 ? 11.385  5.122   -2.550  1.00 21.95 ? 41  VAL A O   1 
ATOM   187 C  CB  . VAL A 1 24 ? 9.196   3.503   -3.841  1.00 22.52 ? 41  VAL A CB  1 
ATOM   188 C  CG1 . VAL A 1 24 ? 8.632   3.303   -5.249  1.00 20.77 ? 41  VAL A CG1 1 
ATOM   189 C  CG2 . VAL A 1 24 ? 8.450   2.582   -2.862  1.00 19.79 ? 41  VAL A CG2 1 
ATOM   190 N  N   . GLY A 1 25 ? 11.870  3.131   -1.664  1.00 16.74 ? 42  GLY A N   1 
ATOM   191 C  CA  . GLY A 1 25 ? 12.379  3.691   -0.429  1.00 17.20 ? 42  GLY A CA  1 
ATOM   192 C  C   . GLY A 1 25 ? 13.533  2.886   0.108   1.00 19.21 ? 42  GLY A C   1 
ATOM   193 O  O   . GLY A 1 25 ? 13.783  1.783   -0.354  1.00 15.34 ? 42  GLY A O   1 
ATOM   194 N  N   . ALA A 1 26 ? 14.237  3.423   1.100   1.00 19.95 ? 43  ALA A N   1 
ATOM   195 C  CA  . ALA A 1 26 ? 15.399  2.721   1.649   1.00 20.18 ? 43  ALA A CA  1 
ATOM   196 C  C   . ALA A 1 26 ? 14.874  1.544   2.453   1.00 15.71 ? 43  ALA A C   1 
ATOM   197 O  O   . ALA A 1 26 ? 13.812  1.642   3.060   1.00 19.89 ? 43  ALA A O   1 
ATOM   198 C  CB  . ALA A 1 26 ? 16.278  3.636   2.515   1.00 25.93 ? 43  ALA A CB  1 
ATOM   199 N  N   . GLN A 1 27 ? 15.592  0.425   2.422   1.00 20.89 ? 44  GLN A N   1 
ATOM   200 C  CA  . GLN A 1 27 ? 15.193  -0.734  3.206   1.00 23.99 ? 44  GLN A CA  1 
ATOM   201 C  C   . GLN A 1 27 ? 15.491  -0.473  4.672   1.00 19.89 ? 44  GLN A C   1 
ATOM   202 O  O   . GLN A 1 27 ? 16.539  0.087   5.036   1.00 16.49 ? 44  GLN A O   1 
ATOM   203 C  CB  . GLN A 1 27 ? 15.904  -2.026  2.768   1.00 33.97 ? 44  GLN A CB  1 
ATOM   204 C  CG  . GLN A 1 27 ? 15.209  -3.288  3.300   1.00 45.44 ? 44  GLN A CG  1 
ATOM   205 C  CD  . GLN A 1 27 ? 15.873  -4.595  2.882   1.00 55.46 ? 44  GLN A CD  1 
ATOM   206 O  OE1 . GLN A 1 27 ? 16.644  -4.641  1.929   1.00 66.48 ? 44  GLN A OE1 1 
ATOM   207 N  NE2 . GLN A 1 27 ? 15.558  -5.673  3.590   1.00 53.39 ? 44  GLN A NE2 1 
ATOM   208 N  N   . LYS A 1 28 ? 14.555  -0.895  5.502   1.00 17.52 ? 45  LYS A N   1 
ATOM   209 C  CA  . LYS A 1 28 ? 14.790  -1.055  6.928   1.00 17.79 ? 45  LYS A CA  1 
ATOM   210 C  C   . LYS A 1 28 ? 13.827  -2.115  7.458   1.00 18.89 ? 45  LYS A C   1 
ATOM   211 O  O   . LYS A 1 28 ? 12.950  -2.568  6.746   1.00 22.66 ? 45  LYS A O   1 
ATOM   212 C  CB  . LYS A 1 28 ? 14.651  0.277   7.665   1.00 20.48 ? 45  LYS A CB  1 
ATOM   213 C  CG  . LYS A 1 28 ? 13.412  1.065   7.332   1.00 19.21 ? 45  LYS A CG  1 
ATOM   214 C  CD  . LYS A 1 28 ? 13.393  2.364   8.122   1.00 25.23 ? 45  LYS A CD  1 
ATOM   215 C  CE  . LYS A 1 28 ? 12.083  3.097   7.870   1.00 24.87 ? 45  LYS A CE  1 
ATOM   216 N  NZ  . LYS A 1 28 ? 11.920  4.217   8.826   1.00 21.59 ? 45  LYS A NZ  1 
ATOM   217 N  N   . ASP A 1 29 ? 14.039  -2.542  8.693   1.00 22.72 ? 46  ASP A N   1 
ATOM   218 C  CA  . ASP A 1 29 ? 13.336  -3.710  9.243   1.00 26.79 ? 46  ASP A CA  1 
ATOM   219 C  C   . ASP A 1 29 ? 11.881  -3.381  9.578   1.00 22.93 ? 46  ASP A C   1 
ATOM   220 O  O   . ASP A 1 29 ? 10.968  -4.151  9.241   1.00 19.65 ? 46  ASP A O   1 
ATOM   221 C  CB  . ASP A 1 29 ? 14.105  -4.242  10.457  1.00 26.35 ? 46  ASP A CB  1 
ATOM   222 C  CG  . ASP A 1 29 ? 15.529  -4.623  10.089  1.00 45.10 ? 46  ASP A CG  1 
ATOM   223 O  OD1 . ASP A 1 29 ? 16.288  -3.712  9.642   1.00 39.76 ? 46  ASP A OD1 1 
ATOM   224 O  OD2 . ASP A 1 29 ? 15.866  -5.826  10.205  1.00 38.23 ? 46  ASP A OD2 1 
ATOM   225 N  N   . THR A 1 30 ? 11.692  -2.189  10.124  1.00 21.30 ? 47  THR A N   1 
ATOM   226 C  CA  . THR A 1 30 ? 10.390  -1.717  10.594  1.00 22.82 ? 47  THR A CA  1 
ATOM   227 C  C   . THR A 1 30 ? 10.003  -0.380  9.939   1.00 22.89 ? 47  THR A C   1 
ATOM   228 O  O   . THR A 1 30 ? 10.857  0.509   9.753   1.00 21.17 ? 47  THR A O   1 
ATOM   229 C  CB  . THR A 1 30 ? 10.459  -1.545  12.114  1.00 23.15 ? 47  THR A CB  1 
ATOM   230 O  OG1 . THR A 1 30 ? 10.948  -2.765  12.693  1.00 28.71 ? 47  THR A OG1 1 
ATOM   231 C  CG2 . THR A 1 30 ? 9.095   -1.197  12.708  1.00 27.87 ? 47  THR A CG2 1 
ATOM   232 N  N   . TYR A 1 31 ? 8.723   -0.249  9.590   1.00 16.82 ? 48  TYR A N   1 
ATOM   233 C  CA  . TYR A 1 31 ? 8.187   0.995   9.036   1.00 17.18 ? 48  TYR A CA  1 
ATOM   234 C  C   . TYR A 1 31 ? 6.997   1.457   9.889   1.00 17.33 ? 48  TYR A C   1 
ATOM   235 O  O   . TYR A 1 31 ? 6.390   0.662   10.624  1.00 19.92 ? 48  TYR A O   1 
ATOM   236 C  CB  . TYR A 1 31 ? 7.715   0.764   7.599   1.00 16.91 ? 48  TYR A CB  1 
ATOM   237 C  CG  . TYR A 1 31 ? 8.825   0.377   6.611   1.00 16.57 ? 48  TYR A CG  1 
ATOM   238 C  CD1 . TYR A 1 31 ? 9.280   -0.943  6.512   1.00 13.99 ? 48  TYR A CD1 1 
ATOM   239 C  CD2 . TYR A 1 31 ? 9.409   1.337   5.782   1.00 19.76 ? 48  TYR A CD2 1 
ATOM   240 C  CE1 . TYR A 1 31 ? 10.279  -1.303  5.631   1.00 15.00 ? 48  TYR A CE1 1 
ATOM   241 C  CE2 . TYR A 1 31 ? 10.392  0.982   4.861   1.00 19.28 ? 48  TYR A CE2 1 
ATOM   242 C  CZ  . TYR A 1 31 ? 10.845  -0.335  4.811   1.00 19.91 ? 48  TYR A CZ  1 
ATOM   243 O  OH  . TYR A 1 31 ? 11.834  -0.689  3.912   1.00 17.67 ? 48  TYR A OH  1 
ATOM   244 N  N   . THR A 1 32 ? 6.693   2.746   9.829   1.00 14.83 ? 49  THR A N   1 
ATOM   245 C  CA  . THR A 1 32 ? 5.379   3.229   10.235  1.00 13.85 ? 49  THR A CA  1 
ATOM   246 C  C   . THR A 1 32 ? 4.351   2.981   9.132   1.00 13.10 ? 49  THR A C   1 
ATOM   247 O  O   . THR A 1 32 ? 4.684   2.840   7.951   1.00 14.15 ? 49  THR A O   1 
ATOM   248 C  CB  . THR A 1 32 ? 5.387   4.724   10.572  1.00 16.87 ? 49  THR A CB  1 
ATOM   249 O  OG1 . THR A 1 32 ? 5.717   5.473   9.407   1.00 14.80 ? 49  THR A OG1 1 
ATOM   250 C  CG2 . THR A 1 32 ? 6.366   5.051   11.763  1.00 18.09 ? 49  THR A CG2 1 
ATOM   251 N  N   . MET A 1 33 ? 3.081   2.957   9.519   1.00 15.33 ? 50  MET A N   1 
ATOM   252 C  CA  . MET A 1 33 ? 2.005   2.899   8.524   1.00 14.00 ? 50  MET A CA  1 
ATOM   253 C  C   . MET A 1 33 ? 1.989   4.128   7.630   1.00 11.61 ? 50  MET A C   1 
ATOM   254 O  O   . MET A 1 33 ? 1.725   3.991   6.416   1.00 15.70 ? 50  MET A O   1 
ATOM   255 C  CB  . MET A 1 33 ? 0.664   2.559   9.173   1.00 16.98 ? 50  MET A CB  1 
ATOM   256 C  CG  . MET A 1 33 ? 0.501   1.053   9.393   1.00 25.75 ? 50  MET A CG  1 
ATOM   257 S  SD  . MET A 1 33 ? 0.483   0.020   7.876   1.00 28.34 ? 50  MET A SD  1 
ATOM   258 C  CE  . MET A 1 33 ? -0.642  0.963   6.969   1.00 12.62 ? 50  MET A CE  1 
ATOM   259 N  N   . LYS A 1 34 ? 2.342   5.287   8.177   1.00 11.69 ? 51  LYS A N   1 
ATOM   260 C  CA  . LYS A 1 34 ? 2.567   6.490   7.344   1.00 14.46 ? 51  LYS A CA  1 
ATOM   261 C  C   . LYS A 1 34 ? 3.566   6.209   6.215   1.00 17.01 ? 51  LYS A C   1 
ATOM   262 O  O   . LYS A 1 34 ? 3.318   6.560   5.044   1.00 13.35 ? 51  LYS A O   1 
ATOM   263 C  CB  . LYS A 1 34 ? 3.084   7.662   8.196   1.00 14.35 ? 51  LYS A CB  1 
ATOM   264 C  CG  . LYS A 1 34 ? 3.325   8.947   7.389   1.00 16.76 ? 51  LYS A CG  1 
ATOM   265 C  CD  . LYS A 1 34 ? 3.561   10.149  8.275   1.00 19.16 ? 51  LYS A CD  1 
ATOM   266 C  CE  . LYS A 1 34 ? 4.163   11.313  7.511   1.00 27.93 ? 51  LYS A CE  1 
ATOM   267 N  NZ  . LYS A 1 34 ? 4.429   12.473  8.408   1.00 25.60 ? 51  LYS A NZ  1 
ATOM   268 N  N   . GLU A 1 35 ? 4.707   5.606   6.555   1.00 14.25 ? 52  GLU A N   1 
ATOM   269 C  CA  . GLU A 1 35 ? 5.729   5.267   5.536   1.00 13.92 ? 52  GLU A CA  1 
ATOM   270 C  C   . GLU A 1 35 ? 5.201   4.278   4.510   1.00 12.64 ? 52  GLU A C   1 
ATOM   271 O  O   . GLU A 1 35 ? 5.372   4.478   3.302   1.00 15.45 ? 52  GLU A O   1 
ATOM   272 C  CB  . GLU A 1 35 ? 6.990   4.708   6.183   1.00 14.11 ? 52  GLU A CB  1 
ATOM   273 C  CG  . GLU A 1 35 ? 7.854   5.739   6.892   1.00 14.94 ? 52  GLU A CG  1 
ATOM   274 C  CD  . GLU A 1 35 ? 9.004   5.081   7.656   1.00 22.00 ? 52  GLU A CD  1 
ATOM   275 O  OE1 . GLU A 1 35 ? 8.775   4.081   8.367   1.00 15.06 ? 52  GLU A OE1 1 
ATOM   276 O  OE2 . GLU A 1 35 ? 10.141  5.551   7.527   1.00 21.07 ? 52  GLU A OE2 1 
ATOM   277 N  N   . VAL A 1 36 ? 4.506   3.236   4.959   1.00 14.86 ? 53  VAL A N   1 
ATOM   278 C  CA  . VAL A 1 36 ? 4.000   2.223   4.040   1.00 14.68 ? 53  VAL A CA  1 
ATOM   279 C  C   . VAL A 1 36 ? 2.983   2.821   3.064   1.00 14.43 ? 53  VAL A C   1 
ATOM   280 O  O   . VAL A 1 36 ? 3.001   2.549   1.883   1.00 15.48 ? 53  VAL A O   1 
ATOM   281 C  CB  . VAL A 1 36 ? 3.405   1.027   4.801   1.00 16.20 ? 53  VAL A CB  1 
ATOM   282 C  CG1 . VAL A 1 36 ? 2.645   0.123   3.830   1.00 17.45 ? 53  VAL A CG1 1 
ATOM   283 C  CG2 . VAL A 1 36 ? 4.507   0.259   5.530   1.00 13.81 ? 53  VAL A CG2 1 
ATOM   284 N  N   . LEU A 1 37 ? 2.113   3.701   3.560   1.00 14.87 ? 54  LEU A N   1 
ATOM   285 C  CA  . LEU A 1 37 ? 1.143   4.367   2.685   1.00 14.00 ? 54  LEU A CA  1 
ATOM   286 C  C   . LEU A 1 37 ? 1.812   5.329   1.696   1.00 13.38 ? 54  LEU A C   1 
ATOM   287 O  O   . LEU A 1 37 ? 1.431   5.381   0.512   1.00 15.86 ? 54  LEU A O   1 
ATOM   288 C  CB  . LEU A 1 37 ? 0.104   5.147   3.512   1.00 14.86 ? 54  LEU A CB  1 
ATOM   289 C  CG  . LEU A 1 37 ? -0.963  4.290   4.138   1.00 20.12 ? 54  LEU A CG  1 
ATOM   290 C  CD1 . LEU A 1 37 ? -1.578  5.114   5.277   1.00 23.12 ? 54  LEU A CD1 1 
ATOM   291 C  CD2 . LEU A 1 37 ? -2.011  3.836   3.109   1.00 19.22 ? 54  LEU A CD2 1 
ATOM   292 N  N   . PHE A 1 38 ? 2.786   6.098   2.172   1.00 13.73 ? 55  PHE A N   1 
ATOM   293 C  CA  . PHE A 1 38 ? 3.534   6.973   1.299   1.00 13.85 ? 55  PHE A CA  1 
ATOM   294 C  C   . PHE A 1 38 ? 4.257   6.205   0.182   1.00 13.41 ? 55  PHE A C   1 
ATOM   295 O  O   . PHE A 1 38 ? 4.136   6.556   -0.990  1.00 13.21 ? 55  PHE A O   1 
ATOM   296 C  CB  . PHE A 1 38 ? 4.551   7.832   2.069   1.00 16.97 ? 55  PHE A CB  1 
ATOM   297 C  CG  . PHE A 1 38 ? 5.480   8.555   1.167   1.00 14.23 ? 55  PHE A CG  1 
ATOM   298 C  CD1 . PHE A 1 38 ? 5.092   9.736   0.543   1.00 14.66 ? 55  PHE A CD1 1 
ATOM   299 C  CD2 . PHE A 1 38 ? 6.741   8.030   0.893   1.00 13.57 ? 55  PHE A CD2 1 
ATOM   300 C  CE1 . PHE A 1 38 ? 5.953   10.376  -0.311  1.00 17.04 ? 55  PHE A CE1 1 
ATOM   301 C  CE2 . PHE A 1 38 ? 7.623   8.687   0.039   1.00 16.69 ? 55  PHE A CE2 1 
ATOM   302 C  CZ  . PHE A 1 38 ? 7.218   9.849   -0.568  1.00 16.21 ? 55  PHE A CZ  1 
ATOM   303 N  N   . TYR A 1 39 ? 5.035   5.181   0.558   1.00 13.65 ? 56  TYR A N   1 
ATOM   304 C  CA  . TYR A 1 39 ? 5.833   4.398   -0.390  1.00 14.89 ? 56  TYR A CA  1 
ATOM   305 C  C   . TYR A 1 39 ? 4.949   3.644   -1.389  1.00 15.23 ? 56  TYR A C   1 
ATOM   306 O  O   . TYR A 1 39 ? 5.220   3.708   -2.593  1.00 14.96 ? 56  TYR A O   1 
ATOM   307 C  CB  . TYR A 1 39 ? 6.832   3.480   0.324   1.00 13.23 ? 56  TYR A CB  1 
ATOM   308 C  CG  . TYR A 1 39 ? 7.956   4.211   1.045   1.00 13.79 ? 56  TYR A CG  1 
ATOM   309 C  CD1 . TYR A 1 39 ? 8.754   5.134   0.378   1.00 15.48 ? 56  TYR A CD1 1 
ATOM   310 C  CD2 . TYR A 1 39 ? 8.270   3.950   2.397   1.00 17.12 ? 56  TYR A CD2 1 
ATOM   311 C  CE1 . TYR A 1 39 ? 9.786   5.785   1.021   1.00 15.31 ? 56  TYR A CE1 1 
ATOM   312 C  CE2 . TYR A 1 39 ? 9.324   4.602   3.033   1.00 12.11 ? 56  TYR A CE2 1 
ATOM   313 C  CZ  . TYR A 1 39 ? 10.076  5.523   2.331   1.00 15.45 ? 56  TYR A CZ  1 
ATOM   314 O  OH  . TYR A 1 39 ? 11.116  6.232   2.870   1.00 15.40 ? 56  TYR A OH  1 
ATOM   315 N  N   . LEU A 1 40 ? 3.854   3.018   -0.929  1.00 14.32 ? 57  LEU A N   1 
ATOM   316 C  CA  . LEU A 1 40 ? 2.907   2.397   -1.848  1.00 14.18 ? 57  LEU A CA  1 
ATOM   317 C  C   . LEU A 1 40 ? 2.212   3.411   -2.760  1.00 16.04 ? 57  LEU A C   1 
ATOM   318 O  O   . LEU A 1 40 ? 2.053   3.121   -3.925  1.00 15.36 ? 57  LEU A O   1 
ATOM   319 C  CB  . LEU A 1 40 ? 1.891   1.514   -1.135  1.00 14.44 ? 57  LEU A CB  1 
ATOM   320 C  CG  . LEU A 1 40 ? 2.400   0.215   -0.538  1.00 16.34 ? 57  LEU A CG  1 
ATOM   321 C  CD1 . LEU A 1 40 ? 1.317   -0.426  0.324   1.00 16.88 ? 57  LEU A CD1 1 
ATOM   322 C  CD2 . LEU A 1 40 ? 2.921   -0.767  -1.595  1.00 22.33 ? 57  LEU A CD2 1 
ATOM   323 N  N   . GLY A 1 41 ? 1.825   4.581   -2.242  1.00 14.58 ? 58  GLY A N   1 
ATOM   324 C  CA  . GLY A 1 41 ? 1.337   5.667   -3.074  1.00 13.22 ? 58  GLY A CA  1 
ATOM   325 C  C   . GLY A 1 41 ? 2.336   6.077   -4.157  1.00 15.41 ? 58  GLY A C   1 
ATOM   326 O  O   . GLY A 1 41 ? 1.976   6.247   -5.302  1.00 11.35 ? 58  GLY A O   1 
ATOM   327 N  N   . GLN A 1 42 ? 3.610   6.221   -3.778  1.00 14.90 ? 59  GLN A N   1 
ATOM   328 C  CA  . GLN A 1 42 ? 4.659   6.581   -4.711  1.00 16.31 ? 59  GLN A CA  1 
ATOM   329 C  C   . GLN A 1 42 ? 4.893   5.487   -5.745  1.00 13.53 ? 59  GLN A C   1 
ATOM   330 O  O   . GLN A 1 42 ? 5.099   5.794   -6.898  1.00 14.86 ? 59  GLN A O   1 
ATOM   331 C  CB  . GLN A 1 42 ? 5.960   6.940   -3.964  1.00 15.76 ? 59  GLN A CB  1 
ATOM   332 C  CG  . GLN A 1 42 ? 5.960   8.336   -3.352  1.00 19.50 ? 59  GLN A CG  1 
ATOM   333 C  CD  . GLN A 1 42 ? 5.850   9.465   -4.360  1.00 21.54 ? 59  GLN A CD  1 
ATOM   334 O  OE1 . GLN A 1 42 ? 6.454   9.413   -5.426  1.00 22.61 ? 59  GLN A OE1 1 
ATOM   335 N  NE2 . GLN A 1 42 ? 5.057   10.502  -4.029  1.00 22.31 ? 59  GLN A NE2 1 
ATOM   336 N  N   . TYR A 1 43 ? 4.796   4.224   -5.322  1.00 14.16 ? 60  TYR A N   1 
ATOM   337 C  CA  . TYR A 1 43 ? 4.935   3.062   -6.211  1.00 15.49 ? 60  TYR A CA  1 
ATOM   338 C  C   . TYR A 1 43 ? 3.851   3.127   -7.304  1.00 18.42 ? 60  TYR A C   1 
ATOM   339 O  O   . TYR A 1 43 ? 4.132   3.073   -8.497  1.00 12.30 ? 60  TYR A O   1 
ATOM   340 C  CB  . TYR A 1 43 ? 4.843   1.757   -5.402  1.00 17.52 ? 60  TYR A CB  1 
ATOM   341 C  CG  . TYR A 1 43 ? 4.894   0.536   -6.263  1.00 17.50 ? 60  TYR A CG  1 
ATOM   342 C  CD1 . TYR A 1 43 ? 6.106   -0.020  -6.643  1.00 15.74 ? 60  TYR A CD1 1 
ATOM   343 C  CD2 . TYR A 1 43 ? 3.727   -0.070  -6.708  1.00 15.70 ? 60  TYR A CD2 1 
ATOM   344 C  CE1 . TYR A 1 43 ? 6.154   -1.147  -7.452  1.00 15.33 ? 60  TYR A CE1 1 
ATOM   345 C  CE2 . TYR A 1 43 ? 3.762   -1.196  -7.503  1.00 15.40 ? 60  TYR A CE2 1 
ATOM   346 C  CZ  . TYR A 1 43 ? 4.973   -1.721  -7.892  1.00 14.21 ? 60  TYR A CZ  1 
ATOM   347 O  OH  . TYR A 1 43 ? 5.009   -2.841  -8.695  1.00 13.64 ? 60  TYR A OH  1 
ATOM   348 N  N   . ILE A 1 44 ? 2.622   3.321   -6.856  1.00 17.26 ? 61  ILE A N   1 
ATOM   349 C  CA  . ILE A 1 44 ? 1.456   3.471   -7.731  1.00 14.36 ? 61  ILE A CA  1 
ATOM   350 C  C   . ILE A 1 44 ? 1.577   4.650   -8.724  1.00 13.25 ? 61  ILE A C   1 
ATOM   351 O  O   . ILE A 1 44 ? 1.265   4.484   -9.907  1.00 15.18 ? 61  ILE A O   1 
ATOM   352 C  CB  . ILE A 1 44 ? 0.181   3.632   -6.864  1.00 12.83 ? 61  ILE A CB  1 
ATOM   353 C  CG1 . ILE A 1 44 ? -0.176  2.294   -6.172  1.00 16.99 ? 61  ILE A CG1 1 
ATOM   354 C  CG2 . ILE A 1 44 ? -0.979  4.149   -7.694  1.00 14.45 ? 61  ILE A CG2 1 
ATOM   355 C  CD1 . ILE A 1 44 ? -1.061  2.480   -4.939  1.00 17.46 ? 61  ILE A CD1 1 
ATOM   356 N  N   A MET A 1 45 ? 2.022   5.819   -8.252  0.50 12.78 ? 62  MET A N   1 
ATOM   357 N  N   B MET A 1 45 ? 2.015   5.808   -8.205  0.50 15.65 ? 62  MET A N   1 
ATOM   358 C  CA  A MET A 1 45 ? 2.062   7.025   -9.081  0.50 12.66 ? 62  MET A CA  1 
ATOM   359 C  CA  B MET A 1 45 ? 2.117   7.069   -8.943  0.50 16.98 ? 62  MET A CA  1 
ATOM   360 C  C   A MET A 1 45 ? 3.198   6.964   -10.062 0.50 12.73 ? 62  MET A C   1 
ATOM   361 C  C   B MET A 1 45 ? 3.180   6.960   -10.013 0.50 15.07 ? 62  MET A C   1 
ATOM   362 O  O   A MET A 1 45 ? 3.008   7.262   -11.241 0.50 11.77 ? 62  MET A O   1 
ATOM   363 O  O   B MET A 1 45 ? 2.919   7.208   -11.188 0.50 14.37 ? 62  MET A O   1 
ATOM   364 C  CB  A MET A 1 45 ? 2.224   8.301   -8.244  0.50 12.79 ? 62  MET A CB  1 
ATOM   365 C  CB  B MET A 1 45 ? 2.509   8.243   -8.006  0.50 21.54 ? 62  MET A CB  1 
ATOM   366 C  CG  A MET A 1 45 ? 0.961   8.791   -7.584  0.50 12.48 ? 62  MET A CG  1 
ATOM   367 C  CG  B MET A 1 45 ? 1.382   8.918   -7.226  0.50 22.13 ? 62  MET A CG  1 
ATOM   368 S  SD  A MET A 1 45 ? -0.358  9.121   -8.766  0.50 14.30 ? 62  MET A SD  1 
ATOM   369 S  SD  B MET A 1 45 ? 1.903   10.340  -6.203  0.50 29.52 ? 62  MET A SD  1 
ATOM   370 C  CE  A MET A 1 45 ? 0.546   9.942   -10.062 0.50 11.56 ? 62  MET A CE  1 
ATOM   371 C  CE  B MET A 1 45 ? 1.811   11.679  -7.386  0.50 25.83 ? 62  MET A CE  1 
ATOM   372 N  N   . THR A 1 46 ? 4.384   6.587   -9.592  1.00 16.03 ? 63  THR A N   1 
ATOM   373 C  CA  . THR A 1 46 ? 5.556   6.503   -10.495 1.00 15.15 ? 63  THR A CA  1 
ATOM   374 C  C   . THR A 1 46 ? 5.282   5.560   -11.658 1.00 19.51 ? 63  THR A C   1 
ATOM   375 O  O   . THR A 1 46 ? 5.531   5.917   -12.822 1.00 16.25 ? 63  THR A O   1 
ATOM   376 C  CB  . THR A 1 46 ? 6.842   6.087   -9.764  1.00 17.67 ? 63  THR A CB  1 
ATOM   377 O  OG1 . THR A 1 46 ? 6.652   4.821   -9.137  1.00 26.10 ? 63  THR A OG1 1 
ATOM   378 C  CG2 . THR A 1 46 ? 7.179   7.129   -8.709  1.00 14.80 ? 63  THR A CG2 1 
ATOM   379 N  N   . LYS A 1 47 ? 4.688   4.414   -11.333 1.00 15.45 ? 64  LYS A N   1 
ATOM   380 C  CA  . LYS A 1 47 ? 4.315   3.413   -12.334 1.00 19.65 ? 64  LYS A CA  1 
ATOM   381 C  C   . LYS A 1 47 ? 2.983   3.648   -13.061 1.00 21.11 ? 64  LYS A C   1 
ATOM   382 O  O   . LYS A 1 47 ? 2.558   2.808   -13.863 1.00 24.07 ? 64  LYS A O   1 
ATOM   383 C  CB  . LYS A 1 47 ? 4.302   2.057   -11.683 1.00 16.47 ? 64  LYS A CB  1 
ATOM   384 C  CG  . LYS A 1 47 ? 5.655   1.626   -11.185 1.00 19.12 ? 64  LYS A CG  1 
ATOM   385 C  CD  . LYS A 1 47 ? 5.661   0.126   -10.913 1.00 19.37 ? 64  LYS A CD  1 
ATOM   386 C  CE  . LYS A 1 47 ? 5.982   -0.688  -12.154 1.00 18.63 ? 64  LYS A CE  1 
ATOM   387 N  NZ  . LYS A 1 47 ? 5.886   -2.120  -11.759 1.00 16.65 ? 64  LYS A NZ  1 
ATOM   388 N  N   . ARG A 1 48 ? 2.340   4.783   -12.787 1.00 18.63 ? 65  ARG A N   1 
ATOM   389 C  CA  . ARG A 1 48 ? 1.137   5.218   -13.496 1.00 16.99 ? 65  ARG A CA  1 
ATOM   390 C  C   . ARG A 1 48 ? -0.029  4.199   -13.429 1.00 13.57 ? 65  ARG A C   1 
ATOM   391 O  O   . ARG A 1 48 ? -0.846  4.086   -14.387 1.00 12.70 ? 65  ARG A O   1 
ATOM   392 C  CB  . ARG A 1 48 ? 1.488   5.625   -14.930 1.00 20.68 ? 65  ARG A CB  1 
ATOM   393 C  CG  . ARG A 1 48 ? 2.330   6.900   -15.016 1.00 30.63 ? 65  ARG A CG  1 
ATOM   394 C  CD  . ARG A 1 48 ? 2.182   7.542   -16.390 1.00 36.65 ? 65  ARG A CD  1 
ATOM   395 N  NE  . ARG A 1 48 ? 3.156   8.593   -16.719 1.00 37.16 ? 65  ARG A NE  1 
ATOM   396 C  CZ  . ARG A 1 48 ? 4.460   8.409   -16.960 1.00 36.72 ? 65  ARG A CZ  1 
ATOM   397 N  NH1 . ARG A 1 48 ? 5.043   7.211   -16.849 1.00 33.26 ? 65  ARG A NH1 1 
ATOM   398 N  NH2 . ARG A 1 48 ? 5.210   9.459   -17.278 1.00 44.59 ? 65  ARG A NH2 1 
ATOM   399 N  N   . LEU A 1 49 ? -0.133  3.519   -12.287 1.00 12.86 ? 66  LEU A N   1 
ATOM   400 C  CA  . LEU A 1 49 ? -1.223  2.562   -12.014 1.00 13.24 ? 66  LEU A CA  1 
ATOM   401 C  C   . LEU A 1 49 ? -2.563  3.235   -11.610 1.00 17.50 ? 66  LEU A C   1 
ATOM   402 O  O   . LEU A 1 49 ? -3.595  2.576   -11.538 1.00 14.08 ? 66  LEU A O   1 
ATOM   403 C  CB  . LEU A 1 49 ? -0.814  1.534   -10.968 1.00 12.44 ? 66  LEU A CB  1 
ATOM   404 C  CG  . LEU A 1 49 ? 0.461   0.712   -11.222 1.00 11.16 ? 66  LEU A CG  1 
ATOM   405 C  CD1 . LEU A 1 49 ? 0.594   -0.277  -10.087 1.00 15.36 ? 66  LEU A CD1 1 
ATOM   406 C  CD2 . LEU A 1 49 ? 0.503   0.048   -12.610 1.00 12.68 ? 66  LEU A CD2 1 
ATOM   407 N  N   . TYR A 1 50 ? -2.547  4.543   -11.378 1.00 18.68 ? 67  TYR A N   1 
ATOM   408 C  CA  . TYR A 1 50 ? -3.709  5.269   -10.861 1.00 20.58 ? 67  TYR A CA  1 
ATOM   409 C  C   . TYR A 1 50 ? -4.361  6.092   -11.964 1.00 22.22 ? 67  TYR A C   1 
ATOM   410 O  O   . TYR A 1 50 ? -3.706  6.907   -12.600 1.00 18.40 ? 67  TYR A O   1 
ATOM   411 C  CB  . TYR A 1 50 ? -3.253  6.171   -9.719  1.00 18.94 ? 67  TYR A CB  1 
ATOM   412 C  CG  . TYR A 1 50 ? -4.318  7.060   -9.105  1.00 17.93 ? 67  TYR A CG  1 
ATOM   413 C  CD1 . TYR A 1 50 ? -5.568  6.549   -8.742  1.00 24.14 ? 67  TYR A CD1 1 
ATOM   414 C  CD2 . TYR A 1 50 ? -4.032  8.381   -8.777  1.00 20.84 ? 67  TYR A CD2 1 
ATOM   415 C  CE1 . TYR A 1 50 ? -6.519  7.360   -8.128  1.00 25.54 ? 67  TYR A CE1 1 
ATOM   416 C  CE2 . TYR A 1 50 ? -4.980  9.195   -8.156  1.00 26.08 ? 67  TYR A CE2 1 
ATOM   417 C  CZ  . TYR A 1 50 ? -6.219  8.678   -7.837  1.00 24.09 ? 67  TYR A CZ  1 
ATOM   418 O  OH  . TYR A 1 50 ? -7.148  9.493   -7.226  1.00 34.67 ? 67  TYR A OH  1 
ATOM   419 N  N   . ASP A 1 51 ? -5.645  5.850   -12.183 1.00 21.55 ? 68  ASP A N   1 
ATOM   420 C  CA  . ASP A 1 51 ? -6.424  6.535   -13.196 1.00 32.16 ? 68  ASP A CA  1 
ATOM   421 C  C   . ASP A 1 51 ? -7.347  7.490   -12.438 1.00 32.85 ? 68  ASP A C   1 
ATOM   422 O  O   . ASP A 1 51 ? -8.436  7.098   -11.999 1.00 32.40 ? 68  ASP A O   1 
ATOM   423 C  CB  . ASP A 1 51 ? -7.181  5.507   -14.046 1.00 40.23 ? 68  ASP A CB  1 
ATOM   424 C  CG  . ASP A 1 51 ? -6.235  4.544   -14.812 1.00 49.66 ? 68  ASP A CG  1 
ATOM   425 O  OD1 . ASP A 1 51 ? -5.169  4.155   -14.279 1.00 49.58 ? 68  ASP A OD1 1 
ATOM   426 O  OD2 . ASP A 1 51 ? -6.568  4.151   -15.952 1.00 39.94 ? 68  ASP A OD2 1 
ATOM   427 N  N   . GLU A 1 52 ? -6.875  8.728   -12.254 1.00 38.93 ? 69  GLU A N   1 
ATOM   428 C  CA  . GLU A 1 52 ? -7.528  9.720   -11.371 1.00 44.67 ? 69  GLU A CA  1 
ATOM   429 C  C   . GLU A 1 52 ? -8.739  10.313  -12.057 1.00 55.80 ? 69  GLU A C   1 
ATOM   430 O  O   . GLU A 1 52 ? -9.828  10.375  -11.477 1.00 54.90 ? 69  GLU A O   1 
ATOM   431 C  CB  . GLU A 1 52 ? -6.562  10.847  -10.979 1.00 34.19 ? 69  GLU A CB  1 
ATOM   432 C  CG  . GLU A 1 52 ? -7.047  11.846  -9.936  0.00 39.88 ? 69  GLU A CG  1 
ATOM   433 C  CD  . GLU A 1 52 ? -6.014  12.881  -9.516  0.00 39.63 ? 69  GLU A CD  1 
ATOM   434 O  OE1 . GLU A 1 52 ? -4.896  12.905  -10.078 0.00 39.59 ? 69  GLU A OE1 1 
ATOM   435 O  OE2 . GLU A 1 52 ? -6.325  13.685  -8.612  0.00 39.65 ? 69  GLU A OE2 1 
ATOM   436 N  N   . LYS A 1 53 ? -8.520  10.775  -13.288 1.00 66.77 ? 70  LYS A N   1 
ATOM   437 C  CA  . LYS A 1 53 ? -9.594  11.010  -14.237 1.00 62.90 ? 70  LYS A CA  1 
ATOM   438 C  C   . LYS A 1 53 ? -10.127 9.620   -14.584 1.00 66.08 ? 70  LYS A C   1 
ATOM   439 O  O   . LYS A 1 53 ? -9.350  8.739   -14.967 1.00 65.41 ? 70  LYS A O   1 
ATOM   440 C  CB  . LYS A 1 53 ? -9.077  11.722  -15.490 1.00 55.85 ? 70  LYS A CB  1 
ATOM   441 C  CG  . LYS A 1 53 ? -8.498  13.107  -15.227 1.00 57.30 ? 70  LYS A CG  1 
ATOM   442 C  CD  . LYS A 1 53 ? -9.677  14.238  -14.606 0.00 66.55 ? 70  LYS A CD  1 
ATOM   443 C  CE  . LYS A 1 53 ? -9.108  15.635  -14.415 0.00 66.29 ? 70  LYS A CE  1 
ATOM   444 N  NZ  . LYS A 1 53 ? -10.141 16.603  -13.954 0.00 66.21 ? 70  LYS A NZ  1 
ATOM   445 N  N   . GLN A 1 54 ? -11.436 9.435   -14.410 1.00 67.35 ? 71  GLN A N   1 
ATOM   446 C  CA  . GLN A 1 54 ? -12.121 8.129   -14.495 1.00 70.44 ? 71  GLN A CA  1 
ATOM   447 C  C   . GLN A 1 54 ? -12.061 7.326   -13.174 1.00 55.65 ? 71  GLN A C   1 
ATOM   448 O  O   . GLN A 1 54 ? -11.390 6.292   -13.061 1.00 51.78 ? 71  GLN A O   1 
ATOM   449 C  CB  . GLN A 1 54 ? -11.676 7.300   -15.714 1.00 72.59 ? 71  GLN A CB  1 
ATOM   450 C  CG  . GLN A 1 54 ? -12.040 8.278   -17.055 0.00 78.47 ? 71  GLN A CG  1 
ATOM   451 C  CD  . GLN A 1 54 ? -13.465 8.739   -17.321 0.00 78.09 ? 71  GLN A CD  1 
ATOM   452 O  OE1 . GLN A 1 54 ? -14.433 8.076   -16.944 0.00 77.80 ? 71  GLN A OE1 1 
ATOM   453 N  NE2 . GLN A 1 54 ? -13.597 9.882   -17.984 0.00 77.67 ? 71  GLN A NE2 1 
ATOM   454 N  N   . GLN A 1 55 ? -12.770 7.857   -12.180 1.00 38.45 ? 72  GLN A N   1 
ATOM   455 C  CA  . GLN A 1 55 ? -13.276 7.106   -11.017 1.00 31.65 ? 72  GLN A CA  1 
ATOM   456 C  C   . GLN A 1 55 ? -12.275 6.761   -9.898  1.00 20.19 ? 72  GLN A C   1 
ATOM   457 O  O   . GLN A 1 55 ? -12.594 5.956   -9.034  1.00 19.61 ? 72  GLN A O   1 
ATOM   458 C  CB  . GLN A 1 55 ? -14.059 5.844   -11.463 1.00 36.25 ? 72  GLN A CB  1 
ATOM   459 C  CG  . GLN A 1 55 ? -15.190 6.127   -12.450 1.00 41.32 ? 72  GLN A CG  1 
ATOM   460 C  CD  . GLN A 1 55 ? -16.080 4.920   -12.718 1.00 38.68 ? 72  GLN A CD  1 
ATOM   461 O  OE1 . GLN A 1 55 ? -15.815 3.808   -12.246 1.00 30.91 ? 72  GLN A OE1 1 
ATOM   462 N  NE2 . GLN A 1 55 ? -17.140 5.133   -13.496 1.00 34.57 ? 72  GLN A NE2 1 
ATOM   463 N  N   . HIS A 1 56 ? -11.088 7.374   -9.892  1.00 17.46 ? 73  HIS A N   1 
ATOM   464 C  CA  . HIS A 1 56 ? -10.153 7.239   -8.768  1.00 19.49 ? 73  HIS A CA  1 
ATOM   465 C  C   . HIS A 1 56 ? -9.843  5.772   -8.471  1.00 14.97 ? 73  HIS A C   1 
ATOM   466 O  O   . HIS A 1 56 ? -9.848  5.337   -7.322  1.00 17.52 ? 73  HIS A O   1 
ATOM   467 C  CB  . HIS A 1 56 ? -10.681 7.991   -7.523  1.00 20.99 ? 73  HIS A CB  1 
ATOM   468 C  CG  . HIS A 1 56 ? -10.774 9.497   -7.711  1.00 29.44 ? 73  HIS A CG  1 
ATOM   469 N  ND1 . HIS A 1 56 ? -9.884  10.349  -7.165  1.00 40.64 ? 73  HIS A ND1 1 
ATOM   470 C  CD2 . HIS A 1 56 ? -11.667 10.279  -8.443  1.00 37.57 ? 73  HIS A CD2 1 
ATOM   471 C  CE1 . HIS A 1 56 ? -10.196 11.613  -7.517  1.00 42.86 ? 73  HIS A CE1 1 
ATOM   472 N  NE2 . HIS A 1 56 ? -11.285 11.569  -8.301  1.00 37.70 ? 73  HIS A NE2 1 
ATOM   473 N  N   . ILE A 1 57 ? -9.563  5.008   -9.531  1.00 16.74 ? 74  ILE A N   1 
ATOM   474 C  CA  . ILE A 1 57 ? -9.322  3.561   -9.416  1.00 14.60 ? 74  ILE A CA  1 
ATOM   475 C  C   . ILE A 1 57 ? -7.865  3.313   -9.709  1.00 14.29 ? 74  ILE A C   1 
ATOM   476 O  O   . ILE A 1 57 ? -7.326  3.883   -10.662 1.00 13.55 ? 74  ILE A O   1 
ATOM   477 C  CB  . ILE A 1 57 ? -10.146 2.755   -10.462 1.00 15.11 ? 74  ILE A CB  1 
ATOM   478 C  CG1 . ILE A 1 57 ? -11.654 2.990   -10.294 1.00 23.57 ? 74  ILE A CG1 1 
ATOM   479 C  CG2 . ILE A 1 57 ? -9.787  1.258   -10.429 1.00 10.96 ? 74  ILE A CG2 1 
ATOM   480 C  CD1 . ILE A 1 57 ? -12.201 2.736   -8.910  1.00 22.52 ? 74  ILE A CD1 1 
ATOM   481 N  N   . VAL A 1 58 ? -7.247  2.456   -8.897  1.00 11.56 ? 75  VAL A N   1 
ATOM   482 C  CA  . VAL A 1 58 ? -5.909  1.945   -9.150  1.00 12.31 ? 75  VAL A CA  1 
ATOM   483 C  C   . VAL A 1 58 ? -6.099  0.607   -9.855  1.00 14.47 ? 75  VAL A C   1 
ATOM   484 O  O   . VAL A 1 58 ? -6.876  -0.221  -9.375  1.00 11.03 ? 75  VAL A O   1 
ATOM   485 C  CB  . VAL A 1 58 ? -5.118  1.725   -7.866  1.00 12.87 ? 75  VAL A CB  1 
ATOM   486 C  CG1 . VAL A 1 58 ? -3.832  0.930   -8.145  1.00 12.78 ? 75  VAL A CG1 1 
ATOM   487 C  CG2 . VAL A 1 58 ? -4.774  3.074   -7.235  1.00 12.92 ? 75  VAL A CG2 1 
ATOM   488 N  N   . TYR A 1 59 ? -5.374  0.416   -10.959 1.00 10.18 ? 76  TYR A N   1 
ATOM   489 C  CA  . TYR A 1 59 ? -5.437  -0.818  -11.754 1.00 11.03 ? 76  TYR A CA  1 
ATOM   490 C  C   . TYR A 1 59 ? -4.109  -1.546  -11.605 1.00 12.51 ? 76  TYR A C   1 
ATOM   491 O  O   . TYR A 1 59 ? -3.048  -0.985  -11.923 1.00 14.08 ? 76  TYR A O   1 
ATOM   492 C  CB  . TYR A 1 59 ? -5.710  -0.535  -13.229 1.00 9.50  ? 76  TYR A CB  1 
ATOM   493 C  CG  . TYR A 1 59 ? -7.101  0.000   -13.485 1.00 11.59 ? 76  TYR A CG  1 
ATOM   494 C  CD1 . TYR A 1 59 ? -8.184  -0.875  -13.680 1.00 12.67 ? 76  TYR A CD1 1 
ATOM   495 C  CD2 . TYR A 1 59 ? -7.354  1.377   -13.510 1.00 10.54 ? 76  TYR A CD2 1 
ATOM   496 C  CE1 . TYR A 1 59 ? -9.464  -0.394  -13.919 1.00 14.35 ? 76  TYR A CE1 1 
ATOM   497 C  CE2 . TYR A 1 59 ? -8.646  1.872   -13.756 1.00 11.11 ? 76  TYR A CE2 1 
ATOM   498 C  CZ  . TYR A 1 59 ? -9.692  0.993   -13.946 1.00 11.42 ? 76  TYR A CZ  1 
ATOM   499 O  OH  . TYR A 1 59 ? -10.959 1.466   -14.186 1.00 10.28 ? 76  TYR A OH  1 
ATOM   500 N  N   . CYS A 1 60 ? -4.174  -2.764  -11.081 1.00 14.02 ? 77  CYS A N   1 
ATOM   501 C  CA  . CYS A 1 60 ? -2.963  -3.485  -10.639 1.00 14.87 ? 77  CYS A CA  1 
ATOM   502 C  C   . CYS A 1 60 ? -2.919  -4.962  -11.066 1.00 21.90 ? 77  CYS A C   1 
ATOM   503 O  O   . CYS A 1 60 ? -2.080  -5.735  -10.573 1.00 17.41 ? 77  CYS A O   1 
ATOM   504 C  CB  . CYS A 1 60 ? -2.797  -3.305  -9.114  1.00 19.30 ? 77  CYS A CB  1 
ATOM   505 S  SG  . CYS A 1 60 ? -4.226  -3.739  -8.076  1.00 17.63 ? 77  CYS A SG  1 
ATOM   506 N  N   . SER A 1 61 ? -3.751  -5.344  -12.043 1.00 17.93 ? 78  SER A N   1 
ATOM   507 C  CA  . SER A 1 61 ? -3.796  -6.735  -12.501 1.00 15.81 ? 78  SER A CA  1 
ATOM   508 C  C   . SER A 1 61 ? -2.534  -7.164  -13.256 1.00 18.09 ? 78  SER A C   1 
ATOM   509 O  O   . SER A 1 61 ? -2.233  -8.350  -13.343 1.00 17.73 ? 78  SER A O   1 
ATOM   510 C  CB  . SER A 1 61 ? -5.017  -6.962  -13.407 1.00 18.57 ? 78  SER A CB  1 
ATOM   511 O  OG  . SER A 1 61 ? -4.852  -6.279  -14.633 1.00 22.97 ? 78  SER A OG  1 
ATOM   512 N  N   . ASN A 1 62 ? -1.840  -6.197  -13.847 1.00 16.41 ? 79  ASN A N   1 
ATOM   513 C  CA  . ASN A 1 62 ? -0.635  -6.462  -14.624 1.00 15.10 ? 79  ASN A CA  1 
ATOM   514 C  C   . ASN A 1 62 ? 0.651   -6.204  -13.806 1.00 13.61 ? 79  ASN A C   1 
ATOM   515 O  O   . ASN A 1 62 ? 1.716   -6.025  -14.401 1.00 15.75 ? 79  ASN A O   1 
ATOM   516 C  CB  . ASN A 1 62 ? -0.646  -5.594  -15.904 1.00 16.73 ? 79  ASN A CB  1 
ATOM   517 C  CG  . ASN A 1 62 ? -0.506  -4.081  -15.631 1.00 19.02 ? 79  ASN A CG  1 
ATOM   518 O  OD1 . ASN A 1 62 ? -0.675  -3.601  -14.516 1.00 26.43 ? 79  ASN A OD1 1 
ATOM   519 N  ND2 . ASN A 1 62 ? -0.174  -3.332  -16.679 1.00 23.32 ? 79  ASN A ND2 1 
ATOM   520 N  N   . ASP A 1 63 ? 0.549   -6.215  -12.470 1.00 14.27 ? 80  ASP A N   1 
ATOM   521 C  CA  . ASP A 1 63 ? 1.604   -5.756  -11.597 1.00 18.10 ? 80  ASP A CA  1 
ATOM   522 C  C   . ASP A 1 63 ? 1.706   -6.566  -10.281 1.00 20.04 ? 80  ASP A C   1 
ATOM   523 O  O   . ASP A 1 63 ? 0.748   -7.191  -9.835  1.00 13.71 ? 80  ASP A O   1 
ATOM   524 C  CB  . ASP A 1 63 ? 1.335   -4.283  -11.257 1.00 16.98 ? 80  ASP A CB  1 
ATOM   525 C  CG  . ASP A 1 63 ? 2.553   -3.585  -10.653 1.00 19.09 ? 80  ASP A CG  1 
ATOM   526 O  OD1 . ASP A 1 63 ? 3.405   -3.124  -11.457 1.00 15.61 ? 80  ASP A OD1 1 
ATOM   527 O  OD2 . ASP A 1 63 ? 2.636   -3.489  -9.402  1.00 18.82 ? 80  ASP A OD2 1 
ATOM   528 N  N   . LEU A 1 64 ? 2.879   -6.509  -9.654  1.00 15.31 ? 81  LEU A N   1 
ATOM   529 C  CA  . LEU A 1 64 ? 3.087   -7.133  -8.359  1.00 21.94 ? 81  LEU A CA  1 
ATOM   530 C  C   . LEU A 1 64 ? 2.069   -6.659  -7.323  1.00 16.53 ? 81  LEU A C   1 
ATOM   531 O  O   . LEU A 1 64 ? 1.636   -7.444  -6.479  1.00 14.37 ? 81  LEU A O   1 
ATOM   532 C  CB  . LEU A 1 64 ? 4.505   -6.842  -7.844  1.00 25.29 ? 81  LEU A CB  1 
ATOM   533 C  CG  . LEU A 1 64 ? 4.973   -7.670  -6.635  1.00 37.34 ? 81  LEU A CG  1 
ATOM   534 C  CD1 . LEU A 1 64 ? 4.854   -9.162  -6.918  1.00 40.11 ? 81  LEU A CD1 1 
ATOM   535 C  CD2 . LEU A 1 64 ? 6.417   -7.327  -6.296  1.00 49.63 ? 81  LEU A CD2 1 
ATOM   536 N  N   . LEU A 1 65 ? 1.666   -5.386  -7.398  1.00 12.65 ? 82  LEU A N   1 
ATOM   537 C  CA  . LEU A 1 65 ? 0.669   -4.873  -6.438  1.00 15.01 ? 82  LEU A CA  1 
ATOM   538 C  C   . LEU A 1 65 ? -0.638  -5.693  -6.418  1.00 12.36 ? 82  LEU A C   1 
ATOM   539 O  O   . LEU A 1 65 ? -1.231  -5.906  -5.352  1.00 16.26 ? 82  LEU A O   1 
ATOM   540 C  CB  . LEU A 1 65 ? 0.403   -3.385  -6.683  1.00 13.97 ? 82  LEU A CB  1 
ATOM   541 C  CG  . LEU A 1 65 ? -0.600  -2.716  -5.725  1.00 15.02 ? 82  LEU A CG  1 
ATOM   542 C  CD1 . LEU A 1 65 ? -0.134  -2.746  -4.269  1.00 18.57 ? 82  LEU A CD1 1 
ATOM   543 C  CD2 . LEU A 1 65 ? -0.844  -1.290  -6.198  1.00 16.45 ? 82  LEU A CD2 1 
ATOM   544 N  N   . GLY A 1 66 ? -1.051  -6.191  -7.583  1.00 15.99 ? 83  GLY A N   1 
ATOM   545 C  CA  . GLY A 1 66 ? -2.199  -7.060  -7.711  1.00 15.41 ? 83  GLY A CA  1 
ATOM   546 C  C   . GLY A 1 66 ? -2.025  -8.369  -6.957  1.00 17.94 ? 83  GLY A C   1 
ATOM   547 O  O   . GLY A 1 66 ? -2.970  -8.844  -6.343  1.00 17.69 ? 83  GLY A O   1 
ATOM   548 N  N   . ASP A 1 67 ? -0.810  -8.926  -6.986  1.00 18.34 ? 84  ASP A N   1 
ATOM   549 C  CA  . ASP A 1 67 ? -0.490  -10.149 -6.249  1.00 22.38 ? 84  ASP A CA  1 
ATOM   550 C  C   . ASP A 1 67 ? -0.498  -9.906  -4.748  1.00 20.48 ? 84  ASP A C   1 
ATOM   551 O  O   . ASP A 1 67 ? -1.026  -10.729 -3.994  1.00 17.41 ? 84  ASP A O   1 
ATOM   552 C  CB  . ASP A 1 67 ? 0.879   -10.717 -6.655  1.00 21.92 ? 84  ASP A CB  1 
ATOM   553 C  CG  . ASP A 1 67 ? 0.930   -11.161 -8.109  1.00 27.11 ? 84  ASP A CG  1 
ATOM   554 O  OD1 . ASP A 1 67 ? -0.055  -11.724 -8.598  1.00 29.80 ? 84  ASP A OD1 1 
ATOM   555 O  OD2 . ASP A 1 67 ? 1.963   -10.941 -8.762  1.00 32.16 ? 84  ASP A OD2 1 
ATOM   556 N  N   . LEU A 1 68 ? 0.104   -8.785  -4.328  1.00 17.64 ? 85  LEU A N   1 
ATOM   557 C  CA  . LEU A 1 68 ? 0.049   -8.328  -2.928  1.00 17.87 ? 85  LEU A CA  1 
ATOM   558 C  C   . LEU A 1 68 ? -1.374  -8.241  -2.357  1.00 18.58 ? 85  LEU A C   1 
ATOM   559 O  O   . LEU A 1 68 ? -1.669  -8.762  -1.274  1.00 21.37 ? 85  LEU A O   1 
ATOM   560 C  CB  . LEU A 1 68 ? 0.695   -6.934  -2.799  1.00 22.16 ? 85  LEU A CB  1 
ATOM   561 C  CG  . LEU A 1 68 ? 2.154   -6.762  -2.384  1.00 40.02 ? 85  LEU A CG  1 
ATOM   562 C  CD1 . LEU A 1 68 ? 2.344   -5.297  -2.003  1.00 47.75 ? 85  LEU A CD1 1 
ATOM   563 C  CD2 . LEU A 1 68 ? 2.535   -7.640  -1.219  1.00 25.13 ? 85  LEU A CD2 1 
ATOM   564 N  N   . PHE A 1 69 ? -2.263  -7.592  -3.115  1.00 17.16 ? 86  PHE A N   1 
ATOM   565 C  CA  . PHE A 1 69 ? -3.590  -7.265  -2.613  1.00 16.57 ? 86  PHE A CA  1 
ATOM   566 C  C   . PHE A 1 69 ? -4.670  -8.265  -2.978  1.00 20.82 ? 86  PHE A C   1 
ATOM   567 O  O   . PHE A 1 69 ? -5.732  -8.258  -2.351  1.00 22.83 ? 86  PHE A O   1 
ATOM   568 C  CB  . PHE A 1 69 ? -3.997  -5.881  -3.114  1.00 18.02 ? 86  PHE A CB  1 
ATOM   569 C  CG  . PHE A 1 69 ? -3.375  -4.728  -2.365  1.00 17.25 ? 86  PHE A CG  1 
ATOM   570 C  CD1 . PHE A 1 69 ? -2.396  -4.900  -1.367  1.00 15.69 ? 86  PHE A CD1 1 
ATOM   571 C  CD2 . PHE A 1 69 ? -3.806  -3.446  -2.645  1.00 17.63 ? 86  PHE A CD2 1 
ATOM   572 C  CE1 . PHE A 1 69 ? -1.867  -3.802  -0.722  1.00 17.59 ? 86  PHE A CE1 1 
ATOM   573 C  CE2 . PHE A 1 69 ? -3.282  -2.341  -1.974  1.00 17.25 ? 86  PHE A CE2 1 
ATOM   574 C  CZ  . PHE A 1 69 ? -2.306  -2.524  -1.019  1.00 17.27 ? 86  PHE A CZ  1 
ATOM   575 N  N   . GLY A 1 70 ? -4.406  -9.113  -3.962  1.00 19.94 ? 87  GLY A N   1 
ATOM   576 C  CA  . GLY A 1 70 ? -5.359  -10.119 -4.410  1.00 23.04 ? 87  GLY A CA  1 
ATOM   577 C  C   . GLY A 1 70 ? -6.535  -9.568  -5.197  1.00 22.92 ? 87  GLY A C   1 
ATOM   578 O  O   . GLY A 1 70 ? -7.540  -10.227 -5.304  1.00 17.56 ? 87  GLY A O   1 
ATOM   579 N  N   . VAL A 1 71 ? -6.397  -8.381  -5.782  1.00 18.30 ? 88  VAL A N   1 
ATOM   580 C  CA  . VAL A 1 71 ? -7.454  -7.763  -6.597  1.00 14.94 ? 88  VAL A CA  1 
ATOM   581 C  C   . VAL A 1 71 ? -6.865  -7.200  -7.888  1.00 16.63 ? 88  VAL A C   1 
ATOM   582 O  O   . VAL A 1 71 ? -5.681  -6.805  -7.912  1.00 15.78 ? 88  VAL A O   1 
ATOM   583 C  CB  . VAL A 1 71 ? -8.153  -6.626  -5.793  1.00 15.62 ? 88  VAL A CB  1 
ATOM   584 C  CG1 . VAL A 1 71 ? -8.865  -7.185  -4.563  1.00 14.31 ? 88  VAL A CG1 1 
ATOM   585 C  CG2 . VAL A 1 71 ? -7.151  -5.539  -5.388  1.00 14.90 ? 88  VAL A CG2 1 
ATOM   586 N  N   . PRO A 1 72 ? -7.671  -7.143  -8.964  1.00 13.60 ? 89  PRO A N   1 
ATOM   587 C  CA  . PRO A 1 72 ? -7.175  -6.528  -10.210 1.00 16.07 ? 89  PRO A CA  1 
ATOM   588 C  C   . PRO A 1 72 ? -7.190  -5.000  -10.199 1.00 14.54 ? 89  PRO A C   1 
ATOM   589 O  O   . PRO A 1 72 ? -6.529  -4.380  -11.029 1.00 16.40 ? 89  PRO A O   1 
ATOM   590 C  CB  . PRO A 1 72 ? -8.165  -7.017  -11.267 1.00 16.58 ? 89  PRO A CB  1 
ATOM   591 C  CG  . PRO A 1 72 ? -9.431  -7.300  -10.517 1.00 18.98 ? 89  PRO A CG  1 
ATOM   592 C  CD  . PRO A 1 72 ? -8.999  -7.778  -9.158  1.00 19.47 ? 89  PRO A CD  1 
ATOM   593 N  N   . SER A 1 73 ? -8.000  -4.438  -9.307  1.00 16.13 ? 90  SER A N   1 
ATOM   594 C  CA  . SER A 1 73 ? -8.165  -3.008  -9.150  1.00 13.08 ? 90  SER A CA  1 
ATOM   595 C  C   . SER A 1 73 ? -8.843  -2.690  -7.809  1.00 16.57 ? 90  SER A C   1 
ATOM   596 O  O   . SER A 1 73 ? -9.387  -3.569  -7.139  1.00 13.99 ? 90  SER A O   1 
ATOM   597 C  CB  . SER A 1 73 ? -9.000  -2.440  -10.312 1.00 14.01 ? 90  SER A CB  1 
ATOM   598 O  OG  . SER A 1 73 ? -10.273 -3.044  -10.338 1.00 15.25 ? 90  SER A OG  1 
ATOM   599 N  N   . PHE A 1 74 ? -8.788  -1.422  -7.425  1.00 13.84 ? 91  PHE A N   1 
ATOM   600 C  CA  . PHE A 1 74 ? -9.512  -0.933  -6.253  1.00 13.40 ? 91  PHE A CA  1 
ATOM   601 C  C   . PHE A 1 74 ? -9.638  0.594   -6.309  1.00 13.95 ? 91  PHE A C   1 
ATOM   602 O  O   . PHE A 1 74 ? -8.918  1.276   -7.061  1.00 11.49 ? 91  PHE A O   1 
ATOM   603 C  CB  . PHE A 1 74 ? -8.799  -1.387  -4.966  1.00 13.26 ? 91  PHE A CB  1 
ATOM   604 C  CG  . PHE A 1 74 ? -7.417  -0.846  -4.821  1.00 13.19 ? 91  PHE A CG  1 
ATOM   605 C  CD1 . PHE A 1 74 ? -7.199  0.365   -4.190  1.00 15.49 ? 91  PHE A CD1 1 
ATOM   606 C  CD2 . PHE A 1 74 ? -6.320  -1.541  -5.319  1.00 16.67 ? 91  PHE A CD2 1 
ATOM   607 C  CE1 . PHE A 1 74 ? -5.916  0.881   -4.055  1.00 16.64 ? 91  PHE A CE1 1 
ATOM   608 C  CE2 . PHE A 1 74 ? -5.038  -1.039  -5.198  1.00 16.87 ? 91  PHE A CE2 1 
ATOM   609 C  CZ  . PHE A 1 74 ? -4.824  0.171   -4.558  1.00 14.79 ? 91  PHE A CZ  1 
ATOM   610 N  N   . SER A 1 75 ? -10.577 1.120   -5.533  1.00 15.47 ? 92  SER A N   1 
ATOM   611 C  CA  . SER A 1 75 ? -10.791 2.557   -5.438  1.00 13.92 ? 92  SER A CA  1 
ATOM   612 C  C   . SER A 1 75 ? -9.927  3.137   -4.336  1.00 16.14 ? 92  SER A C   1 
ATOM   613 O  O   . SER A 1 75 ? -9.855  2.580   -3.242  1.00 13.28 ? 92  SER A O   1 
ATOM   614 C  CB  . SER A 1 75 ? -12.257 2.868   -5.137  1.00 13.59 ? 92  SER A CB  1 
ATOM   615 O  OG  . SER A 1 75 ? -12.402 4.231   -4.797  1.00 15.33 ? 92  SER A OG  1 
ATOM   616 N  N   . VAL A 1 76 ? -9.294  4.283   -4.610  1.00 13.85 ? 93  VAL A N   1 
ATOM   617 C  CA  . VAL A 1 76 ? -8.459  4.914   -3.604  1.00 16.84 ? 93  VAL A CA  1 
ATOM   618 C  C   . VAL A 1 76 ? -9.300  5.550   -2.478  1.00 13.25 ? 93  VAL A C   1 
ATOM   619 O  O   . VAL A 1 76 ? -8.746  5.927   -1.459  1.00 19.01 ? 93  VAL A O   1 
ATOM   620 C  CB  . VAL A 1 76 ? -7.500  5.969   -4.216  1.00 13.73 ? 93  VAL A CB  1 
ATOM   621 C  CG1 . VAL A 1 76 ? -6.619  5.295   -5.259  1.00 17.64 ? 93  VAL A CG1 1 
ATOM   622 C  CG2 . VAL A 1 76 ? -8.271  7.146   -4.776  1.00 16.32 ? 93  VAL A CG2 1 
ATOM   623 N  N   . LYS A 1 77 ? -10.597 5.686   -2.695  1.00 11.61 ? 94  LYS A N   1 
ATOM   624 C  CA  . LYS A 1 77 ? -11.539 6.193   -1.677  1.00 16.06 ? 94  LYS A CA  1 
ATOM   625 C  C   . LYS A 1 77 ? -11.872 5.183   -0.562  1.00 20.36 ? 94  LYS A C   1 
ATOM   626 O  O   . LYS A 1 77 ? -12.308 5.590   0.523   1.00 20.30 ? 94  LYS A O   1 
ATOM   627 C  CB  . LYS A 1 77 ? -12.828 6.703   -2.330  1.00 17.55 ? 94  LYS A CB  1 
ATOM   628 C  CG  . LYS A 1 77 ? -12.614 7.757   -3.413  1.00 20.87 ? 94  LYS A CG  1 
ATOM   629 C  CD  . LYS A 1 77 ? -13.895 8.466   -3.805  1.00 22.95 ? 94  LYS A CD  1 
ATOM   630 C  CE  . LYS A 1 77 ? -13.730 9.273   -5.074  0.00 25.36 ? 94  LYS A CE  1 
ATOM   631 N  NZ  . LYS A 1 77 ? -14.987 9.973   -5.461  0.00 25.28 ? 94  LYS A NZ  1 
ATOM   632 N  N   A GLU A 1 78 ? -11.644 3.892   -0.822  0.50 19.43 ? 95  GLU A N   1 
ATOM   633 N  N   B GLU A 1 78 ? -11.659 3.891   -0.813  0.50 19.91 ? 95  GLU A N   1 
ATOM   634 C  CA  A GLU A 1 78 ? -12.012 2.824   0.104   0.50 18.74 ? 95  GLU A CA  1 
ATOM   635 C  CA  B GLU A 1 78 ? -12.063 2.847   0.128   0.50 19.22 ? 95  GLU A CA  1 
ATOM   636 C  C   A GLU A 1 78 ? -10.889 2.579   1.088   0.50 16.04 ? 95  GLU A C   1 
ATOM   637 C  C   B GLU A 1 78 ? -10.920 2.575   1.094   0.50 16.31 ? 95  GLU A C   1 
ATOM   638 O  O   A GLU A 1 78 ? -10.214 1.551   1.009   0.50 14.04 ? 95  GLU A O   1 
ATOM   639 O  O   B GLU A 1 78 ? -10.261 1.538   1.003   0.50 14.47 ? 95  GLU A O   1 
ATOM   640 C  CB  A GLU A 1 78 ? -12.278 1.532   -0.667  0.50 18.73 ? 95  GLU A CB  1 
ATOM   641 C  CB  B GLU A 1 78 ? -12.448 1.577   -0.639  0.50 19.68 ? 95  GLU A CB  1 
ATOM   642 C  CG  A GLU A 1 78 ? -13.544 1.536   -1.500  0.50 22.25 ? 95  GLU A CG  1 
ATOM   643 C  CG  B GLU A 1 78 ? -13.511 1.809   -1.707  0.50 23.97 ? 95  GLU A CG  1 
ATOM   644 C  CD  A GLU A 1 78 ? -13.810 0.175   -2.109  0.50 22.57 ? 95  GLU A CD  1 
ATOM   645 C  CD  B GLU A 1 78 ? -14.911 1.944   -1.138  0.50 26.28 ? 95  GLU A CD  1 
ATOM   646 O  OE1 A GLU A 1 78 ? -13.011 -0.271  -2.957  0.50 22.62 ? 95  GLU A OE1 1 
ATOM   647 O  OE1 B GLU A 1 78 ? -15.080 1.739   0.081   0.50 35.54 ? 95  GLU A OE1 1 
ATOM   648 O  OE2 A GLU A 1 78 ? -14.809 -0.445  -1.716  0.50 30.14 ? 95  GLU A OE2 1 
ATOM   649 O  OE2 B GLU A 1 78 ? -15.848 2.255   -1.911  0.50 30.96 ? 95  GLU A OE2 1 
ATOM   650 N  N   . HIS A 1 79 ? -10.687 3.512   2.017   1.00 13.22 ? 96  HIS A N   1 
ATOM   651 C  CA  . HIS A 1 79 ? -9.522  3.427   2.937   1.00 14.18 ? 96  HIS A CA  1 
ATOM   652 C  C   . HIS A 1 79 ? -9.505  2.242   3.869   1.00 13.76 ? 96  HIS A C   1 
ATOM   653 O  O   . HIS A 1 79 ? -8.452  1.624   4.035   1.00 14.27 ? 96  HIS A O   1 
ATOM   654 C  CB  . HIS A 1 79 ? -9.303  4.732   3.699   1.00 19.45 ? 96  HIS A CB  1 
ATOM   655 C  CG  . HIS A 1 79 ? -8.762  5.845   2.836   1.00 20.05 ? 96  HIS A CG  1 
ATOM   656 N  ND1 . HIS A 1 79 ? -8.214  6.965   3.346   1.00 19.49 ? 96  HIS A ND1 1 
ATOM   657 C  CD2 . HIS A 1 79 ? -8.630  5.936   1.453   1.00 15.43 ? 96  HIS A CD2 1 
ATOM   658 C  CE1 . HIS A 1 79 ? -7.785  7.751   2.336   1.00 25.81 ? 96  HIS A CE1 1 
ATOM   659 N  NE2 . HIS A 1 79 ? -8.048  7.122   1.177   1.00 18.34 ? 96  HIS A NE2 1 
ATOM   660 N  N   . ARG A 1 80 ? -10.642 1.881   4.465   1.00 16.21 ? 97  ARG A N   1 
ATOM   661 C  CA  . ARG A 1 80 ? -10.630 0.701   5.359   1.00 15.59 ? 97  ARG A CA  1 
ATOM   662 C  C   . ARG A 1 80 ? -10.243 -0.588  4.601   1.00 18.58 ? 97  ARG A C   1 
ATOM   663 O  O   . ARG A 1 80 ? -9.428  -1.373  5.100   1.00 15.71 ? 97  ARG A O   1 
ATOM   664 C  CB  . ARG A 1 80 ? -11.945 0.543   6.123   1.00 19.25 ? 97  ARG A CB  1 
ATOM   665 C  CG  . ARG A 1 80 ? -12.078 1.522   7.271   1.00 21.35 ? 97  ARG A CG  1 
ATOM   666 C  CD  . ARG A 1 80 ? -13.428 1.447   7.965   1.00 26.29 ? 97  ARG A CD  1 
ATOM   667 N  NE  . ARG A 1 80 ? -14.543 1.841   7.107   1.00 26.60 ? 97  ARG A NE  1 
ATOM   668 C  CZ  . ARG A 1 80 ? -15.835 1.800   7.457   1.00 41.45 ? 97  ARG A CZ  1 
ATOM   669 N  NH1 . ARG A 1 80 ? -16.220 1.383   8.673   1.00 36.15 ? 97  ARG A NH1 1 
ATOM   670 N  NH2 . ARG A 1 80 ? -16.764 2.188   6.579   1.00 40.25 ? 97  ARG A NH2 1 
ATOM   671 N  N   . LYS A 1 81 ? -10.790 -0.767  3.396   1.00 15.19 ? 98  LYS A N   1 
ATOM   672 C  CA  . LYS A 1 81 ? -10.434 -1.887  2.509   1.00 17.72 ? 98  LYS A CA  1 
ATOM   673 C  C   . LYS A 1 81 ? -8.948  -1.911  2.170   1.00 17.57 ? 98  LYS A C   1 
ATOM   674 O  O   . LYS A 1 81 ? -8.321  -2.956  2.222   1.00 16.33 ? 98  LYS A O   1 
ATOM   675 C  CB  . LYS A 1 81 ? -11.282 -1.862  1.217   1.00 18.54 ? 98  LYS A CB  1 
ATOM   676 C  CG  . LYS A 1 81 ? -10.973 -2.986  0.224   1.00 25.92 ? 98  LYS A CG  1 
ATOM   677 C  CD  . LYS A 1 81 ? -11.707 -2.815  -1.095  1.00 31.33 ? 98  LYS A CD  1 
ATOM   678 C  CE  . LYS A 1 81 ? -11.158 -3.774  -2.165  0.00 31.99 ? 98  LYS A CE  1 
ATOM   679 N  NZ  . LYS A 1 81 ? -11.846 -3.608  -3.475  0.00 32.07 ? 98  LYS A NZ  1 
ATOM   680 N  N   . ILE A 1 82 ? -8.395  -0.758  1.812   1.00 16.41 ? 99  ILE A N   1 
ATOM   681 C  CA  . ILE A 1 82 ? -6.961  -0.613  1.574   1.00 14.97 ? 99  ILE A CA  1 
ATOM   682 C  C   . ILE A 1 82 ? -6.103  -0.982  2.799   1.00 15.46 ? 99  ILE A C   1 
ATOM   683 O  O   . ILE A 1 82 ? -5.142  -1.749  2.686   1.00 16.08 ? 99  ILE A O   1 
ATOM   684 C  CB  . ILE A 1 82 ? -6.617  0.791   1.014   1.00 13.93 ? 99  ILE A CB  1 
ATOM   685 C  CG1 . ILE A 1 82 ? -7.180  0.936   -0.414  1.00 14.08 ? 99  ILE A CG1 1 
ATOM   686 C  CG2 . ILE A 1 82 ? -5.104  1.011   1.019   1.00 13.96 ? 99  ILE A CG2 1 
ATOM   687 C  CD1 . ILE A 1 82 ? -7.296  2.381   -0.874  1.00 11.50 ? 99  ILE A CD1 1 
ATOM   688 N  N   . TYR A 1 83 ? -6.475  -0.502  3.981   1.00 12.10 ? 100 TYR A N   1 
ATOM   689 C  CA  . TYR A 1 83 ? -5.731  -0.869  5.188   1.00 13.57 ? 100 TYR A CA  1 
ATOM   690 C  C   . TYR A 1 83 ? -5.739  -2.418  5.391   1.00 15.14 ? 100 TYR A C   1 
ATOM   691 O  O   . TYR A 1 83 ? -4.722  -3.010  5.760   1.00 15.46 ? 100 TYR A O   1 
ATOM   692 C  CB  . TYR A 1 83 ? -6.307  -0.160  6.407   1.00 14.47 ? 100 TYR A CB  1 
ATOM   693 C  CG  . TYR A 1 83 ? -5.744  1.203   6.626   1.00 14.01 ? 100 TYR A CG  1 
ATOM   694 C  CD1 . TYR A 1 83 ? -4.395  1.357   6.953   1.00 19.46 ? 100 TYR A CD1 1 
ATOM   695 C  CD2 . TYR A 1 83 ? -6.530  2.343   6.487   1.00 21.15 ? 100 TYR A CD2 1 
ATOM   696 C  CE1 . TYR A 1 83 ? -3.846  2.610   7.138   1.00 19.30 ? 100 TYR A CE1 1 
ATOM   697 C  CE2 . TYR A 1 83 ? -5.993  3.610   6.682   1.00 24.28 ? 100 TYR A CE2 1 
ATOM   698 C  CZ  . TYR A 1 83 ? -4.648  3.731   7.008   1.00 18.27 ? 100 TYR A CZ  1 
ATOM   699 O  OH  . TYR A 1 83 ? -4.098  4.963   7.212   1.00 29.67 ? 100 TYR A OH  1 
ATOM   700 N  N   . THR A 1 84 ? -6.884  -3.039  5.132   1.00 14.22 ? 101 THR A N   1 
ATOM   701 C  CA  . THR A 1 84 ? -7.063  -4.484  5.325   1.00 14.96 ? 101 THR A CA  1 
ATOM   702 C  C   . THR A 1 84 ? -6.175  -5.273  4.353   1.00 19.83 ? 101 THR A C   1 
ATOM   703 O  O   . THR A 1 84 ? -5.537  -6.263  4.736   1.00 18.67 ? 101 THR A O   1 
ATOM   704 C  CB  . THR A 1 84 ? -8.540  -4.885  5.180   1.00 14.44 ? 101 THR A CB  1 
ATOM   705 O  OG1 . THR A 1 84 ? -9.325  -4.305  6.243   1.00 11.15 ? 101 THR A OG1 1 
ATOM   706 C  CG2 . THR A 1 84 ? -8.697  -6.414  5.182   1.00 12.96 ? 101 THR A CG2 1 
ATOM   707 N  N   . MET A 1 85 ? -6.108  -4.813  3.104   1.00 16.56 ? 102 MET A N   1 
ATOM   708 C  CA  . MET A 1 85 ? -5.252  -5.436  2.101   1.00 17.07 ? 102 MET A CA  1 
ATOM   709 C  C   . MET A 1 85 ? -3.782  -5.258  2.472   1.00 19.63 ? 102 MET A C   1 
ATOM   710 O  O   . MET A 1 85 ? -2.999  -6.199  2.350   1.00 17.34 ? 102 MET A O   1 
ATOM   711 C  CB  . MET A 1 85 ? -5.543  -4.843  0.714   1.00 16.97 ? 102 MET A CB  1 
ATOM   712 C  CG  . MET A 1 85 ? -6.919  -5.270  0.219   1.00 18.38 ? 102 MET A CG  1 
ATOM   713 S  SD  . MET A 1 85 ? -7.218  -4.860  -1.484  1.00 18.07 ? 102 MET A SD  1 
ATOM   714 C  CE  . MET A 1 85 ? -7.107  -3.086  -1.435  1.00 19.15 ? 102 MET A CE  1 
ATOM   715 N  N   . ILE A 1 86 ? -3.418  -4.085  2.973   1.00 18.80 ? 103 ILE A N   1 
ATOM   716 C  CA  . ILE A 1 86 ? -2.050  -3.860  3.429   1.00 18.75 ? 103 ILE A CA  1 
ATOM   717 C  C   . ILE A 1 86 ? -1.730  -4.716  4.660   1.00 18.38 ? 103 ILE A C   1 
ATOM   718 O  O   . ILE A 1 86 ? -0.667  -5.323  4.725   1.00 17.24 ? 103 ILE A O   1 
ATOM   719 C  CB  . ILE A 1 86 ? -1.783  -2.376  3.734   1.00 16.12 ? 103 ILE A CB  1 
ATOM   720 C  CG1 . ILE A 1 86 ? -1.797  -1.541  2.450   1.00 18.66 ? 103 ILE A CG1 1 
ATOM   721 C  CG2 . ILE A 1 86 ? -0.438  -2.160  4.440   1.00 18.41 ? 103 ILE A CG2 1 
ATOM   722 C  CD1 . ILE A 1 86 ? -1.903  -0.046  2.719   1.00 18.56 ? 103 ILE A CD1 1 
ATOM   723 N  N   . TYR A 1 87 ? -2.654  -4.772  5.626   1.00 16.81 ? 104 TYR A N   1 
ATOM   724 C  CA  . TYR A 1 87 ? -2.422  -5.498  6.894   1.00 20.28 ? 104 TYR A CA  1 
ATOM   725 C  C   . TYR A 1 87 ? -2.058  -6.964  6.720   1.00 24.50 ? 104 TYR A C   1 
ATOM   726 O  O   . TYR A 1 87 ? -1.225  -7.489  7.457   1.00 22.80 ? 104 TYR A O   1 
ATOM   727 C  CB  . TYR A 1 87 ? -3.646  -5.417  7.824   1.00 18.20 ? 104 TYR A CB  1 
ATOM   728 C  CG  . TYR A 1 87 ? -3.639  -4.274  8.807   1.00 21.98 ? 104 TYR A CG  1 
ATOM   729 C  CD1 . TYR A 1 87 ? -2.706  -4.226  9.838   1.00 30.31 ? 104 TYR A CD1 1 
ATOM   730 C  CD2 . TYR A 1 87 ? -4.638  -3.290  8.784   1.00 32.20 ? 104 TYR A CD2 1 
ATOM   731 C  CE1 . TYR A 1 87 ? -2.706  -3.187  10.759  1.00 20.55 ? 104 TYR A CE1 1 
ATOM   732 C  CE2 . TYR A 1 87 ? -4.636  -2.246  9.699   1.00 29.72 ? 104 TYR A CE2 1 
ATOM   733 C  CZ  . TYR A 1 87 ? -3.650  -2.199  10.676  1.00 30.81 ? 104 TYR A CZ  1 
ATOM   734 O  OH  . TYR A 1 87 ? -3.642  -1.168  11.576  1.00 29.96 ? 104 TYR A OH  1 
ATOM   735 N  N   . ARG A 1 88 ? -2.703  -7.617  5.760   1.00 20.11 ? 105 ARG A N   1 
ATOM   736 C  CA  . ARG A 1 88 ? -2.426  -9.018  5.449   1.00 22.57 ? 105 ARG A CA  1 
ATOM   737 C  C   . ARG A 1 88 ? -1.032  -9.275  4.877   1.00 16.27 ? 105 ARG A C   1 
ATOM   738 O  O   . ARG A 1 88 ? -0.630  -10.425 4.759   1.00 19.76 ? 105 ARG A O   1 
ATOM   739 C  CB  . ARG A 1 88 ? -3.487  -9.529  4.485   1.00 25.43 ? 105 ARG A CB  1 
ATOM   740 C  CG  . ARG A 1 88 ? -4.859  -9.556  5.142   1.00 22.35 ? 105 ARG A CG  1 
ATOM   741 C  CD  . ARG A 1 88 ? -5.856  -10.343 4.317   1.00 26.92 ? 105 ARG A CD  1 
ATOM   742 N  NE  . ARG A 1 88 ? -7.226  -10.182 4.832   1.00 22.63 ? 105 ARG A NE  1 
ATOM   743 C  CZ  . ARG A 1 88 ? -8.301  -9.843  4.117   1.00 29.05 ? 105 ARG A CZ  1 
ATOM   744 N  NH1 . ARG A 1 88 ? -8.228  -9.610  2.805   1.00 33.73 ? 105 ARG A NH1 1 
ATOM   745 N  NH2 . ARG A 1 88 ? -9.482  -9.754  4.720   1.00 28.15 ? 105 ARG A NH2 1 
ATOM   746 N  N   . ASN A 1 89 ? -0.328  -8.204  4.498   1.00 14.84 ? 106 ASN A N   1 
ATOM   747 C  CA  . ASN A 1 89 ? 1.042   -8.263  3.998   1.00 15.89 ? 106 ASN A CA  1 
ATOM   748 C  C   . ASN A 1 89 ? 2.135   -7.795  4.997   1.00 17.36 ? 106 ASN A C   1 
ATOM   749 O  O   . ASN A 1 89 ? 3.259   -7.483  4.592   1.00 13.53 ? 106 ASN A O   1 
ATOM   750 C  CB  . ASN A 1 89 ? 1.098   -7.451  2.715   1.00 17.51 ? 106 ASN A CB  1 
ATOM   751 C  CG  . ASN A 1 89 ? 0.444   -8.186  1.569   1.00 21.91 ? 106 ASN A CG  1 
ATOM   752 O  OD1 . ASN A 1 89 ? 1.018   -9.136  1.051   1.00 19.70 ? 106 ASN A OD1 1 
ATOM   753 N  ND2 . ASN A 1 89 ? -0.779  -7.792  1.208   1.00 15.70 ? 106 ASN A ND2 1 
ATOM   754 N  N   . LEU A 1 90 ? 1.789   -7.740  6.281   1.00 18.32 ? 107 LEU A N   1 
ATOM   755 C  CA  . LEU A 1 90 ? 2.695   -7.246  7.314   1.00 19.07 ? 107 LEU A CA  1 
ATOM   756 C  C   . LEU A 1 90 ? 2.315   -7.793  8.663   1.00 15.38 ? 107 LEU A C   1 
ATOM   757 O  O   . LEU A 1 90 ? 1.242   -8.393  8.834   1.00 16.30 ? 107 LEU A O   1 
ATOM   758 C  CB  . LEU A 1 90 ? 2.715   -5.718  7.354   1.00 22.20 ? 107 LEU A CB  1 
ATOM   759 C  CG  . LEU A 1 90 ? 1.394   -4.941  7.576   1.00 15.44 ? 107 LEU A CG  1 
ATOM   760 C  CD1 . LEU A 1 90 ? 0.951   -4.947  9.044   1.00 15.35 ? 107 LEU A CD1 1 
ATOM   761 C  CD2 . LEU A 1 90 ? 1.552   -3.536  7.074   1.00 13.64 ? 107 LEU A CD2 1 
ATOM   762 N  N   . VAL A 1 91 ? 3.244   -7.620  9.604   1.00 14.88 ? 108 VAL A N   1 
ATOM   763 C  CA  . VAL A 1 91 ? 3.045   -7.972  11.001  1.00 17.40 ? 108 VAL A CA  1 
ATOM   764 C  C   . VAL A 1 91 ? 3.184   -6.693  11.829  1.00 19.12 ? 108 VAL A C   1 
ATOM   765 O  O   . VAL A 1 91 ? 4.186   -5.990  11.717  1.00 13.30 ? 108 VAL A O   1 
ATOM   766 C  CB  . VAL A 1 91 ? 4.104   -8.996  11.485  1.00 20.16 ? 108 VAL A CB  1 
ATOM   767 C  CG1 . VAL A 1 91 ? 3.917   -9.278  12.971  1.00 15.78 ? 108 VAL A CG1 1 
ATOM   768 C  CG2 . VAL A 1 91 ? 4.019   -10.304 10.690  1.00 18.51 ? 108 VAL A CG2 1 
ATOM   769 N  N   . VAL A 1 92 ? 2.209   -6.408  12.686  1.00 16.62 ? 109 VAL A N   1 
ATOM   770 C  CA  . VAL A 1 92 ? 2.294   -5.229  13.568  1.00 14.64 ? 109 VAL A CA  1 
ATOM   771 C  C   . VAL A 1 92 ? 3.237   -5.559  14.712  1.00 14.51 ? 109 VAL A C   1 
ATOM   772 O  O   . VAL A 1 92 ? 3.239   -6.689  15.237  1.00 16.60 ? 109 VAL A O   1 
ATOM   773 C  CB  . VAL A 1 92 ? 0.920   -4.779  14.119  1.00 12.71 ? 109 VAL A CB  1 
ATOM   774 C  CG1 . VAL A 1 92 ? 1.072   -3.568  15.038  1.00 13.18 ? 109 VAL A CG1 1 
ATOM   775 C  CG2 . VAL A 1 92 ? -0.018  -4.435  12.972  1.00 12.24 ? 109 VAL A CG2 1 
ATOM   776 N  N   . VAL A 1 93 ? 4.052   -4.567  15.068  1.00 14.04 ? 110 VAL A N   1 
ATOM   777 C  CA  . VAL A 1 93 ? 5.009   -4.677  16.163  1.00 19.44 ? 110 VAL A CA  1 
ATOM   778 C  C   . VAL A 1 93 ? 4.547   -3.702  17.297  1.00 24.86 ? 110 VAL A C   1 
ATOM   779 O  O   . VAL A 1 93 ? 4.350   -2.511  17.057  1.00 23.77 ? 110 VAL A O   1 
ATOM   780 C  CB  . VAL A 1 93 ? 6.443   -4.442  15.653  1.00 22.78 ? 110 VAL A CB  1 
ATOM   781 C  CG1 . VAL A 1 93 ? 6.805   -5.504  14.635  1.00 27.97 ? 110 VAL A CG1 1 
ATOM   782 C  CG2 . VAL A 1 93 ? 6.601   -3.097  14.989  1.00 24.58 ? 110 VAL A CG2 1 
ATOM   783 N  N   . ASN A 1 94 ? 4.331   -4.246  18.493  1.00 37.09 ? 111 ASN A N   1 
ATOM   784 C  CA  . ASN A 1 94 ? 3.612   -3.589  19.645  1.00 40.14 ? 111 ASN A CA  1 
ATOM   785 C  C   . ASN A 1 94 ? 2.587   -2.429  19.411  1.00 42.53 ? 111 ASN A C   1 
ATOM   786 O  O   . ASN A 1 94 ? 1.501   -2.586  18.825  1.00 23.34 ? 111 ASN A O   1 
ATOM   787 C  CB  . ASN A 1 94 ? 4.628   -3.209  20.724  1.00 52.25 ? 111 ASN A CB  1 
ATOM   788 C  CG  . ASN A 1 94 ? 5.283   -4.424  21.344  1.00 39.98 ? 111 ASN A CG  1 
ATOM   789 O  OD1 . ASN A 1 94 ? 5.888   -5.226  20.633  1.00 36.71 ? 111 ASN A OD1 1 
ATOM   790 N  ND2 . ASN A 1 94 ? 5.140   -4.587  22.659  1.00 53.62 ? 111 ASN A ND2 1 
ATOM   791 O  OXT . ASN A 1 94 ? 2.785   -1.285  19.835  1.00 25.63 ? 111 ASN A OXT 1 
HETATM 792 C  C4  . H28 B 2 .  ? -4.080  7.504   3.189   1.00 18.80 ? 201 H28 A C4  1 
HETATM 793 C  C5  . H28 B 2 .  ? -4.049  7.844   1.834   1.00 22.27 ? 201 H28 A C5  1 
HETATM 794 C  C6  . H28 B 2 .  ? -4.558  6.946   0.877   1.00 15.05 ? 201 H28 A C6  1 
HETATM 795 C  C7  . H28 B 2 .  ? -4.585  7.202   -0.633  1.00 14.65 ? 201 H28 A C7  1 
HETATM 796 C  C15 . H28 B 2 .  ? -3.896  8.797   -2.359  1.00 17.28 ? 201 H28 A C15 1 
HETATM 797 C  C20 . H28 B 2 .  ? -1.601  6.843   -5.940  1.00 17.06 ? 201 H28 A C20 1 
HETATM 798 C  C21 . H28 B 2 .  ? -3.011  6.280   -5.685  1.00 17.86 ? 201 H28 A C21 1 
HETATM 799 C  C22 . H28 B 2 .  ? -3.283  6.758   -1.344  1.00 18.64 ? 201 H28 A C22 1 
HETATM 800 C  C26 . H28 B 2 .  ? -1.906  4.936   -0.867  1.00 17.89 ? 201 H28 A C26 1 
HETATM 801 C  C28 . H28 B 2 .  ? -2.256  2.625   -1.439  1.00 15.66 ? 201 H28 A C28 1 
HETATM 802 CL CL1 . H28 B 2 .  ? -5.806  3.852   3.137   1.00 20.39 ? 201 H28 A CL1 1 
HETATM 803 C  C2  . H28 B 2 .  ? -5.132  5.401   2.680   1.00 18.74 ? 201 H28 A C2  1 
HETATM 804 C  C3  . H28 B 2 .  ? -4.621  6.300   3.603   1.00 17.17 ? 201 H28 A C3  1 
HETATM 805 C  C9  . H28 B 2 .  ? -4.749  8.673   -1.062  1.00 14.82 ? 201 H28 A C9  1 
HETATM 806 C  C11 . H28 B 2 .  ? -6.184  9.027   -1.452  1.00 16.96 ? 201 H28 A C11 1 
HETATM 807 O  O12 . H28 B 2 .  ? -7.152  9.031   -0.702  1.00 15.92 ? 201 H28 A O12 1 
HETATM 808 N  N13 . H28 B 2 .  ? -6.259  9.384   -2.744  1.00 14.17 ? 201 H28 A N13 1 
HETATM 809 C  C14 . H28 B 2 .  ? -4.952  9.284   -3.405  1.00 15.66 ? 201 H28 A C14 1 
HETATM 810 N  N17 . H28 B 2 .  ? -3.423  7.424   -2.661  1.00 14.87 ? 201 H28 A N17 1 
HETATM 811 C  C18 . H28 B 2 .  ? -2.194  7.403   -3.507  1.00 19.76 ? 201 H28 A C18 1 
HETATM 812 C  C19 . H28 B 2 .  ? -2.550  7.550   -4.988  1.00 22.82 ? 201 H28 A C19 1 
HETATM 813 C  C23 . H28 B 2 .  ? -2.016  7.194   -0.607  1.00 17.43 ? 201 H28 A C23 1 
HETATM 814 O  O24 . H28 B 2 .  ? -1.724  8.325   -0.296  1.00 20.44 ? 201 H28 A O24 1 
HETATM 815 N  N25 . H28 B 2 .  ? -1.288  6.088   -0.361  1.00 16.93 ? 201 H28 A N25 1 
HETATM 816 C  C27 . H28 B 2 .  ? -1.469  3.608   -0.852  1.00 14.09 ? 201 H28 A C27 1 
HETATM 817 CL CL9 . H28 B 2 .  ? -1.773  0.977   -1.452  1.00 20.01 ? 201 H28 A CL9 1 
HETATM 818 C  C30 . H28 B 2 .  ? -3.450  2.959   -2.056  1.00 14.45 ? 201 H28 A C30 1 
HETATM 819 C  C31 . H28 B 2 .  ? -3.894  4.271   -2.102  1.00 15.15 ? 201 H28 A C31 1 
HETATM 820 C  C32 . H28 B 2 .  ? -3.120  5.266   -1.489  1.00 15.72 ? 201 H28 A C32 1 
HETATM 821 C  C33 . H28 B 2 .  ? -5.089  5.726   1.325   1.00 15.80 ? 201 H28 A C33 1 
HETATM 822 F  F34 . H28 B 2 .  ? -5.600  4.824   0.463   1.00 17.54 ? 201 H28 A F34 1 
HETATM 823 C  C1  . GOL C 3 .  ? -8.042  9.693   5.991   1.00 68.33 ? 202 GOL A C1  1 
HETATM 824 O  O1  . GOL C 3 .  ? -9.464  9.536   6.120   1.00 62.73 ? 202 GOL A O1  1 
HETATM 825 C  C2  . GOL C 3 .  ? -7.367  8.464   6.586   1.00 49.50 ? 202 GOL A C2  1 
HETATM 826 O  O2  . GOL C 3 .  ? -7.768  7.299   5.872   1.00 49.02 ? 202 GOL A O2  1 
HETATM 827 C  C3  . GOL C 3 .  ? -5.857  8.510   6.524   1.00 42.24 ? 202 GOL A C3  1 
HETATM 828 O  O3  . GOL C 3 .  ? -5.353  7.351   7.210   1.00 37.98 ? 202 GOL A O3  1 
HETATM 829 S  S   A SO4 D 4 .  ? -14.155 1.715   3.174   0.50 33.89 ? 203 SO4 A S   1 
HETATM 830 S  S   B SO4 D 4 .  ? -13.413 4.224   4.214   0.50 52.42 ? 203 SO4 A S   1 
HETATM 831 O  O1  A SO4 D 4 .  ? -15.077 0.910   4.009   0.50 30.79 ? 203 SO4 A O1  1 
HETATM 832 O  O1  B SO4 D 4 .  ? -13.274 2.888   3.594   0.50 59.09 ? 203 SO4 A O1  1 
HETATM 833 O  O2  A SO4 D 4 .  ? -14.850 2.479   2.118   0.50 29.29 ? 203 SO4 A O2  1 
HETATM 834 O  O2  B SO4 D 4 .  ? -12.563 5.209   3.509   0.50 38.68 ? 203 SO4 A O2  1 
HETATM 835 O  O3  A SO4 D 4 .  ? -13.483 2.690   4.073   0.50 30.88 ? 203 SO4 A O3  1 
HETATM 836 O  O3  B SO4 D 4 .  ? -14.834 4.630   4.138   0.50 54.14 ? 203 SO4 A O3  1 
HETATM 837 O  O4  A SO4 D 4 .  ? -13.204 0.799   2.522   0.50 21.08 ? 203 SO4 A O4  1 
HETATM 838 O  O4  B SO4 D 4 .  ? -13.002 4.166   5.627   0.50 53.91 ? 203 SO4 A O4  1 
HETATM 839 S  S   . SO4 E 4 .  ? 7.960   11.697  9.696   0.50 41.26 ? 204 SO4 A S   1 
HETATM 840 O  O1  . SO4 E 4 .  ? 7.439   12.374  10.903  0.50 56.49 ? 204 SO4 A O1  1 
HETATM 841 O  O2  . SO4 E 4 .  ? 6.879   10.934  9.046   0.50 48.10 ? 204 SO4 A O2  1 
HETATM 842 O  O3  . SO4 E 4 .  ? 8.986   10.718  10.068  0.50 32.36 ? 204 SO4 A O3  1 
HETATM 843 O  O4  . SO4 E 4 .  ? 8.545   12.719  8.790   0.50 35.45 ? 204 SO4 A O4  1 
HETATM 844 O  O   . HOH F 5 .  ? -12.011 -0.621  -3.855  0.50 22.92 ? 301 HOH A O   1 
HETATM 845 O  O   . HOH F 5 .  ? 18.922  -3.941  1.319   1.00 41.52 ? 302 HOH A O   1 
HETATM 846 O  O   . HOH F 5 .  ? 13.783  5.211   2.735   1.00 44.21 ? 303 HOH A O   1 
HETATM 847 O  O   . HOH F 5 .  ? 11.377  0.630   1.796   1.00 42.00 ? 304 HOH A O   1 
HETATM 848 O  O   . HOH F 5 .  ? -12.054 -1.744  -8.956  1.00 40.82 ? 305 HOH A O   1 
HETATM 849 O  O   . HOH F 5 .  ? 14.241  -6.007  5.845   1.00 41.19 ? 306 HOH A O   1 
HETATM 850 O  O   . HOH F 5 .  ? -1.112  7.387   -12.463 1.00 44.63 ? 307 HOH A O   1 
HETATM 851 O  O   . HOH F 5 .  ? -4.229  -7.979  -16.572 1.00 37.80 ? 308 HOH A O   1 
HETATM 852 O  O   . HOH F 5 .  ? 8.389   2.807   -8.977  1.00 40.80 ? 309 HOH A O   1 
HETATM 853 O  O   . HOH F 5 .  ? -0.970  -14.018 7.504   1.00 41.27 ? 310 HOH A O   1 
HETATM 854 O  O   . HOH F 5 .  ? -4.830  7.721   9.815   1.00 36.71 ? 311 HOH A O   1 
HETATM 855 O  O   . HOH F 5 .  ? 12.716  -4.572  -4.966  1.00 40.89 ? 312 HOH A O   1 
HETATM 856 O  O   . HOH F 5 .  ? 6.555   8.012   9.828   1.00 37.27 ? 313 HOH A O   1 
HETATM 857 O  O   . HOH F 5 .  ? 0.235   9.136   20.028  1.00 51.91 ? 314 HOH A O   1 
HETATM 858 O  O   . HOH F 5 .  ? -8.255  10.845  -3.926  1.00 32.75 ? 315 HOH A O   1 
HETATM 859 O  O   . HOH F 5 .  ? -2.295  -1.307  -14.548 1.00 38.35 ? 316 HOH A O   1 
HETATM 860 O  O   . HOH F 5 .  ? -12.160 7.010   5.568   1.00 41.35 ? 317 HOH A O   1 
HETATM 861 O  O   . HOH F 5 .  ? 0.152   10.791  10.229  1.00 44.78 ? 318 HOH A O   1 
HETATM 862 O  O   . HOH F 5 .  ? 2.721   -0.192  16.563  1.00 26.88 ? 319 HOH A O   1 
HETATM 863 O  O   . HOH F 5 .  ? 0.772   9.552   -0.007  1.00 29.44 ? 320 HOH A O   1 
HETATM 864 O  O   . HOH F 5 .  ? 3.779   -9.557  1.312   1.00 25.37 ? 321 HOH A O   1 
HETATM 865 O  O   . HOH F 5 .  ? -8.234  -9.090  -1.370  1.00 42.14 ? 322 HOH A O   1 
HETATM 866 O  O   . HOH F 5 .  ? 5.140   -11.942 1.129   1.00 29.96 ? 323 HOH A O   1 
HETATM 867 O  O   . HOH F 5 .  ? -6.154  11.935  -6.118  1.00 52.58 ? 324 HOH A O   1 
HETATM 868 O  O   . HOH F 5 .  ? -0.129  -8.085  12.924  1.00 45.88 ? 325 HOH A O   1 
HETATM 869 O  O   . HOH F 5 .  ? 6.930   -9.656  8.898   1.00 41.22 ? 326 HOH A O   1 
HETATM 870 O  O   . HOH F 5 .  ? 11.843  -9.238  0.013   1.00 39.09 ? 327 HOH A O   1 
HETATM 871 O  O   . HOH F 5 .  ? 19.224  0.545   4.007   1.00 38.43 ? 328 HOH A O   1 
HETATM 872 O  O   . HOH F 5 .  ? -11.716 -5.261  -7.659  1.00 47.23 ? 329 HOH A O   1 
HETATM 873 O  O   . HOH F 5 .  ? -6.370  9.082   16.461  1.00 29.81 ? 330 HOH A O   1 
HETATM 874 O  O   . HOH F 5 .  ? 2.419   8.784   -1.927  1.00 27.75 ? 331 HOH A O   1 
HETATM 875 O  O   . HOH F 5 .  ? -3.041  -10.365 -15.371 1.00 42.66 ? 332 HOH A O   1 
HETATM 876 O  O   . HOH F 5 .  ? -10.507 -4.813  -12.714 1.00 49.46 ? 333 HOH A O   1 
HETATM 877 O  O   . HOH F 5 .  ? 4.778   0.152   21.573  1.00 44.04 ? 334 HOH A O   1 
HETATM 878 O  O   . HOH F 5 .  ? -1.867  -8.138  10.340  1.00 46.64 ? 335 HOH A O   1 
HETATM 879 O  O   . HOH F 5 .  ? 11.424  10.582  11.868  1.00 49.40 ? 336 HOH A O   1 
HETATM 880 O  O   . HOH F 5 .  ? 5.373   -5.435  -11.113 0.50 24.04 ? 337 HOH A O   1 
HETATM 881 O  O   . HOH F 5 .  ? 3.618   -8.269  -13.370 1.00 49.35 ? 338 HOH A O   1 
HETATM 882 O  O   . HOH F 5 .  ? -14.090 3.064   12.494  1.00 42.46 ? 339 HOH A O   1 
HETATM 883 O  O   . HOH F 5 .  ? -4.270  -3.318  -15.439 1.00 40.59 ? 340 HOH A O   1 
HETATM 884 O  O   . HOH F 5 .  ? -0.129  -0.248  -16.162 1.00 35.83 ? 341 HOH A O   1 
HETATM 885 O  O   . HOH F 5 .  ? 10.222  -6.311  -8.355  1.00 45.90 ? 342 HOH A O   1 
HETATM 886 O  O   . HOH F 5 .  ? -12.139 -3.929  4.697   0.50 22.47 ? 343 HOH A O   1 
HETATM 887 O  O   . HOH F 5 .  ? -12.915 -1.048  -14.970 1.00 43.38 ? 344 HOH A O   1 
HETATM 888 O  O   . HOH F 5 .  ? -19.738 1.141   8.789   1.00 44.90 ? 345 HOH A O   1 
HETATM 889 O  O   . HOH F 5 .  ? 1.089   9.820   -4.137  0.50 30.64 ? 346 HOH A O   1 
HETATM 890 O  O   . HOH F 5 .  ? -13.190 -10.615 3.922   1.00 56.57 ? 347 HOH A O   1 
# 
